data_5Y57
#
_entry.id   5Y57
#
_cell.length_a   168.453
_cell.length_b   168.453
_cell.length_c   123.593
_cell.angle_alpha   90.00
_cell.angle_beta   90.00
_cell.angle_gamma   90.00
#
_symmetry.space_group_name_H-M   'P 42 21 2'
#
loop_
_entity.id
_entity.type
_entity.pdbx_description
1 polymer 'Pyrethroid hydrolase'
2 non-polymer 'phenylmethanesulfonic acid'
3 non-polymer 'SULFATE ION'
4 water water
#
_entity_poly.entity_id   1
_entity_poly.type   'polypeptide(L)'
_entity_poly.pdbx_seq_one_letter_code
;(MSE)TVTDIILIHGALNRGACYDAVVPLLEARGYRVHAPDLTGHTPGDGGHLSVVD(MSE)EHYTRPVADILARAEGQS
ILLGHSLGGASISWLAQHHPDKVAGLIYLTAVLTAPGVTPETFVLPGEPNRGTPHALDLIQPVDEGRGLQADFSRLERLR
EVF(MSE)GDYPGEG(MSE)PPAEHFIQTQSTVPFGTPNP(MSE)EGRALEIPRLYIEALDDVVLPIAVQRQ(MSE)QKE
FPGPVAVVSLPASHAPYYS(MSE)PERLAEAIADFADAPAEYRQTATKAGPDRPAGADGGRADRADLPLEHHHHHH
;
_entity_poly.pdbx_strand_id   A,B,C,D,E,F
#
# COMPACT_ATOMS: atom_id res chain seq x y z
N THR A 2 -4.34 29.79 8.80
CA THR A 2 -4.05 28.59 8.02
C THR A 2 -2.62 28.13 8.29
N VAL A 3 -1.69 29.09 8.45
CA VAL A 3 -0.30 28.79 8.76
C VAL A 3 -0.05 29.07 10.23
N THR A 4 0.18 27.99 11.00
CA THR A 4 0.39 28.05 12.45
C THR A 4 1.82 27.80 12.88
N ASP A 5 2.64 27.18 12.03
CA ASP A 5 3.97 26.77 12.43
C ASP A 5 4.99 27.26 11.43
N ILE A 6 6.19 27.57 11.93
CA ILE A 6 7.34 27.91 11.10
C ILE A 6 8.51 27.07 11.60
N ILE A 7 9.19 26.40 10.67
CA ILE A 7 10.22 25.41 10.98
C ILE A 7 11.50 25.81 10.27
N LEU A 8 12.50 26.25 11.05
CA LEU A 8 13.79 26.69 10.54
C LEU A 8 14.77 25.52 10.62
N ILE A 9 15.45 25.24 9.52
CA ILE A 9 16.33 24.09 9.41
C ILE A 9 17.75 24.54 9.12
N HIS A 10 18.68 24.08 9.95
CA HIS A 10 20.08 24.46 9.86
C HIS A 10 20.76 23.83 8.62
N GLY A 11 21.91 24.38 8.28
CA GLY A 11 22.74 23.85 7.22
C GLY A 11 23.80 22.88 7.76
N ALA A 12 24.77 22.55 6.90
CA ALA A 12 25.78 21.56 7.27
C ALA A 12 26.63 22.00 8.47
N LEU A 13 26.96 21.04 9.31
CA LEU A 13 27.80 21.23 10.50
C LEU A 13 27.17 22.17 11.55
N ASN A 14 25.92 22.58 11.39
CA ASN A 14 25.26 23.48 12.32
C ASN A 14 24.17 22.75 13.10
N ARG A 15 23.58 23.44 14.07
CA ARG A 15 22.46 22.91 14.85
C ARG A 15 21.34 23.94 14.90
N GLY A 16 20.13 23.45 15.21
CA GLY A 16 18.94 24.27 15.42
C GLY A 16 19.18 25.63 16.04
N ALA A 17 20.03 25.67 17.05
CA ALA A 17 20.26 26.86 17.85
C ALA A 17 20.93 27.99 17.10
N CYS A 18 21.43 27.76 15.89
CA CYS A 18 21.99 28.89 15.17
C CYS A 18 20.92 29.95 14.95
N TYR A 19 19.65 29.58 15.05
CA TYR A 19 18.53 30.50 14.79
C TYR A 19 18.03 31.23 16.04
N ASP A 20 18.80 31.23 17.15
CA ASP A 20 18.30 31.76 18.42
C ASP A 20 17.89 33.22 18.31
N ALA A 21 18.61 34.02 17.50
CA ALA A 21 18.26 35.43 17.37
C ALA A 21 16.94 35.66 16.66
N VAL A 22 16.43 34.65 15.97
CA VAL A 22 15.31 34.81 15.05
C VAL A 22 14.05 34.25 15.67
N VAL A 23 14.19 33.17 16.44
CA VAL A 23 13.02 32.47 16.99
C VAL A 23 12.11 33.41 17.79
N PRO A 24 12.59 34.15 18.79
CA PRO A 24 11.71 35.11 19.47
C PRO A 24 11.10 36.15 18.54
N LEU A 25 11.79 36.54 17.47
CA LEU A 25 11.24 37.58 16.59
C LEU A 25 10.02 37.07 15.81
N LEU A 26 10.03 35.79 15.42
CA LEU A 26 8.91 35.20 14.72
C LEU A 26 7.80 34.72 15.65
N GLU A 27 8.07 34.51 16.94
CA GLU A 27 6.98 34.20 17.85
C GLU A 27 6.15 35.43 18.18
N ALA A 28 6.78 36.61 18.14
CA ALA A 28 6.04 37.86 18.33
C ALA A 28 5.03 38.09 17.21
N ARG A 29 5.39 37.71 15.96
CA ARG A 29 4.48 37.75 14.82
C ARG A 29 3.38 36.74 14.92
N GLY A 30 3.26 36.00 16.03
CA GLY A 30 2.13 35.12 16.23
C GLY A 30 2.32 33.67 15.84
N TYR A 31 3.54 33.24 15.51
CA TYR A 31 3.73 31.87 15.06
C TYR A 31 4.35 30.98 16.14
N ARG A 32 3.98 29.71 16.10
CA ARG A 32 4.76 28.70 16.79
C ARG A 32 5.98 28.41 15.94
N VAL A 33 7.16 28.45 16.55
CA VAL A 33 8.42 28.40 15.81
C VAL A 33 9.24 27.21 16.29
N HIS A 34 9.81 26.47 15.34
CA HIS A 34 10.64 25.30 15.60
C HIS A 34 11.99 25.48 14.92
N ALA A 35 13.05 25.01 15.57
CA ALA A 35 14.40 25.00 15.00
C ALA A 35 15.07 23.70 15.43
N PRO A 36 14.63 22.58 14.89
CA PRO A 36 15.06 21.28 15.38
C PRO A 36 16.44 20.91 14.87
N ASP A 37 17.11 20.07 15.65
CA ASP A 37 18.31 19.39 15.16
C ASP A 37 17.89 18.30 14.18
N LEU A 38 18.51 18.26 13.01
CA LEU A 38 18.26 17.10 12.16
C LEU A 38 18.98 15.89 12.74
N THR A 39 18.59 14.71 12.28
CA THR A 39 19.28 13.49 12.69
C THR A 39 20.80 13.66 12.60
N GLY A 40 21.50 13.28 13.66
CA GLY A 40 22.95 13.32 13.69
C GLY A 40 23.53 14.62 14.19
N HIS A 41 22.70 15.63 14.44
CA HIS A 41 23.18 16.96 14.80
C HIS A 41 23.00 17.24 16.28
N THR A 42 22.93 16.20 17.11
CA THR A 42 22.71 16.38 18.54
C THR A 42 23.75 15.52 19.25
N PRO A 43 24.73 16.14 19.91
CA PRO A 43 25.79 15.34 20.56
C PRO A 43 25.22 14.17 21.35
N GLY A 44 25.81 13.01 21.13
CA GLY A 44 25.35 11.78 21.75
C GLY A 44 24.32 11.00 20.97
N ASP A 45 23.89 11.46 19.79
CA ASP A 45 22.92 10.70 19.00
C ASP A 45 23.58 9.80 17.98
N GLY A 46 24.89 9.85 17.85
CA GLY A 46 25.61 8.97 16.95
C GLY A 46 26.34 9.68 15.85
N GLY A 47 26.05 10.95 15.58
CA GLY A 47 26.76 11.67 14.56
C GLY A 47 26.49 11.17 13.15
N HIS A 48 27.43 11.51 12.26
CA HIS A 48 27.21 11.39 10.82
C HIS A 48 26.87 9.97 10.40
N LEU A 49 27.51 8.96 11.02
CA LEU A 49 27.30 7.60 10.53
C LEU A 49 25.92 7.06 10.87
N SER A 50 25.21 7.67 11.80
CA SER A 50 23.87 7.22 12.14
C SER A 50 22.86 7.52 11.03
N VAL A 51 23.14 8.49 10.16
CA VAL A 51 22.13 8.93 9.20
C VAL A 51 22.03 7.91 8.07
N VAL A 52 20.94 7.13 8.06
CA VAL A 52 20.72 6.17 6.99
C VAL A 52 20.42 6.86 5.66
N ASP A 53 19.33 7.62 5.58
CA ASP A 53 18.93 8.26 4.32
C ASP A 53 18.20 9.56 4.63
N GLU A 55 14.83 10.40 4.49
CA GLU A 55 13.70 10.16 5.37
C GLU A 55 14.17 10.09 6.82
N HIS A 56 15.30 9.41 7.05
CA HIS A 56 15.84 9.32 8.39
C HIS A 56 16.38 10.67 8.84
N TYR A 57 17.16 11.32 7.98
CA TYR A 57 17.77 12.61 8.29
C TYR A 57 16.71 13.64 8.69
N THR A 58 15.64 13.71 7.94
CA THR A 58 14.65 14.77 8.13
C THR A 58 13.55 14.42 9.11
N ARG A 59 13.66 13.26 9.78
CA ARG A 59 12.54 12.80 10.60
C ARG A 59 12.14 13.82 11.66
N PRO A 60 13.05 14.50 12.36
CA PRO A 60 12.59 15.43 13.40
C PRO A 60 11.65 16.49 12.87
N VAL A 61 11.76 16.85 11.60
CA VAL A 61 10.85 17.85 11.04
C VAL A 61 9.50 17.22 10.72
N ALA A 62 9.51 16.04 10.10
CA ALA A 62 8.28 15.32 9.85
C ALA A 62 7.51 15.06 11.15
N ASP A 63 8.25 14.76 12.23
CA ASP A 63 7.62 14.63 13.54
C ASP A 63 6.88 15.92 13.92
N ILE A 64 7.55 17.07 13.79
CA ILE A 64 6.94 18.36 14.10
C ILE A 64 5.71 18.59 13.21
N LEU A 65 5.87 18.36 11.90
CA LEU A 65 4.77 18.61 10.95
C LEU A 65 3.56 17.73 11.25
N ALA A 66 3.81 16.51 11.73
CA ALA A 66 2.73 15.64 12.16
C ALA A 66 1.85 16.29 13.21
N ARG A 67 2.44 17.01 14.16
CA ARG A 67 1.68 17.54 15.29
C ARG A 67 1.30 19.01 15.14
N ALA A 68 1.69 19.65 14.03
CA ALA A 68 1.26 21.01 13.78
C ALA A 68 -0.26 21.10 13.68
N GLU A 69 -0.83 22.12 14.34
CA GLU A 69 -2.29 22.30 14.30
C GLU A 69 -2.76 22.62 12.87
N GLY A 70 -2.07 23.53 12.18
CA GLY A 70 -2.39 23.90 10.81
C GLY A 70 -1.24 23.66 9.85
N GLN A 71 -0.97 24.62 8.97
CA GLN A 71 0.05 24.50 7.92
C GLN A 71 1.35 25.14 8.37
N SER A 72 2.47 24.67 7.80
CA SER A 72 3.80 25.09 8.21
C SER A 72 4.59 25.73 7.05
N ILE A 73 5.54 26.58 7.44
CA ILE A 73 6.53 27.15 6.54
C ILE A 73 7.87 26.47 6.82
N LEU A 74 8.53 25.98 5.78
CA LEU A 74 9.84 25.35 5.94
C LEU A 74 10.88 26.30 5.37
N LEU A 75 11.83 26.69 6.22
CA LEU A 75 13.01 27.41 5.79
C LEU A 75 14.21 26.49 5.90
N GLY A 76 15.01 26.46 4.87
CA GLY A 76 16.28 25.77 4.88
C GLY A 76 17.39 26.78 4.68
N HIS A 77 18.49 26.60 5.41
CA HIS A 77 19.68 27.43 5.20
C HIS A 77 20.79 26.57 4.59
N SER A 78 21.50 27.12 3.61
N SER A 78 21.54 27.11 3.64
CA SER A 78 22.69 26.47 3.05
CA SER A 78 22.71 26.41 3.11
C SER A 78 22.25 25.08 2.58
C SER A 78 22.22 25.07 2.60
N LEU A 79 22.84 24.00 3.08
CA LEU A 79 22.45 22.65 2.69
C LEU A 79 21.07 22.27 3.19
N GLY A 80 20.48 23.08 4.06
CA GLY A 80 19.16 22.80 4.58
C GLY A 80 18.10 22.77 3.51
N GLY A 81 18.32 23.44 2.38
CA GLY A 81 17.32 23.42 1.32
C GLY A 81 17.12 22.05 0.70
N ALA A 82 18.15 21.17 0.77
CA ALA A 82 17.96 19.78 0.35
C ALA A 82 16.92 19.07 1.20
N SER A 83 16.86 19.40 2.49
CA SER A 83 15.85 18.81 3.35
C SER A 83 14.46 19.40 3.08
N ILE A 84 14.35 20.71 2.88
CA ILE A 84 12.98 21.24 2.78
C ILE A 84 12.35 20.81 1.46
N SER A 85 13.18 20.59 0.42
CA SER A 85 12.62 20.10 -0.84
C SER A 85 12.25 18.63 -0.73
N TRP A 86 13.06 17.84 -0.01
CA TRP A 86 12.65 16.45 0.23
C TRP A 86 11.36 16.38 1.05
N LEU A 87 11.28 17.14 2.13
CA LEU A 87 10.06 17.17 2.96
C LEU A 87 8.84 17.65 2.18
N ALA A 88 9.01 18.68 1.36
CA ALA A 88 7.89 19.20 0.59
C ALA A 88 7.23 18.09 -0.19
N GLN A 89 8.03 17.22 -0.81
CA GLN A 89 7.49 16.21 -1.71
C GLN A 89 6.76 15.14 -0.93
N HIS A 90 7.20 14.85 0.30
CA HIS A 90 6.56 13.82 1.08
C HIS A 90 5.47 14.35 2.02
N HIS A 91 5.46 15.65 2.33
CA HIS A 91 4.40 16.22 3.17
C HIS A 91 3.77 17.46 2.53
N PRO A 92 3.44 17.41 1.24
CA PRO A 92 2.88 18.60 0.61
C PRO A 92 1.53 18.97 1.19
N ASP A 93 0.90 18.05 1.90
CA ASP A 93 -0.37 18.29 2.56
C ASP A 93 -0.21 19.09 3.84
N LYS A 94 1.03 19.21 4.34
CA LYS A 94 1.30 19.95 5.57
C LYS A 94 2.11 21.22 5.36
N VAL A 95 2.65 21.45 4.17
CA VAL A 95 3.53 22.58 3.93
C VAL A 95 2.81 23.61 3.08
N ALA A 96 2.89 24.87 3.50
CA ALA A 96 2.24 25.98 2.82
C ALA A 96 3.23 26.93 2.17
N GLY A 97 4.53 26.72 2.33
CA GLY A 97 5.54 27.62 1.82
C GLY A 97 6.93 27.06 2.04
N LEU A 98 7.84 27.43 1.15
CA LEU A 98 9.24 26.99 1.18
C LEU A 98 10.16 28.20 1.12
N ILE A 99 11.05 28.34 2.09
CA ILE A 99 12.00 29.44 2.10
C ILE A 99 13.42 28.88 1.97
N TYR A 100 14.08 29.27 0.91
CA TYR A 100 15.48 28.92 0.66
C TYR A 100 16.36 30.12 1.02
N LEU A 101 17.01 30.04 2.17
CA LEU A 101 17.85 31.11 2.67
C LEU A 101 19.32 30.83 2.33
N THR A 102 19.86 31.56 1.35
CA THR A 102 21.10 31.24 0.64
C THR A 102 21.34 29.74 0.69
N ALA A 103 20.37 29.02 0.14
CA ALA A 103 20.23 27.60 0.33
C ALA A 103 20.31 26.90 -1.01
N VAL A 104 20.52 25.59 -0.96
CA VAL A 104 20.63 24.77 -2.16
C VAL A 104 19.22 24.52 -2.69
N LEU A 105 18.91 25.13 -3.83
CA LEU A 105 17.67 24.94 -4.56
C LEU A 105 18.03 24.15 -5.81
N THR A 106 17.61 22.90 -5.88
CA THR A 106 17.95 22.08 -7.03
C THR A 106 16.67 21.66 -7.73
N ALA A 107 16.74 21.65 -9.06
CA ALA A 107 15.63 21.20 -9.87
C ALA A 107 15.35 19.73 -9.55
N PRO A 108 14.11 19.29 -9.73
CA PRO A 108 13.80 17.87 -9.53
C PRO A 108 14.80 16.94 -10.21
N GLY A 109 15.25 15.93 -9.50
CA GLY A 109 16.23 15.02 -10.07
C GLY A 109 17.65 15.54 -10.07
N VAL A 110 17.90 16.72 -9.53
CA VAL A 110 19.25 17.28 -9.43
C VAL A 110 19.74 17.17 -8.00
N THR A 111 21.09 16.82 -7.81
CA THR A 111 21.61 16.75 -6.47
C THR A 111 22.34 18.04 -6.11
N PRO A 112 22.42 18.38 -4.83
CA PRO A 112 23.20 19.56 -4.44
C PRO A 112 24.65 19.51 -4.90
N GLU A 113 25.20 18.31 -5.13
CA GLU A 113 26.56 18.19 -5.65
C GLU A 113 26.77 19.04 -6.89
N THR A 114 25.74 19.16 -7.73
CA THR A 114 25.84 19.88 -8.99
C THR A 114 26.36 21.29 -8.76
N PHE A 115 25.87 21.97 -7.72
CA PHE A 115 26.24 23.36 -7.53
C PHE A 115 27.38 23.57 -6.54
N VAL A 116 27.77 22.55 -5.78
CA VAL A 116 28.92 22.66 -4.88
C VAL A 116 30.22 22.41 -5.64
N LEU A 117 30.22 21.43 -6.51
CA LEU A 117 31.39 21.06 -7.29
C LEU A 117 31.62 22.05 -8.43
N PRO A 118 32.84 22.11 -8.95
CA PRO A 118 33.10 23.02 -10.08
C PRO A 118 32.28 22.62 -11.29
N GLY A 119 32.01 23.60 -12.15
CA GLY A 119 31.16 23.35 -13.29
C GLY A 119 30.71 24.65 -13.94
N GLU A 120 29.87 24.48 -14.96
CA GLU A 120 29.35 25.61 -15.78
C GLU A 120 27.89 25.43 -16.12
N PRO A 121 27.17 26.56 -16.21
CA PRO A 121 27.63 27.89 -15.80
C PRO A 121 27.38 28.14 -14.29
N ASN A 122 28.17 29.03 -13.69
CA ASN A 122 27.97 29.52 -12.33
C ASN A 122 27.71 28.39 -11.35
N ARG A 123 28.62 27.42 -11.34
CA ARG A 123 28.58 26.29 -10.41
C ARG A 123 29.87 26.24 -9.60
N GLY A 124 29.77 25.86 -8.33
CA GLY A 124 30.93 25.73 -7.46
C GLY A 124 30.86 26.46 -6.12
N THR A 125 31.27 25.80 -5.04
CA THR A 125 31.44 26.49 -3.77
C THR A 125 32.84 26.20 -3.24
N PRO A 126 33.89 26.77 -3.90
CA PRO A 126 35.27 26.34 -3.64
C PRO A 126 35.84 26.81 -2.31
N HIS A 127 35.37 27.95 -1.79
CA HIS A 127 35.72 28.30 -0.41
C HIS A 127 35.30 27.19 0.55
N ALA A 128 34.09 26.65 0.37
CA ALA A 128 33.61 25.62 1.30
C ALA A 128 34.40 24.33 1.12
N LEU A 129 34.61 23.92 -0.13
CA LEU A 129 35.32 22.67 -0.37
C LEU A 129 36.73 22.71 0.17
N ASP A 130 37.33 23.91 0.15
CA ASP A 130 38.67 24.12 0.67
C ASP A 130 38.75 23.93 2.19
N LEU A 131 37.78 24.46 2.93
CA LEU A 131 37.81 24.51 4.38
C LEU A 131 37.09 23.37 5.05
N ILE A 132 36.25 22.67 4.30
CA ILE A 132 35.52 21.49 4.75
C ILE A 132 36.21 20.29 4.11
N GLN A 133 36.51 19.26 4.91
CA GLN A 133 37.32 18.15 4.45
C GLN A 133 36.65 16.81 4.70
N PRO A 134 36.88 15.84 3.82
CA PRO A 134 36.31 14.51 4.04
C PRO A 134 36.97 13.82 5.22
N VAL A 135 36.21 12.96 5.89
CA VAL A 135 36.70 12.07 6.94
C VAL A 135 35.94 10.75 6.85
N ASP A 136 36.39 9.78 7.65
CA ASP A 136 35.80 8.45 7.74
C ASP A 136 35.65 7.81 6.37
N GLU A 137 36.78 7.69 5.67
CA GLU A 137 36.81 7.10 4.34
C GLU A 137 35.79 7.74 3.41
N GLY A 138 35.58 9.05 3.60
CA GLY A 138 34.71 9.82 2.74
C GLY A 138 33.27 9.96 3.19
N ARG A 139 32.86 9.32 4.28
CA ARG A 139 31.47 9.39 4.70
C ARG A 139 31.20 10.48 5.73
N GLY A 140 32.20 11.30 6.05
CA GLY A 140 31.98 12.45 6.89
C GLY A 140 32.68 13.68 6.34
N LEU A 141 32.09 14.84 6.60
CA LEU A 141 32.75 16.10 6.33
C LEU A 141 33.00 16.79 7.65
N GLN A 142 34.14 17.46 7.75
CA GLN A 142 34.50 18.13 8.99
C GLN A 142 35.38 19.32 8.64
N ALA A 143 35.27 20.40 9.41
CA ALA A 143 35.98 21.62 9.06
C ALA A 143 37.49 21.51 9.30
N ASP A 144 38.23 22.36 8.60
CA ASP A 144 39.70 22.38 8.73
C ASP A 144 40.08 23.29 9.89
N PHE A 145 40.19 22.70 11.08
CA PHE A 145 40.48 23.51 12.26
C PHE A 145 41.92 23.96 12.35
N SER A 146 42.79 23.62 11.39
CA SER A 146 44.07 24.31 11.31
C SER A 146 43.90 25.77 10.87
N ARG A 147 42.81 26.15 10.24
CA ARG A 147 42.64 27.51 9.75
C ARG A 147 41.40 28.15 10.38
N LEU A 148 41.46 28.41 11.70
CA LEU A 148 40.29 28.89 12.44
C LEU A 148 39.87 30.30 12.03
N GLU A 149 40.81 31.24 11.94
CA GLU A 149 40.42 32.57 11.49
C GLU A 149 39.85 32.55 10.07
N ARG A 150 40.45 31.77 9.17
CA ARG A 150 39.85 31.62 7.86
C ARG A 150 38.44 31.03 7.95
N LEU A 151 38.24 30.07 8.83
CA LEU A 151 36.91 29.50 9.04
C LEU A 151 35.91 30.57 9.47
N ARG A 152 36.35 31.49 10.33
CA ARG A 152 35.45 32.48 10.90
C ARG A 152 35.06 33.54 9.86
N GLU A 153 36.04 34.04 9.11
CA GLU A 153 35.71 35.10 8.16
C GLU A 153 34.87 34.58 7.01
N VAL A 154 34.98 33.30 6.68
CA VAL A 154 34.25 32.74 5.55
C VAL A 154 32.83 32.34 5.95
N PHE A 155 32.69 31.67 7.10
CA PHE A 155 31.41 31.10 7.51
C PHE A 155 30.64 31.93 8.54
N GLY A 157 31.23 35.43 9.66
CA GLY A 157 31.60 36.83 9.73
C GLY A 157 30.41 37.74 10.01
N ASP A 158 29.20 37.23 9.85
CA ASP A 158 28.05 38.03 10.22
C ASP A 158 27.92 38.17 11.74
N TYR A 159 28.55 37.25 12.51
CA TYR A 159 28.37 37.27 13.96
C TYR A 159 29.06 38.51 14.52
N PRO A 160 28.39 39.30 15.35
CA PRO A 160 29.08 40.45 15.97
C PRO A 160 30.06 40.03 17.07
N GLY A 161 31.35 39.98 16.73
CA GLY A 161 32.42 39.55 17.65
C GLY A 161 33.53 38.70 17.03
N PRO A 165 30.56 32.57 17.58
CA PRO A 165 29.29 31.96 18.05
C PRO A 165 29.53 30.86 19.07
N PRO A 166 28.47 30.43 19.77
CA PRO A 166 28.63 29.42 20.83
C PRO A 166 28.65 27.99 20.29
N ALA A 167 29.13 27.09 21.16
CA ALA A 167 29.38 25.72 20.74
C ALA A 167 28.11 24.97 20.43
N GLU A 168 27.01 25.36 21.08
CA GLU A 168 25.68 24.82 20.81
C GLU A 168 25.22 25.01 19.37
N HIS A 169 25.89 25.89 18.61
CA HIS A 169 25.47 26.15 17.24
C HIS A 169 25.99 25.12 16.22
N PHE A 170 26.91 24.23 16.64
CA PHE A 170 27.73 23.43 15.72
C PHE A 170 27.82 21.99 16.16
N ILE A 171 28.07 21.11 15.18
CA ILE A 171 28.55 19.76 15.43
C ILE A 171 29.90 19.57 14.71
N GLN A 172 30.56 18.46 15.04
CA GLN A 172 31.91 18.21 14.55
C GLN A 172 31.93 17.58 13.17
N THR A 173 31.03 16.63 12.89
CA THR A 173 31.07 15.90 11.62
C THR A 173 29.68 15.81 10.99
N GLN A 174 29.63 15.98 9.68
CA GLN A 174 28.41 16.06 8.89
C GLN A 174 28.27 14.83 8.01
N SER A 175 27.06 14.31 7.90
CA SER A 175 26.78 13.21 6.98
C SER A 175 26.76 13.69 5.54
N THR A 176 27.32 12.88 4.63
CA THR A 176 27.31 13.26 3.22
C THR A 176 26.00 12.93 2.53
N VAL A 177 25.05 12.35 3.27
CA VAL A 177 23.77 11.93 2.69
C VAL A 177 23.02 13.06 1.98
N PRO A 178 22.77 14.23 2.60
CA PRO A 178 22.01 15.28 1.87
C PRO A 178 22.72 15.81 0.64
N PHE A 179 24.03 15.71 0.57
CA PHE A 179 24.75 16.20 -0.60
C PHE A 179 24.47 15.38 -1.83
N GLY A 180 24.00 14.15 -1.66
CA GLY A 180 23.99 13.23 -2.77
C GLY A 180 22.62 12.79 -3.21
N THR A 181 21.59 13.19 -2.48
CA THR A 181 20.23 12.78 -2.76
C THR A 181 19.59 13.75 -3.75
N PRO A 182 18.95 13.28 -4.81
CA PRO A 182 18.36 14.22 -5.74
C PRO A 182 17.02 14.73 -5.20
N ASN A 183 16.57 15.83 -5.76
CA ASN A 183 15.31 16.44 -5.35
C ASN A 183 14.17 15.56 -5.84
N PRO A 184 13.33 15.03 -4.95
CA PRO A 184 12.20 14.19 -5.39
C PRO A 184 10.92 14.95 -5.72
N GLU A 186 7.73 16.36 -7.08
CA GLU A 186 6.93 16.05 -8.25
C GLU A 186 5.49 16.47 -7.99
N GLY A 187 4.79 16.82 -9.07
CA GLY A 187 3.37 17.12 -9.03
C GLY A 187 2.88 18.08 -7.95
N ARG A 188 2.15 17.54 -6.97
CA ARG A 188 1.53 18.35 -5.94
C ARG A 188 2.54 19.27 -5.26
N ALA A 189 3.79 18.82 -5.10
CA ALA A 189 4.78 19.61 -4.37
C ALA A 189 5.30 20.80 -5.16
N LEU A 190 5.26 20.75 -6.50
CA LEU A 190 5.73 21.90 -7.27
C LEU A 190 4.76 23.09 -7.22
N GLU A 191 3.58 22.92 -6.62
CA GLU A 191 2.65 24.04 -6.51
C GLU A 191 2.93 24.89 -5.28
N ILE A 192 3.68 24.37 -4.31
CA ILE A 192 4.00 25.12 -3.08
C ILE A 192 4.70 26.43 -3.45
N PRO A 193 4.26 27.58 -2.93
CA PRO A 193 4.99 28.83 -3.17
C PRO A 193 6.42 28.73 -2.68
N ARG A 194 7.33 29.27 -3.47
CA ARG A 194 8.76 29.23 -3.16
C ARG A 194 9.30 30.64 -3.05
N LEU A 195 10.18 30.83 -2.07
CA LEU A 195 10.84 32.10 -1.81
C LEU A 195 12.33 31.87 -1.61
N TYR A 196 13.15 32.57 -2.39
CA TYR A 196 14.59 32.55 -2.21
C TYR A 196 15.01 33.86 -1.57
N ILE A 197 15.64 33.76 -0.39
CA ILE A 197 16.24 34.91 0.29
C ILE A 197 17.73 34.88 -0.02
N GLU A 198 18.16 35.79 -0.89
CA GLU A 198 19.55 35.90 -1.30
C GLU A 198 20.39 36.53 -0.20
N ALA A 199 21.63 36.09 -0.11
CA ALA A 199 22.63 36.72 0.74
C ALA A 199 23.67 37.30 -0.20
N LEU A 200 23.59 38.62 -0.43
CA LEU A 200 24.32 39.24 -1.53
C LEU A 200 25.82 39.05 -1.39
N ASP A 201 26.35 39.04 -0.16
CA ASP A 201 27.79 39.04 0.05
C ASP A 201 28.33 37.71 0.53
N ASP A 202 27.60 36.62 0.34
CA ASP A 202 28.03 35.30 0.75
C ASP A 202 29.25 34.88 -0.08
N VAL A 203 30.29 34.35 0.56
CA VAL A 203 31.42 33.80 -0.16
C VAL A 203 31.45 32.27 -0.12
N VAL A 204 30.75 31.66 0.83
CA VAL A 204 30.50 30.23 0.79
C VAL A 204 29.70 29.89 -0.45
N LEU A 205 28.48 30.46 -0.54
CA LEU A 205 27.58 30.26 -1.67
C LEU A 205 27.50 31.59 -2.43
N PRO A 206 28.35 31.81 -3.42
CA PRO A 206 28.42 33.11 -4.10
C PRO A 206 27.06 33.53 -4.68
N ILE A 207 26.85 34.84 -4.79
CA ILE A 207 25.55 35.26 -5.32
C ILE A 207 25.33 34.75 -6.73
N ALA A 208 26.41 34.61 -7.52
CA ALA A 208 26.28 34.03 -8.86
C ALA A 208 25.65 32.64 -8.80
N VAL A 209 26.10 31.81 -7.85
CA VAL A 209 25.55 30.47 -7.78
C VAL A 209 24.13 30.50 -7.22
N GLN A 210 23.89 31.38 -6.25
CA GLN A 210 22.53 31.59 -5.78
C GLN A 210 21.60 31.88 -6.95
N ARG A 211 21.95 32.84 -7.79
CA ARG A 211 21.04 33.21 -8.86
C ARG A 211 20.94 32.12 -9.94
N GLN A 212 22.01 31.35 -10.17
CA GLN A 212 21.96 30.28 -11.16
C GLN A 212 21.00 29.19 -10.75
N GLN A 214 18.29 29.62 -8.88
CA GLN A 214 16.96 30.16 -9.11
C GLN A 214 16.57 30.04 -10.58
N LYS A 215 17.45 30.46 -11.47
CA LYS A 215 17.14 30.41 -12.88
C LYS A 215 16.92 28.98 -13.36
N GLU A 216 17.53 27.99 -12.69
CA GLU A 216 17.43 26.61 -13.20
C GLU A 216 16.28 25.82 -12.61
N PHE A 217 15.63 26.32 -11.56
CA PHE A 217 14.49 25.59 -11.02
C PHE A 217 13.27 25.82 -11.93
N PRO A 218 12.49 24.77 -12.18
CA PRO A 218 11.34 24.94 -13.09
C PRO A 218 10.22 25.65 -12.34
N GLY A 219 9.69 26.71 -12.96
CA GLY A 219 8.62 27.45 -12.35
C GLY A 219 9.11 28.67 -11.61
N PRO A 220 8.18 29.51 -11.13
CA PRO A 220 8.57 30.78 -10.55
C PRO A 220 9.14 30.61 -9.17
N VAL A 221 10.07 31.50 -8.83
CA VAL A 221 10.62 31.57 -7.48
C VAL A 221 10.67 33.04 -7.11
N ALA A 222 9.95 33.42 -6.06
CA ALA A 222 10.03 34.78 -5.56
C ALA A 222 11.41 35.03 -4.94
N VAL A 223 11.81 36.31 -4.90
CA VAL A 223 13.15 36.63 -4.42
C VAL A 223 13.08 37.84 -3.51
N VAL A 224 13.70 37.73 -2.34
CA VAL A 224 14.11 38.88 -1.57
C VAL A 224 15.62 38.81 -1.42
N SER A 225 16.26 39.96 -1.41
CA SER A 225 17.71 40.06 -1.32
C SER A 225 18.09 40.75 0.00
N LEU A 226 19.15 40.23 0.65
CA LEU A 226 19.63 40.88 1.86
C LEU A 226 21.11 41.21 1.71
N PRO A 227 21.57 42.32 2.29
CA PRO A 227 22.99 42.69 2.25
C PRO A 227 23.85 41.95 3.26
N ALA A 228 23.71 40.62 3.30
CA ALA A 228 24.37 39.78 4.29
C ALA A 228 25.39 38.89 3.60
N SER A 229 26.25 38.29 4.42
CA SER A 229 27.07 37.20 3.95
C SER A 229 26.42 35.90 4.36
N HIS A 230 27.20 34.89 4.71
CA HIS A 230 26.67 33.53 4.71
C HIS A 230 25.63 33.28 5.80
N ALA A 231 25.63 34.04 6.89
CA ALA A 231 24.76 33.74 8.03
C ALA A 231 23.93 34.97 8.39
N PRO A 232 22.89 35.27 7.61
CA PRO A 232 22.07 36.46 7.94
C PRO A 232 21.29 36.30 9.25
N TYR A 233 21.05 35.07 9.72
CA TYR A 233 20.42 34.92 11.03
C TYR A 233 21.30 35.42 12.17
N TYR A 234 22.58 35.69 11.92
CA TYR A 234 23.44 36.35 12.88
C TYR A 234 23.40 37.87 12.73
N SER A 235 23.61 38.37 11.52
CA SER A 235 23.84 39.81 11.33
C SER A 235 22.57 40.64 11.19
N PRO A 237 18.90 39.54 12.20
CA PRO A 237 17.74 38.71 12.59
C PRO A 237 16.41 39.41 12.38
N GLU A 238 16.35 40.73 12.59
CA GLU A 238 15.08 41.46 12.50
C GLU A 238 14.59 41.55 11.06
N ARG A 239 15.45 42.02 10.16
CA ARG A 239 15.10 42.05 8.74
C ARG A 239 14.81 40.66 8.22
N LEU A 240 15.52 39.66 8.74
CA LEU A 240 15.30 38.28 8.30
C LEU A 240 13.95 37.79 8.74
N ALA A 241 13.67 37.91 10.05
CA ALA A 241 12.37 37.58 10.60
C ALA A 241 11.25 38.29 9.86
N GLU A 242 11.43 39.58 9.59
CA GLU A 242 10.37 40.31 8.89
C GLU A 242 10.07 39.68 7.52
N ALA A 243 11.10 39.44 6.71
CA ALA A 243 10.91 38.77 5.44
C ALA A 243 10.22 37.43 5.62
N ILE A 244 10.67 36.62 6.58
CA ILE A 244 10.07 35.30 6.78
C ILE A 244 8.60 35.41 7.15
N ALA A 245 8.26 36.35 8.03
CA ALA A 245 6.87 36.43 8.52
C ALA A 245 5.93 37.08 7.49
N ASP A 246 6.37 38.12 6.78
CA ASP A 246 5.54 38.64 5.68
C ASP A 246 5.21 37.54 4.69
N PHE A 247 6.09 36.53 4.59
CA PHE A 247 5.84 35.46 3.63
C PHE A 247 4.90 34.41 4.22
N ALA A 248 5.02 34.11 5.52
CA ALA A 248 4.07 33.20 6.13
C ALA A 248 2.67 33.77 6.17
N ASP A 249 2.56 35.11 6.26
CA ASP A 249 1.25 35.77 6.36
C ASP A 249 0.41 35.54 5.11
N ALA A 250 1.06 35.31 3.96
CA ALA A 250 0.39 35.05 2.69
C ALA A 250 1.38 34.52 1.68
N PRO A 251 1.81 33.25 1.77
CA PRO A 251 2.84 32.76 0.84
C PRO A 251 2.39 32.80 -0.62
N ALA A 252 1.11 32.54 -0.89
CA ALA A 252 0.63 32.53 -2.27
C ALA A 252 0.79 33.92 -2.90
N GLU A 253 0.40 34.97 -2.17
CA GLU A 253 0.49 36.33 -2.68
C GLU A 253 1.93 36.84 -2.80
N TYR A 254 2.56 37.09 -1.65
CA TYR A 254 3.92 37.61 -1.48
C TYR A 254 4.85 37.49 -2.70
N THR B 2 17.22 -16.52 -21.50
CA THR B 2 16.52 -15.79 -20.44
C THR B 2 15.47 -14.87 -21.03
N VAL B 3 15.91 -14.03 -21.97
CA VAL B 3 15.08 -13.00 -22.58
C VAL B 3 14.31 -13.62 -23.73
N THR B 4 12.99 -13.62 -23.63
CA THR B 4 12.19 -14.21 -24.67
C THR B 4 11.62 -13.17 -25.63
N ASP B 5 11.30 -11.96 -25.15
CA ASP B 5 10.56 -10.99 -25.95
C ASP B 5 11.31 -9.68 -26.10
N ILE B 6 11.20 -9.09 -27.30
CA ILE B 6 11.68 -7.74 -27.55
C ILE B 6 10.44 -6.91 -27.93
N ILE B 7 10.20 -5.83 -27.20
CA ILE B 7 9.08 -4.92 -27.48
C ILE B 7 9.65 -3.59 -27.96
N LEU B 8 9.13 -3.11 -29.10
CA LEU B 8 9.50 -1.87 -29.74
C LEU B 8 8.36 -0.85 -29.62
N ILE B 9 8.61 0.26 -28.93
CA ILE B 9 7.61 1.25 -28.58
C ILE B 9 7.87 2.54 -29.35
N HIS B 10 6.87 2.95 -30.16
CA HIS B 10 6.97 4.15 -31.00
C HIS B 10 7.00 5.42 -30.13
N GLY B 11 7.37 6.53 -30.78
CA GLY B 11 7.36 7.85 -30.20
C GLY B 11 6.11 8.64 -30.54
N ALA B 12 6.22 9.96 -30.46
CA ALA B 12 5.04 10.81 -30.60
C ALA B 12 4.50 10.77 -32.03
N LEU B 13 3.18 10.82 -32.17
CA LEU B 13 2.47 10.84 -33.45
C LEU B 13 2.77 9.65 -34.34
N ASN B 14 3.45 8.64 -33.84
CA ASN B 14 3.77 7.50 -34.67
C ASN B 14 2.95 6.29 -34.26
N ARG B 15 3.11 5.22 -35.01
CA ARG B 15 2.49 3.95 -34.70
C ARG B 15 3.53 2.84 -34.75
N GLY B 16 3.18 1.71 -34.12
CA GLY B 16 4.08 0.55 -34.10
C GLY B 16 4.63 0.14 -35.46
N ALA B 17 3.88 0.37 -36.54
CA ALA B 17 4.33 -0.01 -37.88
C ALA B 17 5.60 0.70 -38.32
N CYS B 18 6.00 1.77 -37.65
CA CYS B 18 7.27 2.39 -38.01
C CYS B 18 8.45 1.41 -37.85
N TYR B 19 8.28 0.37 -37.04
CA TYR B 19 9.33 -0.62 -36.79
C TYR B 19 9.36 -1.76 -37.80
N ASP B 20 8.51 -1.71 -38.85
CA ASP B 20 8.32 -2.86 -39.74
C ASP B 20 9.61 -3.42 -40.32
N ALA B 21 10.63 -2.59 -40.54
CA ALA B 21 11.84 -3.11 -41.16
C ALA B 21 12.89 -3.60 -40.16
N VAL B 22 12.59 -3.51 -38.86
CA VAL B 22 13.48 -4.05 -37.83
C VAL B 22 12.95 -5.39 -37.33
N VAL B 23 11.62 -5.55 -37.40
CA VAL B 23 10.98 -6.69 -36.75
C VAL B 23 11.48 -8.02 -37.30
N PRO B 24 11.46 -8.28 -38.62
CA PRO B 24 11.97 -9.57 -39.11
C PRO B 24 13.43 -9.84 -38.76
N LEU B 25 14.25 -8.80 -38.68
CA LEU B 25 15.66 -9.00 -38.38
C LEU B 25 15.87 -9.48 -36.95
N LEU B 26 15.00 -9.03 -36.03
CA LEU B 26 15.02 -9.53 -34.65
C LEU B 26 14.35 -10.90 -34.53
N GLU B 27 13.26 -11.13 -35.24
CA GLU B 27 12.73 -12.49 -35.27
C GLU B 27 13.78 -13.48 -35.77
N ALA B 28 14.69 -13.05 -36.63
CA ALA B 28 15.73 -13.95 -37.11
C ALA B 28 16.85 -14.13 -36.10
N ARG B 29 16.90 -13.32 -35.05
CA ARG B 29 17.83 -13.52 -33.95
C ARG B 29 17.25 -14.43 -32.88
N GLY B 30 16.07 -14.98 -33.11
CA GLY B 30 15.48 -15.90 -32.17
C GLY B 30 14.63 -15.28 -31.10
N TYR B 31 13.99 -14.13 -31.36
CA TYR B 31 13.19 -13.45 -30.36
C TYR B 31 11.74 -13.34 -30.83
N ARG B 32 10.84 -13.33 -29.85
CA ARG B 32 9.48 -12.86 -30.04
C ARG B 32 9.51 -11.33 -29.98
N VAL B 33 8.97 -10.69 -31.01
CA VAL B 33 9.14 -9.26 -31.20
C VAL B 33 7.77 -8.61 -31.33
N HIS B 34 7.56 -7.51 -30.62
CA HIS B 34 6.27 -6.82 -30.61
C HIS B 34 6.47 -5.37 -30.96
N ALA B 35 5.60 -4.82 -31.77
CA ALA B 35 5.64 -3.38 -32.02
C ALA B 35 4.23 -2.82 -31.91
N PRO B 36 3.71 -2.70 -30.70
CA PRO B 36 2.28 -2.39 -30.54
C PRO B 36 1.97 -0.90 -30.60
N ASP B 37 0.73 -0.60 -30.98
CA ASP B 37 0.19 0.74 -30.76
C ASP B 37 -0.07 0.99 -29.28
N LEU B 38 0.43 2.11 -28.78
CA LEU B 38 0.04 2.58 -27.47
C LEU B 38 -1.40 3.09 -27.51
N THR B 39 -1.94 3.30 -26.33
CA THR B 39 -3.30 3.82 -26.26
C THR B 39 -3.43 5.13 -27.01
N GLY B 40 -4.49 5.25 -27.82
CA GLY B 40 -4.76 6.43 -28.60
C GLY B 40 -4.04 6.47 -29.93
N HIS B 41 -3.27 5.44 -30.25
CA HIS B 41 -2.46 5.41 -31.46
C HIS B 41 -2.97 4.38 -32.48
N THR B 42 -4.20 3.90 -32.31
CA THR B 42 -4.89 3.17 -33.33
C THR B 42 -6.05 4.02 -33.85
N PRO B 43 -6.10 4.39 -35.13
CA PRO B 43 -7.24 5.15 -35.62
C PRO B 43 -8.52 4.39 -35.36
N GLY B 44 -9.54 5.12 -34.93
CA GLY B 44 -10.80 4.52 -34.52
C GLY B 44 -10.89 4.10 -33.08
N ASP B 45 -9.94 4.54 -32.22
CA ASP B 45 -9.89 4.13 -30.82
C ASP B 45 -10.08 5.30 -29.85
N GLY B 46 -10.46 6.48 -30.33
CA GLY B 46 -10.76 7.58 -29.45
C GLY B 46 -9.67 8.63 -29.33
N GLY B 47 -8.47 8.36 -29.84
CA GLY B 47 -7.51 9.44 -30.03
C GLY B 47 -6.93 10.02 -28.73
N HIS B 48 -6.42 11.24 -28.85
CA HIS B 48 -5.56 11.82 -27.83
C HIS B 48 -6.29 12.16 -26.54
N LEU B 49 -7.56 12.56 -26.60
CA LEU B 49 -8.29 12.78 -25.36
C LEU B 49 -8.57 11.50 -24.61
N SER B 50 -8.58 10.35 -25.30
CA SER B 50 -8.87 9.06 -24.66
C SER B 50 -7.83 8.66 -23.61
N VAL B 51 -6.62 9.21 -23.66
CA VAL B 51 -5.53 8.77 -22.77
C VAL B 51 -5.70 9.41 -21.38
N VAL B 52 -5.92 8.58 -20.37
CA VAL B 52 -6.10 9.10 -19.01
C VAL B 52 -4.77 9.40 -18.35
N ASP B 53 -3.85 8.45 -18.38
CA ASP B 53 -2.62 8.56 -17.60
C ASP B 53 -1.58 7.61 -18.21
N GLU B 55 -0.36 4.74 -16.94
CA GLU B 55 -0.80 3.34 -16.84
C GLU B 55 -1.68 2.97 -18.01
N HIS B 56 -2.68 3.82 -18.29
CA HIS B 56 -3.56 3.61 -19.44
C HIS B 56 -2.78 3.71 -20.75
N TYR B 57 -1.93 4.73 -20.89
CA TYR B 57 -1.16 4.92 -22.12
C TYR B 57 -0.41 3.66 -22.49
N THR B 58 0.33 3.11 -21.54
CA THR B 58 1.26 2.04 -21.85
C THR B 58 0.66 0.66 -21.67
N ARG B 59 -0.65 0.59 -21.42
CA ARG B 59 -1.26 -0.71 -21.16
C ARG B 59 -1.08 -1.75 -22.27
N PRO B 60 -1.07 -1.42 -23.57
CA PRO B 60 -0.90 -2.50 -24.55
C PRO B 60 0.43 -3.21 -24.40
N VAL B 61 1.44 -2.55 -23.83
CA VAL B 61 2.70 -3.24 -23.54
C VAL B 61 2.62 -4.01 -22.22
N ALA B 62 1.86 -3.52 -21.23
CA ALA B 62 1.69 -4.27 -20.00
C ALA B 62 0.99 -5.60 -20.26
N ASP B 63 0.04 -5.61 -21.21
CA ASP B 63 -0.57 -6.85 -21.65
C ASP B 63 0.43 -7.78 -22.30
N ILE B 64 1.41 -7.25 -23.03
CA ILE B 64 2.42 -8.11 -23.63
C ILE B 64 3.30 -8.71 -22.55
N LEU B 65 3.73 -7.89 -21.59
CA LEU B 65 4.64 -8.38 -20.54
C LEU B 65 3.97 -9.43 -19.67
N ALA B 66 2.64 -9.40 -19.54
CA ALA B 66 1.92 -10.38 -18.75
C ALA B 66 1.73 -11.69 -19.50
N ARG B 67 1.94 -11.71 -20.81
CA ARG B 67 1.82 -12.90 -21.64
C ARG B 67 3.16 -13.53 -22.00
N ALA B 68 4.28 -12.86 -21.70
CA ALA B 68 5.59 -13.31 -22.16
C ALA B 68 6.09 -14.47 -21.31
N GLU B 69 6.67 -15.49 -21.95
CA GLU B 69 7.07 -16.63 -21.16
C GLU B 69 8.32 -16.36 -20.32
N GLY B 70 9.24 -15.52 -20.81
CA GLY B 70 10.41 -15.10 -20.06
C GLY B 70 10.49 -13.61 -19.78
N GLN B 71 11.70 -13.03 -19.77
CA GLN B 71 11.90 -11.60 -19.56
C GLN B 71 11.90 -10.86 -20.90
N SER B 72 11.82 -9.53 -20.84
CA SER B 72 11.70 -8.73 -22.06
C SER B 72 12.71 -7.59 -22.07
N ILE B 73 13.12 -7.22 -23.27
CA ILE B 73 13.79 -5.96 -23.52
C ILE B 73 12.73 -4.94 -23.96
N LEU B 74 12.78 -3.73 -23.39
CA LEU B 74 11.95 -2.61 -23.85
C LEU B 74 12.81 -1.59 -24.59
N LEU B 75 12.37 -1.20 -25.78
CA LEU B 75 13.00 -0.12 -26.54
C LEU B 75 12.00 1.00 -26.74
N GLY B 76 12.42 2.22 -26.47
CA GLY B 76 11.62 3.41 -26.74
C GLY B 76 12.34 4.33 -27.72
N HIS B 77 11.57 4.96 -28.61
CA HIS B 77 12.12 5.95 -29.54
C HIS B 77 11.59 7.32 -29.16
N SER B 78 12.47 8.32 -29.03
N SER B 78 12.45 8.31 -29.09
CA SER B 78 12.04 9.70 -28.78
CA SER B 78 12.14 9.66 -28.63
C SER B 78 11.16 9.77 -27.52
C SER B 78 11.14 9.75 -27.47
N LEU B 79 9.92 10.21 -27.69
CA LEU B 79 9.00 10.23 -26.55
C LEU B 79 8.69 8.86 -25.98
N GLY B 80 8.87 7.80 -26.78
CA GLY B 80 8.63 6.46 -26.29
C GLY B 80 9.55 6.08 -25.15
N GLY B 81 10.64 6.82 -24.95
CA GLY B 81 11.51 6.54 -23.81
C GLY B 81 10.80 6.75 -22.49
N ALA B 82 9.92 7.75 -22.42
CA ALA B 82 9.13 7.98 -21.21
C ALA B 82 8.25 6.78 -20.89
N SER B 83 7.71 6.12 -21.90
CA SER B 83 6.96 4.90 -21.62
C SER B 83 7.83 3.79 -21.04
N ILE B 84 9.05 3.56 -21.56
CA ILE B 84 9.77 2.37 -21.06
C ILE B 84 10.20 2.58 -19.62
N SER B 85 10.67 3.79 -19.30
CA SER B 85 10.95 4.15 -17.90
C SER B 85 9.76 3.87 -17.01
N TRP B 86 8.59 4.45 -17.34
CA TRP B 86 7.40 4.21 -16.55
C TRP B 86 7.10 2.72 -16.41
N LEU B 87 7.30 1.96 -17.49
CA LEU B 87 6.99 0.52 -17.46
C LEU B 87 8.00 -0.24 -16.59
N ALA B 88 9.24 0.26 -16.50
CA ALA B 88 10.28 -0.40 -15.71
C ALA B 88 10.05 -0.24 -14.21
N GLN B 89 9.35 0.82 -13.82
CA GLN B 89 9.01 0.96 -12.41
C GLN B 89 7.93 -0.02 -11.99
N HIS B 90 7.00 -0.31 -12.89
CA HIS B 90 5.80 -1.05 -12.56
C HIS B 90 5.88 -2.52 -12.96
N HIS B 91 6.83 -2.90 -13.82
CA HIS B 91 7.02 -4.30 -14.16
C HIS B 91 8.49 -4.72 -14.09
N PRO B 92 9.18 -4.40 -13.00
CA PRO B 92 10.61 -4.73 -12.92
C PRO B 92 10.86 -6.22 -12.82
N ASP B 93 9.84 -7.03 -12.56
CA ASP B 93 10.01 -8.48 -12.58
C ASP B 93 9.85 -9.09 -13.96
N LYS B 94 9.44 -8.31 -14.97
CA LYS B 94 9.32 -8.81 -16.33
C LYS B 94 10.24 -8.13 -17.31
N VAL B 95 10.99 -7.10 -16.90
CA VAL B 95 11.85 -6.35 -17.81
C VAL B 95 13.31 -6.63 -17.50
N ALA B 96 14.05 -7.09 -18.52
CA ALA B 96 15.45 -7.44 -18.36
C ALA B 96 16.42 -6.34 -18.79
N GLY B 97 15.99 -5.35 -19.56
CA GLY B 97 16.87 -4.29 -20.03
C GLY B 97 16.08 -3.23 -20.77
N LEU B 98 16.57 -1.97 -20.79
CA LEU B 98 15.89 -0.86 -21.49
C LEU B 98 16.78 -0.30 -22.61
N ILE B 99 16.20 -0.05 -23.79
CA ILE B 99 16.94 0.60 -24.87
C ILE B 99 16.27 1.93 -25.20
N TYR B 100 17.02 3.01 -25.06
CA TYR B 100 16.56 4.35 -25.39
C TYR B 100 17.13 4.67 -26.78
N LEU B 101 16.34 4.47 -27.81
CA LEU B 101 16.76 4.83 -29.17
C LEU B 101 16.48 6.31 -29.41
N THR B 102 17.54 7.12 -29.43
CA THR B 102 17.50 8.59 -29.44
C THR B 102 16.24 9.08 -28.74
N ALA B 103 16.11 8.69 -27.48
CA ALA B 103 14.89 8.82 -26.74
C ALA B 103 15.07 9.76 -25.55
N VAL B 104 13.93 10.07 -24.94
CA VAL B 104 13.88 10.85 -23.72
C VAL B 104 14.27 9.97 -22.54
N LEU B 105 15.34 10.33 -21.86
CA LEU B 105 15.85 9.59 -20.71
C LEU B 105 15.91 10.60 -19.58
N THR B 106 14.93 10.57 -18.69
CA THR B 106 14.89 11.54 -17.60
C THR B 106 15.16 10.85 -16.27
N ALA B 107 15.79 11.60 -15.36
CA ALA B 107 16.12 11.11 -14.03
C ALA B 107 14.83 10.86 -13.25
N PRO B 108 14.88 10.09 -12.15
CA PRO B 108 13.66 9.85 -11.36
C PRO B 108 12.95 11.15 -11.00
N GLY B 109 11.64 11.17 -11.20
CA GLY B 109 10.85 12.36 -10.90
C GLY B 109 11.01 13.52 -11.88
N VAL B 110 11.76 13.33 -12.97
CA VAL B 110 11.93 14.36 -13.99
C VAL B 110 11.02 14.04 -15.17
N THR B 111 10.35 15.11 -15.75
CA THR B 111 9.41 14.93 -16.85
C THR B 111 10.11 15.08 -18.19
N PRO B 112 9.59 14.42 -19.22
CA PRO B 112 10.11 14.63 -20.58
C PRO B 112 10.02 16.07 -21.05
N GLU B 113 8.97 16.83 -20.64
CA GLU B 113 8.82 18.25 -20.91
C GLU B 113 10.12 18.99 -20.68
N THR B 114 10.83 18.59 -19.62
CA THR B 114 12.05 19.29 -19.22
C THR B 114 13.09 19.36 -20.33
N PHE B 115 13.16 18.36 -21.21
CA PHE B 115 14.14 18.44 -22.29
C PHE B 115 13.55 18.91 -23.63
N VAL B 116 12.23 18.87 -23.76
CA VAL B 116 11.57 19.38 -24.97
C VAL B 116 11.50 20.89 -24.95
N LEU B 117 11.17 21.48 -23.79
CA LEU B 117 11.05 22.91 -23.67
C LEU B 117 12.43 23.57 -23.68
N PRO B 118 12.48 24.90 -23.86
CA PRO B 118 13.78 25.59 -23.79
C PRO B 118 14.29 25.62 -22.35
N GLY B 119 15.61 25.60 -22.22
CA GLY B 119 16.23 25.67 -20.91
C GLY B 119 17.72 25.41 -21.02
N GLU B 120 18.38 25.38 -19.87
CA GLU B 120 19.80 25.05 -19.82
C GLU B 120 20.11 24.26 -18.54
N PRO B 121 21.18 23.43 -18.58
CA PRO B 121 22.05 23.24 -19.75
C PRO B 121 21.59 22.20 -20.79
N ASN B 122 21.66 22.59 -22.07
CA ASN B 122 21.43 21.72 -23.23
C ASN B 122 20.06 21.04 -23.15
N ARG B 123 19.01 21.85 -23.08
CA ARG B 123 17.64 21.38 -23.11
C ARG B 123 16.91 22.13 -24.22
N GLY B 124 16.17 21.39 -25.05
CA GLY B 124 15.38 22.07 -26.06
C GLY B 124 15.35 21.34 -27.38
N THR B 125 14.12 20.99 -27.83
CA THR B 125 13.93 20.46 -29.17
C THR B 125 13.12 21.45 -30.00
N PRO B 126 13.70 22.60 -30.36
CA PRO B 126 12.88 23.69 -30.91
C PRO B 126 12.45 23.47 -32.34
N HIS B 127 13.16 22.64 -33.12
CA HIS B 127 12.65 22.18 -34.41
C HIS B 127 11.30 21.48 -34.25
N ALA B 128 11.16 20.67 -33.22
CA ALA B 128 9.89 19.98 -33.01
C ALA B 128 8.82 20.92 -32.46
N LEU B 129 9.19 21.80 -31.55
CA LEU B 129 8.18 22.74 -31.09
C LEU B 129 7.70 23.61 -32.25
N ASP B 130 8.60 23.88 -33.20
CA ASP B 130 8.24 24.69 -34.37
C ASP B 130 7.23 23.96 -35.25
N LEU B 131 7.49 22.69 -35.55
CA LEU B 131 6.68 21.92 -36.48
C LEU B 131 5.49 21.20 -35.85
N ILE B 132 5.41 21.10 -34.52
CA ILE B 132 4.33 20.38 -33.83
C ILE B 132 3.57 21.39 -32.99
N GLN B 133 2.25 21.43 -33.13
CA GLN B 133 1.52 22.55 -32.55
C GLN B 133 0.44 22.07 -31.61
N PRO B 134 0.14 22.84 -30.56
CA PRO B 134 -0.90 22.41 -29.61
C PRO B 134 -2.28 22.51 -30.22
N VAL B 135 -3.19 21.70 -29.66
CA VAL B 135 -4.61 21.73 -30.01
C VAL B 135 -5.41 21.39 -28.76
N ASP B 136 -6.70 21.74 -28.78
CA ASP B 136 -7.60 21.46 -27.67
C ASP B 136 -6.99 21.91 -26.35
N GLU B 137 -6.79 23.22 -26.24
CA GLU B 137 -6.28 23.85 -25.02
C GLU B 137 -4.97 23.22 -24.54
N GLY B 138 -4.22 22.60 -25.45
CA GLY B 138 -2.93 22.06 -25.08
C GLY B 138 -2.92 20.64 -24.59
N ARG B 139 -3.94 19.85 -24.88
CA ARG B 139 -3.93 18.44 -24.55
C ARG B 139 -3.72 17.55 -25.75
N GLY B 140 -3.68 18.12 -26.95
CA GLY B 140 -3.19 17.39 -28.11
C GLY B 140 -2.11 18.16 -28.84
N LEU B 141 -1.22 17.40 -29.46
CA LEU B 141 -0.21 17.92 -30.36
C LEU B 141 -0.57 17.48 -31.77
N GLN B 142 -0.18 18.29 -32.76
CA GLN B 142 -0.52 18.01 -34.15
C GLN B 142 0.52 18.68 -35.05
N ALA B 143 0.97 17.97 -36.08
CA ALA B 143 2.00 18.53 -36.93
C ALA B 143 1.40 19.61 -37.84
N ASP B 144 2.22 20.60 -38.18
CA ASP B 144 1.87 21.75 -39.03
C ASP B 144 2.00 21.34 -40.49
N PHE B 145 0.91 20.80 -41.01
CA PHE B 145 0.85 20.30 -42.37
C PHE B 145 0.92 21.43 -43.41
N SER B 146 1.01 22.67 -42.95
CA SER B 146 1.28 23.74 -43.89
C SER B 146 2.73 23.73 -44.37
N ARG B 147 3.59 22.86 -43.80
CA ARG B 147 5.00 22.86 -44.15
C ARG B 147 5.47 21.43 -44.39
N LEU B 148 4.97 20.82 -45.47
CA LEU B 148 5.10 19.39 -45.61
C LEU B 148 6.54 18.99 -45.91
N GLU B 149 7.26 19.76 -46.72
CA GLU B 149 8.63 19.38 -46.99
C GLU B 149 9.49 19.52 -45.73
N ARG B 150 9.23 20.57 -44.94
CA ARG B 150 9.95 20.74 -43.69
C ARG B 150 9.73 19.53 -42.75
N LEU B 151 8.47 19.11 -42.60
CA LEU B 151 8.18 17.89 -41.85
C LEU B 151 9.04 16.74 -42.32
N ARG B 152 9.08 16.53 -43.64
CA ARG B 152 9.80 15.38 -44.19
C ARG B 152 11.28 15.47 -43.91
N GLU B 153 11.88 16.64 -44.13
CA GLU B 153 13.33 16.71 -43.95
C GLU B 153 13.69 16.66 -42.47
N VAL B 154 12.84 17.17 -41.60
CA VAL B 154 13.18 17.17 -40.17
C VAL B 154 12.87 15.82 -39.53
N PHE B 155 11.69 15.27 -39.79
CA PHE B 155 11.28 14.05 -39.11
C PHE B 155 11.45 12.82 -40.03
N GLY B 157 13.60 12.40 -42.91
CA GLY B 157 14.83 12.28 -43.68
C GLY B 157 15.43 10.90 -43.87
N ASP B 158 15.39 10.05 -42.84
CA ASP B 158 15.99 8.73 -42.92
C ASP B 158 15.22 7.77 -43.83
N TYR B 159 13.95 8.06 -44.13
CA TYR B 159 13.17 7.14 -44.96
C TYR B 159 13.81 7.02 -46.35
N PRO B 160 13.93 5.81 -46.89
CA PRO B 160 14.78 5.61 -48.07
C PRO B 160 14.28 6.39 -49.27
N GLY B 161 15.18 7.21 -49.82
CA GLY B 161 14.85 8.04 -50.96
C GLY B 161 13.67 8.92 -50.61
N GLY B 163 8.64 11.00 -50.66
CA GLY B 163 9.37 9.84 -50.25
C GLY B 163 9.05 9.74 -48.82
N PRO B 165 6.91 7.98 -45.43
CA PRO B 165 6.50 6.61 -45.14
C PRO B 165 4.97 6.46 -45.30
N PRO B 166 4.46 5.25 -45.24
CA PRO B 166 3.04 5.01 -45.35
C PRO B 166 2.20 5.56 -44.24
N ALA B 167 0.95 5.80 -44.55
CA ALA B 167 -0.02 6.27 -43.55
C ALA B 167 -0.03 5.45 -42.27
N GLU B 168 0.24 4.13 -42.36
CA GLU B 168 0.16 3.28 -41.18
C GLU B 168 1.16 3.64 -40.11
N HIS B 169 2.18 4.42 -40.46
CA HIS B 169 3.20 4.72 -39.46
C HIS B 169 2.78 5.85 -38.52
N PHE B 170 1.66 6.56 -38.81
CA PHE B 170 1.39 7.84 -38.20
C PHE B 170 -0.04 7.92 -37.67
N ILE B 171 -0.24 8.84 -36.72
CA ILE B 171 -1.56 9.31 -36.30
C ILE B 171 -1.58 10.84 -36.35
N GLN B 172 -2.80 11.39 -36.31
CA GLN B 172 -3.03 12.82 -36.50
C GLN B 172 -2.72 13.65 -35.25
N THR B 173 -3.12 13.18 -34.06
CA THR B 173 -3.06 14.01 -32.87
C THR B 173 -2.57 13.23 -31.64
N GLN B 174 -1.65 13.82 -30.90
CA GLN B 174 -0.84 13.14 -29.90
C GLN B 174 -1.21 13.64 -28.50
N SER B 175 -1.22 12.73 -27.51
CA SER B 175 -1.61 13.09 -26.15
C SER B 175 -0.46 13.74 -25.40
N THR B 176 -0.76 14.82 -24.67
CA THR B 176 0.32 15.46 -23.92
C THR B 176 0.66 14.73 -22.63
N VAL B 177 -0.10 13.71 -22.28
CA VAL B 177 0.09 13.00 -21.01
C VAL B 177 1.54 12.54 -20.81
N PRO B 178 2.17 11.75 -21.69
CA PRO B 178 3.56 11.34 -21.42
C PRO B 178 4.56 12.49 -21.28
N PHE B 179 4.35 13.61 -21.99
CA PHE B 179 5.24 14.76 -21.81
C PHE B 179 5.21 15.31 -20.38
N GLY B 180 4.13 15.08 -19.64
CA GLY B 180 4.01 15.72 -18.36
C GLY B 180 4.23 14.84 -17.14
N THR B 181 4.30 13.50 -17.30
CA THR B 181 4.36 12.59 -16.16
C THR B 181 5.79 12.31 -15.74
N PRO B 182 6.18 12.56 -14.48
CA PRO B 182 7.57 12.36 -14.08
C PRO B 182 7.97 10.92 -14.12
N ASN B 183 9.25 10.69 -14.25
CA ASN B 183 9.75 9.34 -14.28
C ASN B 183 9.52 8.74 -12.90
N PRO B 184 8.77 7.65 -12.77
CA PRO B 184 8.51 7.05 -11.46
C PRO B 184 9.52 6.00 -10.99
N GLU B 186 12.23 3.75 -9.23
CA GLU B 186 12.82 3.73 -7.90
C GLU B 186 13.48 2.40 -7.59
N GLY B 187 14.53 2.41 -6.80
CA GLY B 187 15.16 1.19 -6.37
C GLY B 187 15.56 0.14 -7.39
N ARG B 188 14.76 -0.91 -7.39
CA ARG B 188 14.95 -2.06 -8.23
C ARG B 188 14.95 -1.70 -9.71
N ALA B 189 14.06 -0.79 -10.10
CA ALA B 189 13.96 -0.39 -11.48
C ALA B 189 15.28 0.20 -11.98
N LEU B 190 15.97 0.93 -11.12
CA LEU B 190 17.27 1.52 -11.45
C LEU B 190 18.41 0.52 -11.63
N GLU B 191 18.18 -0.72 -11.23
CA GLU B 191 19.18 -1.77 -11.39
C GLU B 191 19.07 -2.47 -12.76
N ILE B 192 18.07 -2.12 -13.56
CA ILE B 192 17.91 -2.78 -14.85
C ILE B 192 18.94 -2.23 -15.83
N PRO B 193 19.65 -3.07 -16.58
CA PRO B 193 20.67 -2.55 -17.50
C PRO B 193 20.05 -1.61 -18.54
N ARG B 194 20.78 -0.53 -18.85
CA ARG B 194 20.34 0.54 -19.74
C ARG B 194 21.32 0.79 -20.89
N LEU B 195 20.77 1.00 -22.08
CA LEU B 195 21.56 1.28 -23.28
C LEU B 195 20.90 2.45 -23.98
N TYR B 196 21.69 3.50 -24.23
CA TYR B 196 21.30 4.61 -25.08
C TYR B 196 21.92 4.45 -26.45
N ILE B 197 21.08 4.30 -27.48
CA ILE B 197 21.51 4.25 -28.88
C ILE B 197 21.37 5.67 -29.44
N GLU B 198 22.49 6.36 -29.54
CA GLU B 198 22.52 7.73 -30.04
C GLU B 198 22.26 7.79 -31.54
N ALA B 199 21.55 8.81 -31.95
CA ALA B 199 21.38 9.14 -33.36
C ALA B 199 22.21 10.39 -33.60
N LEU B 200 23.39 10.22 -34.20
CA LEU B 200 24.37 11.30 -34.21
C LEU B 200 23.87 12.56 -34.92
N ASP B 201 23.11 12.38 -36.00
CA ASP B 201 22.75 13.49 -36.89
C ASP B 201 21.29 13.93 -36.70
N ASP B 202 20.61 13.38 -35.69
CA ASP B 202 19.27 13.81 -35.33
C ASP B 202 19.22 15.33 -35.23
N VAL B 203 18.16 15.94 -35.78
CA VAL B 203 17.92 17.37 -35.64
C VAL B 203 16.66 17.66 -34.86
N VAL B 204 15.81 16.67 -34.62
CA VAL B 204 14.70 16.80 -33.68
C VAL B 204 15.23 16.84 -32.25
N LEU B 205 15.88 15.76 -31.82
CA LEU B 205 16.56 15.62 -30.56
C LEU B 205 18.06 15.74 -30.81
N PRO B 206 18.66 16.91 -30.64
CA PRO B 206 20.07 17.07 -30.99
C PRO B 206 20.97 16.23 -30.09
N ILE B 207 22.12 15.84 -30.66
CA ILE B 207 23.08 14.98 -29.96
C ILE B 207 23.53 15.65 -28.66
N ALA B 208 23.54 16.99 -28.63
CA ALA B 208 23.74 17.70 -27.38
C ALA B 208 22.74 17.24 -26.33
N VAL B 209 21.45 17.37 -26.63
CA VAL B 209 20.39 17.02 -25.68
C VAL B 209 20.43 15.53 -25.33
N GLN B 210 20.72 14.68 -26.32
CA GLN B 210 20.81 13.24 -26.05
C GLN B 210 21.84 12.98 -24.96
N ARG B 211 23.09 13.37 -25.21
CA ARG B 211 24.17 13.18 -24.24
C ARG B 211 23.90 13.88 -22.91
N GLN B 212 23.13 14.97 -22.91
CA GLN B 212 22.86 15.66 -21.66
C GLN B 212 21.89 14.88 -20.79
N GLN B 214 21.74 11.69 -20.94
CA GLN B 214 22.70 10.71 -20.44
C GLN B 214 23.47 11.24 -19.25
N LYS B 215 24.05 12.45 -19.36
CA LYS B 215 24.89 12.94 -18.28
C LYS B 215 24.12 13.07 -16.96
N GLU B 216 22.83 13.43 -17.02
CA GLU B 216 22.04 13.63 -15.80
C GLU B 216 21.30 12.39 -15.31
N PHE B 217 21.38 11.26 -15.99
CA PHE B 217 20.72 10.09 -15.41
C PHE B 217 21.62 9.46 -14.36
N PRO B 218 21.14 9.26 -13.13
CA PRO B 218 22.03 8.74 -12.06
C PRO B 218 22.43 7.31 -12.38
N GLY B 219 23.72 7.08 -12.57
CA GLY B 219 24.19 5.73 -12.74
C GLY B 219 24.55 5.41 -14.18
N PRO B 220 25.16 4.24 -14.41
CA PRO B 220 25.74 3.96 -15.72
C PRO B 220 24.69 3.86 -16.82
N VAL B 221 25.02 4.44 -17.95
CA VAL B 221 24.25 4.26 -19.19
C VAL B 221 25.24 3.85 -20.26
N ALA B 222 25.04 2.68 -20.85
CA ALA B 222 25.87 2.25 -21.96
C ALA B 222 25.39 2.94 -23.23
N VAL B 223 26.27 3.00 -24.24
CA VAL B 223 25.98 3.82 -25.43
C VAL B 223 26.50 3.13 -26.68
N VAL B 224 25.67 3.12 -27.71
CA VAL B 224 26.15 2.96 -29.09
C VAL B 224 25.75 4.21 -29.86
N SER B 225 26.52 4.48 -30.91
CA SER B 225 26.34 5.66 -31.76
C SER B 225 25.99 5.22 -33.17
N LEU B 226 24.89 5.74 -33.69
CA LEU B 226 24.50 5.42 -35.04
C LEU B 226 24.62 6.67 -35.90
N PRO B 227 25.23 6.57 -37.05
CA PRO B 227 25.37 7.74 -37.94
C PRO B 227 24.05 8.06 -38.64
N ALA B 228 23.01 8.25 -37.86
CA ALA B 228 21.67 8.36 -38.40
C ALA B 228 21.06 9.67 -37.93
N SER B 229 20.02 10.08 -38.65
CA SER B 229 19.22 11.23 -38.30
C SER B 229 18.13 10.71 -37.35
N HIS B 230 16.94 11.33 -37.35
CA HIS B 230 15.99 11.08 -36.26
C HIS B 230 15.40 9.67 -36.23
N ALA B 231 15.32 8.96 -37.36
CA ALA B 231 14.64 7.66 -37.42
C ALA B 231 15.58 6.57 -37.95
N PRO B 232 16.42 6.00 -37.09
CA PRO B 232 17.40 5.02 -37.58
C PRO B 232 16.78 3.71 -38.02
N TYR B 233 15.58 3.42 -37.55
CA TYR B 233 14.82 2.27 -38.00
C TYR B 233 14.36 2.38 -39.45
N TYR B 234 14.45 3.57 -40.06
CA TYR B 234 14.28 3.69 -41.51
C TYR B 234 15.60 3.54 -42.28
N SER B 235 16.63 4.28 -41.89
CA SER B 235 17.84 4.32 -42.70
C SER B 235 18.82 3.20 -42.43
N PRO B 237 18.13 -0.33 -40.63
CA PRO B 237 17.52 -1.42 -39.86
C PRO B 237 18.47 -2.53 -39.44
N GLU B 238 19.42 -2.94 -40.29
CA GLU B 238 20.28 -4.07 -39.94
C GLU B 238 21.23 -3.70 -38.80
N ARG B 239 21.94 -2.57 -38.91
CA ARG B 239 22.81 -2.16 -37.81
C ARG B 239 22.03 -1.98 -36.52
N LEU B 240 20.85 -1.37 -36.61
CA LEU B 240 20.06 -1.14 -35.40
C LEU B 240 19.57 -2.45 -34.79
N ALA B 241 19.12 -3.39 -35.62
CA ALA B 241 18.67 -4.67 -35.10
C ALA B 241 19.81 -5.49 -34.52
N GLU B 242 21.04 -5.33 -35.03
CA GLU B 242 22.18 -6.01 -34.42
C GLU B 242 22.47 -5.46 -33.03
N ALA B 243 22.49 -4.13 -32.89
CA ALA B 243 22.70 -3.54 -31.57
C ALA B 243 21.61 -3.97 -30.59
N ILE B 244 20.35 -3.97 -31.04
CA ILE B 244 19.27 -4.42 -30.17
C ILE B 244 19.47 -5.89 -29.79
N ALA B 245 19.78 -6.72 -30.77
CA ALA B 245 19.87 -8.14 -30.45
C ALA B 245 21.11 -8.47 -29.60
N ASP B 246 22.26 -7.84 -29.91
CA ASP B 246 23.45 -8.02 -29.09
C ASP B 246 23.23 -7.63 -27.62
N PHE B 247 22.35 -6.65 -27.36
CA PHE B 247 22.00 -6.29 -25.98
C PHE B 247 21.09 -7.35 -25.37
N ALA B 248 20.05 -7.75 -26.09
CA ALA B 248 19.14 -8.78 -25.59
C ALA B 248 19.86 -10.09 -25.26
N ASP B 249 20.92 -10.41 -26.01
CA ASP B 249 21.66 -11.65 -25.73
C ASP B 249 22.29 -11.65 -24.33
N ALA B 250 22.65 -10.48 -23.82
CA ALA B 250 23.30 -10.42 -22.52
C ALA B 250 23.30 -8.99 -22.02
N PRO B 251 22.21 -8.51 -21.40
CA PRO B 251 22.12 -7.07 -21.11
C PRO B 251 23.04 -6.60 -19.99
N ALA B 252 23.31 -7.42 -18.97
CA ALA B 252 24.26 -7.00 -17.93
C ALA B 252 25.68 -6.81 -18.47
N GLU B 253 26.03 -7.42 -19.60
CA GLU B 253 27.38 -7.28 -20.14
C GLU B 253 27.53 -6.04 -21.02
N TYR B 254 26.69 -5.91 -22.06
CA TYR B 254 26.88 -4.99 -23.21
C TYR B 254 27.65 -3.69 -22.93
N THR C 2 -18.28 16.30 20.43
CA THR C 2 -18.26 15.21 19.47
C THR C 2 -18.21 15.73 18.03
N VAL C 3 -19.19 16.56 17.64
CA VAL C 3 -19.40 16.94 16.24
C VAL C 3 -19.18 18.45 16.12
N THR C 4 -18.11 18.81 15.42
CA THR C 4 -17.71 20.21 15.32
C THR C 4 -17.77 20.80 13.92
N ASP C 5 -17.92 19.98 12.88
CA ASP C 5 -17.81 20.43 11.50
C ASP C 5 -18.80 19.68 10.63
N ILE C 6 -19.52 20.40 9.77
CA ILE C 6 -20.40 19.83 8.77
C ILE C 6 -19.89 20.21 7.38
N ILE C 7 -19.85 19.22 6.47
CA ILE C 7 -19.31 19.40 5.14
C ILE C 7 -20.40 19.11 4.12
N LEU C 8 -20.80 20.14 3.37
CA LEU C 8 -21.79 20.03 2.30
C LEU C 8 -21.07 19.94 0.97
N ILE C 9 -21.38 18.91 0.20
CA ILE C 9 -20.63 18.60 -1.01
C ILE C 9 -21.57 18.63 -2.18
N HIS C 10 -21.23 19.45 -3.19
CA HIS C 10 -22.08 19.64 -4.35
C HIS C 10 -22.16 18.37 -5.21
N GLY C 11 -23.23 18.29 -6.00
CA GLY C 11 -23.39 17.25 -7.00
C GLY C 11 -22.81 17.68 -8.33
N ALA C 12 -23.20 16.96 -9.37
CA ALA C 12 -22.55 17.17 -10.65
C ALA C 12 -22.89 18.55 -11.22
N LEU C 13 -21.92 19.13 -11.94
CA LEU C 13 -22.00 20.44 -12.59
C LEU C 13 -22.30 21.59 -11.63
N ASN C 14 -22.17 21.39 -10.31
CA ASN C 14 -22.47 22.42 -9.33
C ASN C 14 -21.20 22.89 -8.65
N ARG C 15 -21.36 23.88 -7.77
CA ARG C 15 -20.29 24.42 -6.94
C ARG C 15 -20.79 24.56 -5.50
N GLY C 16 -19.86 24.72 -4.55
CA GLY C 16 -20.26 24.79 -3.15
C GLY C 16 -21.19 25.95 -2.84
N ALA C 17 -21.16 27.01 -3.67
CA ALA C 17 -22.03 28.17 -3.51
C ALA C 17 -23.50 27.79 -3.59
N CYS C 18 -23.84 26.66 -4.21
CA CYS C 18 -25.23 26.26 -4.25
C CYS C 18 -25.84 26.09 -2.86
N TYR C 19 -25.03 25.89 -1.81
CA TYR C 19 -25.52 25.71 -0.44
C TYR C 19 -25.70 27.04 0.32
N ASP C 20 -25.57 28.17 -0.37
CA ASP C 20 -25.38 29.46 0.27
C ASP C 20 -26.51 29.84 1.21
N ALA C 21 -27.72 29.32 0.97
CA ALA C 21 -28.85 29.62 1.83
C ALA C 21 -28.87 28.76 3.08
N VAL C 22 -28.15 27.65 3.09
CA VAL C 22 -28.14 26.71 4.21
C VAL C 22 -26.96 26.95 5.15
N VAL C 23 -25.78 27.26 4.61
CA VAL C 23 -24.58 27.41 5.44
C VAL C 23 -24.81 28.34 6.63
N PRO C 24 -25.33 29.57 6.47
CA PRO C 24 -25.58 30.40 7.66
C PRO C 24 -26.53 29.77 8.68
N LEU C 25 -27.54 29.04 8.21
CA LEU C 25 -28.48 28.42 9.12
C LEU C 25 -27.80 27.33 9.94
N LEU C 26 -26.90 26.56 9.33
CA LEU C 26 -26.17 25.54 10.08
C LEU C 26 -25.14 26.18 11.01
N GLU C 27 -24.57 27.33 10.63
CA GLU C 27 -23.66 27.99 11.54
C GLU C 27 -24.38 28.52 12.77
N ALA C 28 -25.67 28.83 12.67
CA ALA C 28 -26.43 29.27 13.83
C ALA C 28 -26.71 28.14 14.81
N ARG C 29 -26.50 26.90 14.40
CA ARG C 29 -26.49 25.76 15.31
C ARG C 29 -25.11 25.52 15.90
N GLY C 30 -24.26 26.55 15.95
CA GLY C 30 -22.91 26.41 16.45
C GLY C 30 -22.11 25.33 15.76
N TYR C 31 -21.83 25.50 14.47
CA TYR C 31 -20.97 24.59 13.74
C TYR C 31 -20.09 25.38 12.78
N ARG C 32 -18.82 24.98 12.67
CA ARG C 32 -18.05 25.36 11.50
C ARG C 32 -18.59 24.58 10.31
N VAL C 33 -19.07 25.30 9.29
CA VAL C 33 -19.74 24.69 8.15
C VAL C 33 -18.88 24.93 6.91
N HIS C 34 -18.92 23.98 5.99
CA HIS C 34 -18.06 24.02 4.82
C HIS C 34 -18.85 23.57 3.61
N ALA C 35 -18.66 24.27 2.48
CA ALA C 35 -19.25 23.88 1.20
C ALA C 35 -18.20 24.06 0.12
N PRO C 36 -17.25 23.13 0.03
CA PRO C 36 -16.08 23.36 -0.81
C PRO C 36 -16.36 22.97 -2.25
N ASP C 37 -15.61 23.58 -3.17
CA ASP C 37 -15.54 23.11 -4.53
C ASP C 37 -14.69 21.86 -4.58
N LEU C 38 -15.18 20.80 -5.19
CA LEU C 38 -14.29 19.67 -5.42
C LEU C 38 -13.27 20.05 -6.48
N THR C 39 -12.32 19.17 -6.75
CA THR C 39 -11.31 19.46 -7.75
C THR C 39 -11.95 19.61 -9.11
N GLY C 40 -11.59 20.68 -9.81
CA GLY C 40 -12.14 20.94 -11.12
C GLY C 40 -13.42 21.75 -11.13
N HIS C 41 -13.95 22.10 -9.96
CA HIS C 41 -15.19 22.84 -9.86
C HIS C 41 -14.95 24.30 -9.45
N THR C 42 -13.72 24.80 -9.61
CA THR C 42 -13.45 26.21 -9.42
C THR C 42 -12.90 26.76 -10.73
N PRO C 43 -13.58 27.72 -11.36
CA PRO C 43 -13.37 28.00 -12.78
C PRO C 43 -11.91 28.26 -13.10
N GLY C 44 -11.41 27.60 -14.15
CA GLY C 44 -10.02 27.71 -14.54
C GLY C 44 -9.06 27.23 -13.47
N ASP C 45 -9.22 25.98 -13.03
CA ASP C 45 -8.22 25.34 -12.18
C ASP C 45 -7.62 24.11 -12.83
N GLY C 46 -8.01 23.81 -14.06
CA GLY C 46 -7.71 22.54 -14.66
C GLY C 46 -8.98 22.00 -15.29
N GLY C 47 -10.08 22.10 -14.55
CA GLY C 47 -11.35 21.65 -15.08
C GLY C 47 -11.46 20.14 -15.09
N HIS C 48 -12.36 19.65 -15.94
CA HIS C 48 -12.80 18.26 -15.82
C HIS C 48 -11.69 17.27 -16.18
N LEU C 49 -10.82 17.60 -17.13
CA LEU C 49 -9.76 16.65 -17.50
C LEU C 49 -8.61 16.62 -16.49
N SER C 50 -8.53 17.59 -15.57
CA SER C 50 -7.53 17.57 -14.52
C SER C 50 -7.85 16.59 -13.38
N VAL C 51 -8.99 15.91 -13.43
CA VAL C 51 -9.38 15.01 -12.35
C VAL C 51 -8.68 13.66 -12.52
N VAL C 52 -7.83 13.31 -11.56
CA VAL C 52 -7.12 12.03 -11.62
C VAL C 52 -8.02 10.90 -11.09
N ASP C 53 -8.59 11.07 -9.92
CA ASP C 53 -9.25 9.96 -9.23
C ASP C 53 -10.08 10.54 -8.10
N GLU C 55 -9.49 10.43 -4.97
CA GLU C 55 -8.65 11.05 -3.95
C GLU C 55 -8.33 12.48 -4.34
N HIS C 56 -7.93 12.67 -5.59
CA HIS C 56 -7.78 14.01 -6.13
C HIS C 56 -9.11 14.76 -6.10
N TYR C 57 -10.17 14.11 -6.59
CA TYR C 57 -11.47 14.77 -6.67
C TYR C 57 -11.96 15.22 -5.28
N THR C 58 -11.74 14.41 -4.24
CA THR C 58 -12.29 14.72 -2.93
C THR C 58 -11.28 15.39 -2.00
N ARG C 59 -10.09 15.73 -2.50
CA ARG C 59 -9.04 16.28 -1.67
C ARG C 59 -9.42 17.55 -0.91
N PRO C 60 -10.16 18.53 -1.48
CA PRO C 60 -10.50 19.70 -0.65
C PRO C 60 -11.29 19.29 0.59
N VAL C 61 -12.03 18.18 0.53
CA VAL C 61 -12.72 17.71 1.73
C VAL C 61 -11.74 17.08 2.70
N ALA C 62 -10.87 16.18 2.19
CA ALA C 62 -9.85 15.57 3.04
C ALA C 62 -9.10 16.61 3.85
N ASP C 63 -8.74 17.72 3.21
CA ASP C 63 -8.00 18.75 3.93
C ASP C 63 -8.84 19.34 5.05
N ILE C 64 -10.12 19.62 4.79
CA ILE C 64 -10.97 20.14 5.86
C ILE C 64 -10.94 19.21 7.05
N LEU C 65 -10.99 17.89 6.79
CA LEU C 65 -11.07 16.91 7.87
C LEU C 65 -9.80 16.88 8.70
N ALA C 66 -8.62 16.91 8.05
CA ALA C 66 -7.37 16.97 8.78
C ALA C 66 -7.32 18.18 9.71
N ARG C 67 -7.97 19.28 9.34
CA ARG C 67 -7.87 20.52 10.08
C ARG C 67 -8.86 20.60 11.24
N ALA C 68 -9.92 19.79 11.22
CA ALA C 68 -11.05 20.01 12.10
C ALA C 68 -10.81 19.44 13.49
N GLU C 69 -11.22 20.20 14.51
CA GLU C 69 -10.89 19.87 15.90
C GLU C 69 -11.50 18.54 16.32
N GLY C 70 -12.83 18.44 16.25
CA GLY C 70 -13.53 17.21 16.61
C GLY C 70 -13.87 16.37 15.39
N GLN C 71 -15.08 15.83 15.31
CA GLN C 71 -15.48 14.98 14.19
C GLN C 71 -16.42 15.73 13.24
N SER C 72 -16.70 15.11 12.08
CA SER C 72 -17.38 15.80 10.98
C SER C 72 -18.56 15.01 10.40
N ILE C 73 -19.56 15.76 9.96
CA ILE C 73 -20.70 15.22 9.21
C ILE C 73 -20.48 15.52 7.72
N LEU C 74 -20.84 14.57 6.85
CA LEU C 74 -20.61 14.68 5.41
C LEU C 74 -21.91 14.51 4.65
N LEU C 75 -22.31 15.54 3.92
CA LEU C 75 -23.55 15.51 3.14
C LEU C 75 -23.21 15.58 1.66
N GLY C 76 -23.78 14.67 0.89
CA GLY C 76 -23.62 14.72 -0.54
C GLY C 76 -24.94 15.00 -1.23
N HIS C 77 -24.97 15.94 -2.17
CA HIS C 77 -26.15 16.13 -3.02
C HIS C 77 -25.92 15.39 -4.33
N SER C 78 -26.93 14.63 -4.76
N SER C 78 -26.91 14.64 -4.80
CA SER C 78 -26.92 13.95 -6.05
CA SER C 78 -26.89 14.05 -6.12
C SER C 78 -25.67 13.10 -6.26
C SER C 78 -25.65 13.17 -6.29
N LEU C 79 -24.92 13.38 -7.32
CA LEU C 79 -23.67 12.64 -7.55
C LEU C 79 -22.71 12.77 -6.37
N GLY C 80 -22.80 13.85 -5.60
CA GLY C 80 -21.99 14.04 -4.41
C GLY C 80 -22.08 12.90 -3.41
N GLY C 81 -23.05 11.99 -3.55
CA GLY C 81 -23.08 10.85 -2.66
C GLY C 81 -21.99 9.84 -2.96
N ALA C 82 -21.52 9.80 -4.21
CA ALA C 82 -20.37 8.97 -4.53
C ALA C 82 -19.14 9.47 -3.80
N SER C 83 -19.00 10.79 -3.68
CA SER C 83 -17.82 11.34 -3.02
C SER C 83 -17.84 11.06 -1.52
N ILE C 84 -18.96 11.31 -0.83
CA ILE C 84 -18.96 11.14 0.62
C ILE C 84 -18.77 9.68 0.98
N SER C 85 -19.19 8.76 0.11
CA SER C 85 -18.92 7.35 0.32
C SER C 85 -17.42 7.06 0.23
N TRP C 86 -16.75 7.67 -0.75
CA TRP C 86 -15.32 7.47 -0.86
C TRP C 86 -14.59 8.06 0.33
N LEU C 87 -15.01 9.25 0.75
CA LEU C 87 -14.36 9.86 1.91
C LEU C 87 -14.62 9.06 3.19
N ALA C 88 -15.81 8.44 3.30
CA ALA C 88 -16.10 7.55 4.42
C ALA C 88 -15.08 6.43 4.50
N GLN C 89 -14.85 5.74 3.38
CA GLN C 89 -13.94 4.61 3.38
C GLN C 89 -12.53 5.00 3.85
N HIS C 90 -12.07 6.20 3.48
CA HIS C 90 -10.65 6.55 3.64
C HIS C 90 -10.35 7.48 4.79
N HIS C 91 -11.34 8.15 5.40
CA HIS C 91 -11.13 8.86 6.65
C HIS C 91 -12.19 8.47 7.70
N PRO C 92 -12.36 7.18 7.98
CA PRO C 92 -13.38 6.77 8.95
C PRO C 92 -13.16 7.36 10.33
N ASP C 93 -11.91 7.52 10.74
CA ASP C 93 -11.62 7.98 12.09
C ASP C 93 -12.13 9.40 12.33
N LYS C 94 -12.75 10.02 11.32
CA LYS C 94 -13.14 11.43 11.41
C LYS C 94 -14.53 11.73 10.86
N VAL C 95 -15.29 10.73 10.42
CA VAL C 95 -16.62 10.94 9.89
C VAL C 95 -17.64 10.31 10.84
N ALA C 96 -18.42 11.16 11.51
CA ALA C 96 -19.44 10.72 12.47
C ALA C 96 -20.77 10.33 11.84
N GLY C 97 -20.96 10.61 10.54
CA GLY C 97 -22.22 10.29 9.89
C GLY C 97 -22.23 10.78 8.46
N LEU C 98 -23.03 10.16 7.60
CA LEU C 98 -23.15 10.55 6.21
C LEU C 98 -24.59 10.98 5.92
N ILE C 99 -24.76 12.07 5.18
CA ILE C 99 -26.10 12.50 4.77
C ILE C 99 -26.18 12.45 3.25
N TYR C 100 -27.13 11.66 2.74
CA TYR C 100 -27.32 11.46 1.31
C TYR C 100 -28.55 12.27 0.94
N LEU C 101 -28.32 13.50 0.49
CA LEU C 101 -29.40 14.43 0.12
C LEU C 101 -29.78 14.14 -1.32
N THR C 102 -30.89 13.42 -1.49
CA THR C 102 -31.33 12.83 -2.75
C THR C 102 -30.13 12.49 -3.61
N ALA C 103 -29.20 11.74 -3.03
CA ALA C 103 -27.91 11.49 -3.67
C ALA C 103 -27.80 10.05 -4.14
N VAL C 104 -26.68 9.75 -4.77
CA VAL C 104 -26.42 8.37 -5.14
C VAL C 104 -25.83 7.68 -3.91
N LEU C 105 -26.42 6.55 -3.56
CA LEU C 105 -25.98 5.70 -2.45
C LEU C 105 -25.91 4.32 -3.07
N THR C 106 -24.71 3.90 -3.48
CA THR C 106 -24.51 2.56 -4.03
C THR C 106 -23.97 1.65 -2.94
N ALA C 107 -24.08 0.35 -3.17
CA ALA C 107 -23.48 -0.60 -2.25
C ALA C 107 -21.98 -0.74 -2.54
N PRO C 108 -21.18 -1.24 -1.59
CA PRO C 108 -19.76 -1.46 -1.87
C PRO C 108 -19.58 -2.29 -3.14
N GLY C 109 -18.64 -1.85 -3.97
CA GLY C 109 -18.43 -2.45 -5.28
C GLY C 109 -19.39 -2.04 -6.38
N VAL C 110 -20.43 -1.24 -6.08
CA VAL C 110 -21.42 -0.83 -7.07
C VAL C 110 -21.11 0.59 -7.51
N THR C 111 -21.09 0.83 -8.88
CA THR C 111 -20.82 2.21 -9.24
C THR C 111 -22.11 3.02 -9.42
N PRO C 112 -22.04 4.35 -9.31
CA PRO C 112 -23.26 5.18 -9.51
C PRO C 112 -23.95 4.96 -10.85
N GLU C 113 -23.24 4.43 -11.85
CA GLU C 113 -23.82 4.16 -13.16
C GLU C 113 -24.99 3.19 -13.09
N THR C 114 -25.05 2.34 -12.06
CA THR C 114 -26.10 1.33 -11.97
C THR C 114 -27.48 1.96 -11.97
N PHE C 115 -27.68 3.00 -11.16
CA PHE C 115 -28.98 3.65 -11.00
C PHE C 115 -29.20 4.81 -11.94
N VAL C 116 -28.16 5.26 -12.65
CA VAL C 116 -28.31 6.38 -13.56
C VAL C 116 -28.83 5.90 -14.91
N LEU C 117 -28.38 4.67 -15.35
CA LEU C 117 -28.63 4.00 -16.62
C LEU C 117 -29.88 3.11 -16.53
N PRO C 118 -30.57 2.90 -17.66
CA PRO C 118 -31.79 2.07 -17.64
C PRO C 118 -31.52 0.67 -17.11
N GLY C 119 -32.52 0.12 -16.44
CA GLY C 119 -32.42 -1.22 -15.87
C GLY C 119 -33.52 -1.49 -14.86
N GLU C 120 -33.50 -2.72 -14.33
CA GLU C 120 -34.48 -3.13 -13.32
C GLU C 120 -33.81 -3.68 -12.04
N PRO C 121 -34.46 -3.47 -10.88
CA PRO C 121 -35.69 -2.69 -10.75
C PRO C 121 -35.43 -1.25 -10.34
N ASN C 122 -36.28 -0.32 -10.79
CA ASN C 122 -36.28 1.04 -10.27
C ASN C 122 -34.91 1.70 -10.42
N ARG C 123 -34.43 1.68 -11.65
CA ARG C 123 -33.15 2.23 -12.06
C ARG C 123 -33.40 3.11 -13.27
N GLY C 124 -32.70 4.23 -13.32
CA GLY C 124 -32.77 5.14 -14.44
C GLY C 124 -32.98 6.59 -14.07
N THR C 125 -32.05 7.49 -14.48
CA THR C 125 -32.30 8.93 -14.46
C THR C 125 -32.41 9.48 -15.90
N PRO C 126 -33.44 9.10 -16.68
CA PRO C 126 -33.42 9.47 -18.11
C PRO C 126 -33.59 10.95 -18.38
N HIS C 127 -34.15 11.71 -17.46
CA HIS C 127 -34.20 13.17 -17.63
C HIS C 127 -32.81 13.75 -17.64
N ALA C 128 -31.98 13.34 -16.68
CA ALA C 128 -30.63 13.88 -16.64
C ALA C 128 -29.81 13.37 -17.81
N LEU C 129 -30.03 12.10 -18.23
CA LEU C 129 -29.30 11.57 -19.40
C LEU C 129 -29.71 12.27 -20.69
N ASP C 130 -30.96 12.71 -20.78
CA ASP C 130 -31.43 13.39 -21.97
C ASP C 130 -30.87 14.80 -22.07
N LEU C 131 -30.67 15.45 -20.93
CA LEU C 131 -30.24 16.84 -20.85
C LEU C 131 -28.75 17.04 -20.65
N ILE C 132 -28.02 16.01 -20.21
CA ILE C 132 -26.57 16.08 -20.01
C ILE C 132 -25.95 15.15 -21.02
N GLN C 133 -25.08 15.68 -21.86
CA GLN C 133 -24.50 14.87 -22.90
C GLN C 133 -23.01 14.69 -22.70
N PRO C 134 -22.46 13.54 -23.10
CA PRO C 134 -21.00 13.30 -22.98
C PRO C 134 -20.16 14.19 -23.87
N VAL C 135 -18.98 14.56 -23.38
CA VAL C 135 -17.97 15.23 -24.18
C VAL C 135 -16.59 14.60 -23.91
N ASP C 136 -15.67 14.88 -24.84
CA ASP C 136 -14.27 14.49 -24.69
C ASP C 136 -14.12 12.99 -24.48
N GLU C 137 -14.71 12.22 -25.39
CA GLU C 137 -14.53 10.77 -25.43
C GLU C 137 -14.82 10.14 -24.08
N GLY C 138 -15.94 10.55 -23.47
CA GLY C 138 -16.41 9.91 -22.25
C GLY C 138 -15.83 10.46 -20.97
N ARG C 139 -14.97 11.47 -21.03
CA ARG C 139 -14.39 11.99 -19.80
C ARG C 139 -15.14 13.19 -19.24
N GLY C 140 -16.02 13.81 -20.01
CA GLY C 140 -16.73 14.99 -19.56
C GLY C 140 -18.22 14.87 -19.84
N LEU C 141 -18.98 15.76 -19.18
CA LEU C 141 -20.42 15.83 -19.31
C LEU C 141 -20.80 17.29 -19.38
N GLN C 142 -21.76 17.62 -20.23
CA GLN C 142 -22.13 19.01 -20.46
C GLN C 142 -23.61 19.09 -20.78
N ALA C 143 -24.26 20.10 -20.22
CA ALA C 143 -25.69 20.27 -20.37
C ALA C 143 -26.02 20.74 -21.78
N ASP C 144 -27.15 20.25 -22.32
CA ASP C 144 -27.62 20.66 -23.63
C ASP C 144 -28.25 22.05 -23.53
N PHE C 145 -27.47 23.08 -23.89
CA PHE C 145 -27.92 24.44 -23.72
C PHE C 145 -28.86 24.91 -24.84
N SER C 146 -29.17 24.08 -25.82
CA SER C 146 -30.24 24.43 -26.74
C SER C 146 -31.63 24.20 -26.14
N ARG C 147 -31.72 23.73 -24.89
CA ARG C 147 -33.01 23.49 -24.26
C ARG C 147 -32.98 24.10 -22.86
N LEU C 148 -32.95 25.43 -22.82
CA LEU C 148 -32.71 26.05 -21.52
C LEU C 148 -33.93 25.99 -20.60
N GLU C 149 -35.14 26.22 -21.10
CA GLU C 149 -36.28 26.16 -20.18
C GLU C 149 -36.43 24.78 -19.58
N ARG C 150 -36.12 23.76 -20.37
CA ARG C 150 -36.15 22.39 -19.88
C ARG C 150 -35.11 22.17 -18.79
N LEU C 151 -33.89 22.67 -19.00
CA LEU C 151 -32.88 22.58 -17.95
C LEU C 151 -33.37 23.20 -16.63
N ARG C 152 -34.02 24.36 -16.75
CA ARG C 152 -34.47 25.09 -15.56
C ARG C 152 -35.56 24.34 -14.83
N GLU C 153 -36.51 23.76 -15.57
CA GLU C 153 -37.62 23.11 -14.88
C GLU C 153 -37.27 21.73 -14.36
N VAL C 154 -36.19 21.11 -14.87
CA VAL C 154 -35.76 19.82 -14.34
C VAL C 154 -34.79 19.97 -13.16
N PHE C 155 -33.82 20.87 -13.24
CA PHE C 155 -32.78 20.94 -12.22
C PHE C 155 -32.95 22.09 -11.24
N GLY C 157 -36.02 23.96 -10.69
CA GLY C 157 -37.39 24.34 -10.44
C GLY C 157 -37.63 24.74 -9.00
N ASP C 158 -36.72 24.39 -8.10
CA ASP C 158 -36.82 24.79 -6.70
C ASP C 158 -36.33 26.20 -6.45
N TYR C 159 -35.72 26.86 -7.43
CA TYR C 159 -35.18 28.17 -7.15
C TYR C 159 -36.33 29.17 -7.07
N PRO C 160 -36.42 29.95 -5.96
CA PRO C 160 -37.68 30.63 -5.58
C PRO C 160 -38.09 31.79 -6.48
N GLY C 161 -38.52 31.51 -7.71
CA GLY C 161 -38.72 32.56 -8.66
C GLY C 161 -37.43 33.35 -8.86
N GLU C 162 -37.58 34.66 -9.09
CA GLU C 162 -36.44 35.59 -9.12
C GLU C 162 -35.38 35.12 -10.11
N GLY C 163 -35.83 34.60 -11.24
CA GLY C 163 -34.89 34.07 -12.22
C GLY C 163 -34.27 32.73 -11.81
N PRO C 165 -30.54 30.41 -10.70
CA PRO C 165 -29.46 30.62 -9.73
C PRO C 165 -28.29 31.33 -10.36
N PRO C 166 -27.50 32.05 -9.55
CA PRO C 166 -26.33 32.78 -10.10
C PRO C 166 -25.32 31.86 -10.78
N ALA C 167 -24.45 32.49 -11.58
CA ALA C 167 -23.39 31.77 -12.28
C ALA C 167 -22.47 31.03 -11.31
N GLU C 168 -22.28 31.57 -10.10
CA GLU C 168 -21.29 31.01 -9.18
C GLU C 168 -21.68 29.62 -8.69
N HIS C 169 -22.93 29.21 -8.88
CA HIS C 169 -23.35 27.89 -8.47
C HIS C 169 -22.92 26.79 -9.44
N PHE C 170 -22.54 27.12 -10.67
CA PHE C 170 -22.41 26.11 -11.73
C PHE C 170 -21.01 26.10 -12.35
N ILE C 171 -20.77 25.04 -13.16
CA ILE C 171 -19.61 24.91 -14.05
C ILE C 171 -20.06 24.31 -15.36
N GLN C 172 -19.19 24.41 -16.36
CA GLN C 172 -19.58 24.01 -17.73
C GLN C 172 -19.43 22.52 -17.99
N THR C 173 -18.40 21.88 -17.45
CA THR C 173 -18.10 20.49 -17.83
C THR C 173 -17.73 19.67 -16.60
N GLN C 174 -18.34 18.48 -16.48
CA GLN C 174 -18.22 17.62 -15.31
C GLN C 174 -17.41 16.37 -15.61
N SER C 175 -16.45 16.07 -14.76
CA SER C 175 -15.66 14.84 -14.86
C SER C 175 -16.53 13.61 -14.63
N THR C 176 -16.38 12.61 -15.49
CA THR C 176 -17.09 11.36 -15.29
C THR C 176 -16.35 10.40 -14.33
N VAL C 177 -15.35 10.87 -13.59
CA VAL C 177 -14.59 10.06 -12.63
C VAL C 177 -15.55 9.49 -11.60
N PRO C 178 -16.31 10.31 -10.82
CA PRO C 178 -17.15 9.75 -9.74
C PRO C 178 -18.27 8.84 -10.23
N PHE C 179 -18.65 8.90 -11.50
CA PHE C 179 -19.72 8.04 -11.99
C PHE C 179 -19.28 6.59 -12.17
N GLY C 180 -17.98 6.34 -12.34
CA GLY C 180 -17.53 5.01 -12.71
C GLY C 180 -16.72 4.31 -11.65
N THR C 181 -16.52 4.96 -10.51
CA THR C 181 -15.76 4.38 -9.41
C THR C 181 -16.73 3.64 -8.49
N PRO C 182 -16.53 2.36 -8.24
CA PRO C 182 -17.40 1.66 -7.29
C PRO C 182 -17.17 2.19 -5.89
N ASN C 183 -18.20 2.06 -5.04
CA ASN C 183 -18.06 2.37 -3.64
C ASN C 183 -16.99 1.48 -3.01
N PRO C 184 -15.90 2.04 -2.48
CA PRO C 184 -14.89 1.22 -1.80
C PRO C 184 -15.12 1.02 -0.31
N GLU C 186 -16.00 -0.56 3.24
CA GLU C 186 -15.88 -1.89 3.83
C GLU C 186 -15.47 -1.76 5.29
N GLY C 187 -16.07 -2.59 6.14
CA GLY C 187 -15.70 -2.66 7.54
C GLY C 187 -15.96 -1.44 8.40
N ARG C 188 -14.89 -0.74 8.79
CA ARG C 188 -15.00 0.47 9.61
C ARG C 188 -16.01 1.45 9.06
N ALA C 189 -16.01 1.62 7.74
CA ALA C 189 -16.86 2.62 7.09
C ALA C 189 -18.34 2.30 7.25
N LEU C 190 -18.70 1.02 7.22
CA LEU C 190 -20.10 0.65 7.27
C LEU C 190 -20.69 0.74 8.66
N GLU C 191 -19.93 1.19 9.65
CA GLU C 191 -20.49 1.42 10.97
C GLU C 191 -20.94 2.85 11.18
N ILE C 192 -20.57 3.76 10.28
CA ILE C 192 -20.97 5.17 10.40
C ILE C 192 -22.47 5.29 10.10
N PRO C 193 -23.25 6.01 10.92
CA PRO C 193 -24.69 6.10 10.66
C PRO C 193 -24.95 6.80 9.34
N ARG C 194 -25.91 6.29 8.61
CA ARG C 194 -26.30 6.82 7.31
C ARG C 194 -27.72 7.37 7.38
N LEU C 195 -27.91 8.54 6.76
CA LEU C 195 -29.19 9.22 6.67
C LEU C 195 -29.44 9.60 5.23
N TYR C 196 -30.57 9.16 4.68
CA TYR C 196 -31.04 9.57 3.36
C TYR C 196 -32.15 10.60 3.53
N ILE C 197 -31.91 11.82 3.07
CA ILE C 197 -32.93 12.87 3.00
C ILE C 197 -33.53 12.81 1.61
N GLU C 198 -34.77 12.32 1.52
CA GLU C 198 -35.43 12.14 0.23
C GLU C 198 -36.02 13.43 -0.32
N ALA C 199 -35.91 13.59 -1.66
CA ALA C 199 -36.63 14.63 -2.40
C ALA C 199 -37.85 13.98 -3.09
N LEU C 200 -39.03 14.16 -2.49
CA LEU C 200 -40.22 13.45 -2.94
C LEU C 200 -40.60 13.76 -4.39
N ASP C 201 -40.36 14.98 -4.84
CA ASP C 201 -40.84 15.40 -6.15
C ASP C 201 -39.69 15.58 -7.15
N ASP C 202 -38.56 14.90 -6.90
CA ASP C 202 -37.42 14.92 -7.83
C ASP C 202 -37.75 14.22 -9.16
N VAL C 203 -37.45 14.86 -10.29
CA VAL C 203 -37.59 14.18 -11.58
C VAL C 203 -36.26 13.94 -12.26
N VAL C 204 -35.19 14.54 -11.76
CA VAL C 204 -33.84 14.09 -12.08
C VAL C 204 -33.62 12.66 -11.58
N LEU C 205 -33.89 12.47 -10.30
CA LEU C 205 -33.64 11.23 -9.56
C LEU C 205 -34.97 10.83 -8.94
N PRO C 206 -35.76 10.03 -9.63
CA PRO C 206 -37.11 9.72 -9.18
C PRO C 206 -37.12 9.02 -7.84
N ILE C 207 -38.21 9.23 -7.09
CA ILE C 207 -38.27 8.74 -5.71
C ILE C 207 -38.24 7.23 -5.70
N ALA C 208 -38.75 6.59 -6.75
CA ALA C 208 -38.58 5.14 -6.89
C ALA C 208 -37.10 4.75 -6.92
N VAL C 209 -36.27 5.54 -7.59
CA VAL C 209 -34.85 5.22 -7.63
C VAL C 209 -34.19 5.52 -6.29
N GLN C 210 -34.51 6.68 -5.70
CA GLN C 210 -34.04 7.01 -4.35
C GLN C 210 -34.29 5.87 -3.38
N ARG C 211 -35.52 5.36 -3.35
CA ARG C 211 -35.86 4.31 -2.39
C ARG C 211 -35.21 2.99 -2.77
N GLN C 212 -35.15 2.70 -4.07
CA GLN C 212 -34.47 1.49 -4.52
C GLN C 212 -33.04 1.44 -4.01
N GLN C 214 -31.73 3.00 -1.45
CA GLN C 214 -31.85 2.80 -0.01
C GLN C 214 -32.04 1.32 0.32
N LYS C 215 -32.97 0.69 -0.38
CA LYS C 215 -33.29 -0.70 -0.11
C LYS C 215 -32.10 -1.60 -0.36
N GLU C 216 -31.40 -1.39 -1.48
CA GLU C 216 -30.35 -2.32 -1.88
C GLU C 216 -29.08 -2.20 -1.06
N PHE C 217 -28.99 -1.19 -0.11
CA PHE C 217 -27.72 -0.99 0.57
C PHE C 217 -27.66 -1.80 1.86
N PRO C 218 -26.53 -2.45 2.16
CA PRO C 218 -26.47 -3.32 3.35
C PRO C 218 -26.45 -2.48 4.62
N GLY C 219 -27.32 -2.83 5.55
CA GLY C 219 -27.35 -2.15 6.83
C GLY C 219 -28.45 -1.12 6.89
N PRO C 220 -28.71 -0.59 8.08
CA PRO C 220 -29.80 0.37 8.23
C PRO C 220 -29.44 1.72 7.63
N VAL C 221 -30.47 2.37 7.06
CA VAL C 221 -30.35 3.71 6.53
C VAL C 221 -31.51 4.52 7.07
N ALA C 222 -31.21 5.54 7.87
CA ALA C 222 -32.26 6.41 8.35
C ALA C 222 -32.76 7.28 7.22
N VAL C 223 -34.03 7.68 7.29
CA VAL C 223 -34.65 8.39 6.17
C VAL C 223 -35.60 9.46 6.69
N VAL C 224 -35.52 10.64 6.11
CA VAL C 224 -36.55 11.65 6.31
C VAL C 224 -36.80 12.26 4.93
N SER C 225 -38.05 12.64 4.69
CA SER C 225 -38.56 12.89 3.34
C SER C 225 -38.92 14.35 3.20
N LEU C 226 -38.25 15.05 2.25
CA LEU C 226 -38.64 16.45 2.08
C LEU C 226 -39.63 16.58 0.92
N PRO C 227 -40.62 17.49 1.05
CA PRO C 227 -41.50 17.78 -0.07
C PRO C 227 -40.85 18.73 -1.08
N ALA C 228 -39.75 18.28 -1.72
CA ALA C 228 -39.00 19.10 -2.66
C ALA C 228 -38.73 18.36 -3.97
N SER C 229 -38.38 19.15 -5.01
CA SER C 229 -37.82 18.61 -6.25
C SER C 229 -36.32 18.39 -6.09
N HIS C 230 -35.52 18.59 -7.15
CA HIS C 230 -34.12 18.18 -7.11
C HIS C 230 -33.23 19.01 -6.17
N ALA C 231 -33.58 20.23 -5.79
CA ALA C 231 -32.67 21.08 -5.00
C ALA C 231 -33.32 21.63 -3.73
N PRO C 232 -33.46 20.80 -2.69
CA PRO C 232 -34.06 21.30 -1.45
C PRO C 232 -33.28 22.42 -0.77
N TYR C 233 -31.98 22.54 -1.05
CA TYR C 233 -31.21 23.66 -0.53
C TYR C 233 -31.59 25.00 -1.16
N TYR C 234 -32.34 24.99 -2.28
CA TYR C 234 -32.95 26.23 -2.77
C TYR C 234 -34.30 26.49 -2.15
N SER C 235 -35.16 25.46 -2.11
CA SER C 235 -36.58 25.69 -1.88
C SER C 235 -36.98 25.57 -0.41
N PRO C 237 -34.50 25.65 2.63
CA PRO C 237 -33.25 25.57 3.39
C PRO C 237 -33.46 25.47 4.90
N GLU C 238 -34.55 26.02 5.43
CA GLU C 238 -34.79 25.93 6.87
C GLU C 238 -35.15 24.51 7.27
N ARG C 239 -36.15 23.93 6.58
CA ARG C 239 -36.51 22.54 6.85
C ARG C 239 -35.34 21.62 6.62
N LEU C 240 -34.54 21.90 5.59
CA LEU C 240 -33.38 21.06 5.30
C LEU C 240 -32.30 21.24 6.36
N ALA C 241 -32.04 22.48 6.77
CA ALA C 241 -31.05 22.71 7.81
C ALA C 241 -31.46 22.01 9.10
N GLU C 242 -32.72 22.17 9.50
CA GLU C 242 -33.17 21.56 10.75
C GLU C 242 -32.92 20.06 10.73
N ALA C 243 -33.18 19.41 9.60
CA ALA C 243 -32.95 17.98 9.54
C ALA C 243 -31.47 17.66 9.63
N ILE C 244 -30.62 18.44 8.96
CA ILE C 244 -29.20 18.18 9.00
C ILE C 244 -28.65 18.42 10.40
N ALA C 245 -29.13 19.46 11.09
CA ALA C 245 -28.56 19.78 12.40
C ALA C 245 -28.93 18.73 13.42
N ASP C 246 -30.21 18.38 13.50
CA ASP C 246 -30.66 17.28 14.36
C ASP C 246 -29.82 16.03 14.17
N PHE C 247 -29.43 15.71 12.93
CA PHE C 247 -28.56 14.56 12.72
C PHE C 247 -27.18 14.81 13.28
N ALA C 248 -26.64 16.01 13.09
CA ALA C 248 -25.33 16.33 13.65
C ALA C 248 -25.36 16.37 15.17
N ASP C 249 -26.48 16.81 15.75
CA ASP C 249 -26.54 16.97 17.20
C ASP C 249 -26.48 15.61 17.92
N ALA C 250 -26.92 14.53 17.27
CA ALA C 250 -26.74 13.17 17.79
C ALA C 250 -26.97 12.14 16.69
N PRO C 251 -25.92 11.72 15.99
CA PRO C 251 -26.12 10.89 14.78
C PRO C 251 -26.79 9.53 14.97
N ALA C 252 -26.26 8.72 15.87
CA ALA C 252 -26.74 7.36 16.11
C ALA C 252 -28.20 7.18 16.51
N GLU C 253 -28.80 8.22 17.07
CA GLU C 253 -30.19 8.11 17.49
C GLU C 253 -31.20 8.45 16.42
N TYR C 254 -30.75 8.92 15.28
CA TYR C 254 -31.67 9.29 14.21
C TYR C 254 -32.40 8.10 13.62
N THR D 2 7.02 -28.91 -10.97
CA THR D 2 6.60 -27.63 -10.40
C THR D 2 7.80 -26.87 -9.89
N VAL D 3 8.43 -27.40 -8.85
CA VAL D 3 9.59 -26.75 -8.26
C VAL D 3 10.76 -26.86 -9.22
N THR D 4 11.32 -25.71 -9.60
CA THR D 4 12.39 -25.66 -10.58
C THR D 4 13.64 -24.99 -10.04
N ASP D 5 13.54 -24.16 -9.00
CA ASP D 5 14.67 -23.38 -8.52
C ASP D 5 14.83 -23.55 -7.01
N ILE D 6 16.07 -23.80 -6.59
CA ILE D 6 16.42 -23.76 -5.18
C ILE D 6 17.37 -22.60 -4.99
N ILE D 7 17.13 -21.80 -3.95
CA ILE D 7 17.89 -20.58 -3.71
C ILE D 7 18.47 -20.66 -2.32
N LEU D 8 19.79 -20.81 -2.24
CA LEU D 8 20.51 -20.95 -0.98
C LEU D 8 20.95 -19.58 -0.51
N ILE D 9 20.53 -19.19 0.68
CA ILE D 9 20.79 -17.87 1.19
C ILE D 9 21.72 -17.99 2.39
N HIS D 10 22.79 -17.18 2.36
CA HIS D 10 23.85 -17.19 3.36
C HIS D 10 23.45 -16.38 4.58
N GLY D 11 24.33 -16.43 5.59
CA GLY D 11 24.10 -15.87 6.89
C GLY D 11 24.98 -14.68 7.16
N ALA D 12 25.10 -14.35 8.44
CA ALA D 12 25.86 -13.17 8.84
C ALA D 12 27.33 -13.28 8.45
N LEU D 13 27.87 -12.19 7.88
CA LEU D 13 29.28 -12.04 7.54
C LEU D 13 29.77 -13.02 6.47
N ASN D 14 28.87 -13.72 5.78
CA ASN D 14 29.21 -14.72 4.77
C ASN D 14 28.86 -14.23 3.36
N ARG D 15 29.20 -15.06 2.38
CA ARG D 15 28.83 -14.83 1.00
C ARG D 15 28.21 -16.11 0.46
N GLY D 16 27.65 -16.02 -0.75
CA GLY D 16 27.00 -17.18 -1.30
C GLY D 16 27.94 -18.33 -1.61
N ALA D 17 29.23 -18.05 -1.75
CA ALA D 17 30.20 -19.09 -2.07
C ALA D 17 30.39 -20.09 -0.92
N CYS D 18 29.86 -19.81 0.26
CA CYS D 18 29.89 -20.81 1.32
C CYS D 18 29.12 -22.06 0.94
N TYR D 19 28.21 -21.97 -0.03
CA TYR D 19 27.46 -23.13 -0.49
C TYR D 19 28.14 -23.90 -1.63
N ASP D 20 29.39 -23.58 -1.96
CA ASP D 20 30.05 -24.13 -3.16
C ASP D 20 29.97 -25.66 -3.23
N ALA D 21 30.09 -26.36 -2.09
CA ALA D 21 30.01 -27.81 -2.12
C ALA D 21 28.58 -28.31 -2.36
N VAL D 22 27.57 -27.61 -1.84
CA VAL D 22 26.22 -28.15 -1.92
C VAL D 22 25.66 -28.01 -3.34
N VAL D 23 26.02 -26.94 -4.04
CA VAL D 23 25.33 -26.58 -5.29
C VAL D 23 25.34 -27.68 -6.34
N PRO D 24 26.48 -28.27 -6.71
CA PRO D 24 26.45 -29.33 -7.75
C PRO D 24 25.74 -30.59 -7.35
N LEU D 25 25.61 -30.89 -6.05
CA LEU D 25 24.82 -32.04 -5.64
C LEU D 25 23.34 -31.76 -5.84
N LEU D 26 22.88 -30.58 -5.44
CA LEU D 26 21.53 -30.17 -5.81
C LEU D 26 21.34 -30.15 -7.32
N GLU D 27 22.31 -29.60 -8.07
CA GLU D 27 22.14 -29.56 -9.52
C GLU D 27 21.98 -30.97 -10.10
N ALA D 28 22.63 -31.97 -9.50
CA ALA D 28 22.50 -33.32 -10.02
C ALA D 28 21.11 -33.90 -9.77
N ARG D 29 20.39 -33.39 -8.77
CA ARG D 29 19.01 -33.77 -8.53
C ARG D 29 18.01 -33.01 -9.40
N GLY D 30 18.46 -32.42 -10.50
CA GLY D 30 17.58 -31.85 -11.52
C GLY D 30 17.13 -30.42 -11.32
N TYR D 31 17.83 -29.65 -10.50
CA TYR D 31 17.37 -28.33 -10.07
C TYR D 31 18.30 -27.24 -10.54
N ARG D 32 17.70 -26.07 -10.75
CA ARG D 32 18.43 -24.84 -10.98
C ARG D 32 18.70 -24.20 -9.63
N VAL D 33 19.96 -23.87 -9.37
CA VAL D 33 20.43 -23.55 -8.03
C VAL D 33 21.15 -22.20 -8.05
N HIS D 34 20.87 -21.36 -7.04
CA HIS D 34 21.52 -20.08 -6.89
C HIS D 34 22.01 -19.89 -5.46
N ALA D 35 23.09 -19.13 -5.32
CA ALA D 35 23.66 -18.79 -4.02
C ALA D 35 24.11 -17.34 -4.08
N PRO D 36 23.15 -16.41 -4.12
CA PRO D 36 23.49 -15.00 -4.36
C PRO D 36 24.21 -14.38 -3.20
N ASP D 37 24.89 -13.27 -3.48
CA ASP D 37 25.27 -12.39 -2.40
C ASP D 37 24.10 -11.46 -2.10
N LEU D 38 23.71 -11.37 -0.83
CA LEU D 38 22.72 -10.36 -0.49
C LEU D 38 23.33 -8.97 -0.63
N THR D 39 22.48 -7.95 -0.57
CA THR D 39 22.97 -6.58 -0.69
C THR D 39 24.02 -6.29 0.37
N GLY D 40 25.16 -5.75 -0.07
CA GLY D 40 26.25 -5.43 0.82
C GLY D 40 27.30 -6.52 0.94
N HIS D 41 27.02 -7.70 0.43
CA HIS D 41 27.90 -8.86 0.55
C HIS D 41 28.76 -9.10 -0.68
N THR D 42 28.86 -8.13 -1.59
CA THR D 42 29.81 -8.25 -2.72
C THR D 42 30.87 -7.16 -2.62
N PRO D 43 32.11 -7.50 -2.35
CA PRO D 43 33.15 -6.47 -2.12
C PRO D 43 33.15 -5.41 -3.22
N GLY D 44 33.05 -4.16 -2.80
CA GLY D 44 32.96 -3.07 -3.73
C GLY D 44 31.59 -2.45 -3.87
N ASP D 45 30.55 -3.05 -3.27
CA ASP D 45 29.17 -2.60 -3.48
C ASP D 45 28.72 -1.56 -2.47
N GLY D 46 29.63 -0.94 -1.75
CA GLY D 46 29.17 0.01 -0.76
C GLY D 46 28.81 -0.57 0.59
N GLY D 47 29.04 -1.85 0.81
CA GLY D 47 29.15 -2.45 2.13
C GLY D 47 27.91 -2.39 3.02
N HIS D 48 28.17 -2.45 4.33
CA HIS D 48 27.08 -2.65 5.28
C HIS D 48 26.19 -1.42 5.37
N LEU D 49 26.77 -0.22 5.26
CA LEU D 49 26.01 1.02 5.36
C LEU D 49 25.17 1.33 4.12
N SER D 50 25.32 0.59 3.02
CA SER D 50 24.45 0.77 1.88
C SER D 50 23.06 0.22 2.11
N VAL D 51 22.90 -0.74 3.01
CA VAL D 51 21.65 -1.47 3.14
C VAL D 51 20.63 -0.56 3.82
N VAL D 52 19.55 -0.24 3.12
CA VAL D 52 18.57 0.72 3.63
C VAL D 52 17.53 0.04 4.51
N ASP D 53 16.96 -1.07 4.06
CA ASP D 53 15.91 -1.78 4.78
C ASP D 53 15.91 -3.20 4.25
N GLU D 55 13.77 -4.80 2.14
CA GLU D 55 13.51 -4.98 0.72
C GLU D 55 14.78 -4.82 -0.09
N HIS D 56 15.61 -3.85 0.27
CA HIS D 56 16.92 -3.66 -0.33
C HIS D 56 17.82 -4.87 -0.07
N TYR D 57 17.90 -5.32 1.21
CA TYR D 57 18.87 -6.33 1.57
C TYR D 57 18.64 -7.62 0.79
N THR D 58 17.37 -8.07 0.72
CA THR D 58 17.00 -9.25 -0.05
C THR D 58 16.79 -8.97 -1.53
N ARG D 59 17.08 -7.76 -2.02
CA ARG D 59 16.74 -7.46 -3.42
C ARG D 59 17.33 -8.44 -4.43
N PRO D 60 18.60 -8.89 -4.32
CA PRO D 60 19.09 -9.87 -5.31
C PRO D 60 18.18 -11.09 -5.46
N VAL D 61 17.44 -11.47 -4.43
CA VAL D 61 16.69 -12.72 -4.57
C VAL D 61 15.41 -12.53 -5.38
N ALA D 62 14.78 -11.36 -5.30
CA ALA D 62 13.53 -11.20 -6.06
C ALA D 62 13.81 -11.28 -7.56
N ASP D 63 14.96 -10.76 -7.97
CA ASP D 63 15.37 -10.89 -9.36
C ASP D 63 15.46 -12.35 -9.79
N ILE D 64 15.90 -13.25 -8.90
CA ILE D 64 16.01 -14.65 -9.27
C ILE D 64 14.63 -15.30 -9.38
N LEU D 65 13.75 -15.04 -8.41
CA LEU D 65 12.38 -15.54 -8.48
C LEU D 65 11.68 -15.00 -9.71
N ALA D 66 11.96 -13.76 -10.06
CA ALA D 66 11.44 -13.19 -11.31
C ALA D 66 11.78 -14.07 -12.50
N ARG D 67 13.01 -14.55 -12.58
CA ARG D 67 13.42 -15.33 -13.74
C ARG D 67 13.07 -16.80 -13.61
N ALA D 68 12.68 -17.24 -12.42
CA ALA D 68 12.33 -18.64 -12.21
C ALA D 68 11.21 -19.08 -13.15
N GLU D 69 11.38 -20.26 -13.72
CA GLU D 69 10.35 -20.86 -14.57
C GLU D 69 9.17 -21.37 -13.74
N GLY D 70 9.45 -22.17 -12.71
CA GLY D 70 8.40 -22.71 -11.86
C GLY D 70 8.41 -22.13 -10.46
N GLN D 71 8.20 -22.96 -9.45
CA GLN D 71 8.27 -22.53 -8.05
C GLN D 71 9.70 -22.62 -7.54
N SER D 72 9.95 -21.97 -6.43
CA SER D 72 11.28 -21.99 -5.86
C SER D 72 11.25 -22.42 -4.40
N ILE D 73 12.25 -23.18 -4.01
CA ILE D 73 12.53 -23.43 -2.59
C ILE D 73 13.50 -22.35 -2.13
N LEU D 74 13.21 -21.77 -0.97
CA LEU D 74 14.13 -20.84 -0.34
C LEU D 74 14.80 -21.51 0.86
N LEU D 75 16.12 -21.43 0.93
CA LEU D 75 16.87 -21.90 2.08
C LEU D 75 17.67 -20.76 2.67
N GLY D 76 17.63 -20.62 3.98
CA GLY D 76 18.46 -19.64 4.68
C GLY D 76 19.28 -20.32 5.77
N HIS D 77 20.54 -19.89 5.89
CA HIS D 77 21.41 -20.35 6.98
C HIS D 77 21.55 -19.24 8.01
N SER D 78 21.58 -19.62 9.29
N SER D 78 21.55 -19.63 9.30
CA SER D 78 21.73 -18.69 10.42
CA SER D 78 21.81 -18.68 10.37
C SER D 78 20.80 -17.47 10.31
C SER D 78 20.82 -17.52 10.29
N LEU D 79 21.39 -16.28 10.28
CA LEU D 79 20.61 -15.07 10.03
C LEU D 79 19.91 -15.03 8.67
N GLY D 80 20.32 -15.88 7.70
CA GLY D 80 19.62 -15.97 6.43
C GLY D 80 18.15 -16.29 6.64
N GLY D 81 17.90 -16.87 7.82
CA GLY D 81 16.54 -17.24 8.16
C GLY D 81 15.56 -16.09 8.06
N ALA D 82 15.98 -14.89 8.48
CA ALA D 82 15.08 -13.74 8.44
C ALA D 82 14.81 -13.30 7.02
N SER D 83 15.72 -13.61 6.09
CA SER D 83 15.52 -13.14 4.72
C SER D 83 14.51 -14.01 4.00
N ILE D 84 14.61 -15.32 4.17
CA ILE D 84 13.62 -16.16 3.53
C ILE D 84 12.23 -15.88 4.12
N SER D 85 12.15 -15.52 5.42
CA SER D 85 10.86 -15.18 5.99
C SER D 85 10.32 -13.92 5.33
N TRP D 86 11.10 -12.84 5.40
CA TRP D 86 10.75 -11.58 4.74
C TRP D 86 10.33 -11.82 3.30
N LEU D 87 11.17 -12.55 2.55
CA LEU D 87 10.94 -12.76 1.11
C LEU D 87 9.66 -13.55 0.84
N ALA D 88 9.30 -14.43 1.76
CA ALA D 88 8.11 -15.27 1.59
C ALA D 88 6.83 -14.45 1.76
N GLN D 89 6.87 -13.43 2.60
CA GLN D 89 5.70 -12.56 2.75
C GLN D 89 5.44 -11.77 1.47
N HIS D 90 6.48 -11.47 0.70
CA HIS D 90 6.32 -10.61 -0.45
C HIS D 90 6.31 -11.37 -1.76
N HIS D 91 6.61 -12.65 -1.74
CA HIS D 91 6.61 -13.41 -2.97
C HIS D 91 5.95 -14.76 -2.79
N PRO D 92 4.81 -14.83 -2.12
CA PRO D 92 4.30 -16.13 -1.69
C PRO D 92 3.97 -17.06 -2.83
N ASP D 93 3.44 -16.52 -3.94
CA ASP D 93 3.09 -17.36 -5.07
C ASP D 93 4.31 -17.86 -5.86
N LYS D 94 5.51 -17.36 -5.58
CA LYS D 94 6.71 -17.92 -6.21
C LYS D 94 7.47 -18.91 -5.33
N VAL D 95 7.19 -18.96 -4.02
CA VAL D 95 7.97 -19.75 -3.07
C VAL D 95 7.15 -20.95 -2.61
N ALA D 96 7.67 -22.17 -2.83
CA ALA D 96 6.93 -23.38 -2.54
C ALA D 96 7.33 -24.05 -1.22
N GLY D 97 8.37 -23.56 -0.55
CA GLY D 97 8.90 -24.18 0.65
C GLY D 97 9.93 -23.28 1.29
N LEU D 98 10.04 -23.29 2.62
CA LEU D 98 11.06 -22.54 3.34
C LEU D 98 11.89 -23.50 4.22
N ILE D 99 13.20 -23.53 4.00
CA ILE D 99 14.13 -24.35 4.76
C ILE D 99 14.95 -23.45 5.66
N TYR D 100 14.84 -23.65 6.98
CA TYR D 100 15.64 -22.88 7.94
C TYR D 100 16.80 -23.75 8.41
N LEU D 101 17.96 -23.61 7.74
CA LEU D 101 19.18 -24.35 8.06
C LEU D 101 19.90 -23.80 9.27
N THR D 102 19.69 -24.45 10.43
CA THR D 102 20.04 -23.92 11.74
C THR D 102 19.96 -22.40 11.73
N ALA D 103 18.76 -21.89 11.44
CA ALA D 103 18.60 -20.50 11.09
C ALA D 103 17.56 -19.84 11.98
N VAL D 104 17.67 -18.52 12.08
CA VAL D 104 16.68 -17.75 12.81
C VAL D 104 15.31 -17.93 12.17
N LEU D 105 14.37 -18.49 12.94
CA LEU D 105 12.99 -18.69 12.50
C LEU D 105 12.09 -18.06 13.55
N THR D 106 11.61 -16.83 13.30
CA THR D 106 10.81 -16.12 14.27
C THR D 106 9.36 -15.99 13.83
N ALA D 107 8.51 -15.79 14.84
CA ALA D 107 7.09 -15.65 14.59
C ALA D 107 6.78 -14.32 13.91
N PRO D 108 5.65 -14.25 13.21
CA PRO D 108 5.13 -12.94 12.80
C PRO D 108 5.16 -11.96 13.95
N GLY D 109 5.82 -10.83 13.73
CA GLY D 109 5.99 -9.79 14.72
C GLY D 109 7.33 -9.81 15.44
N VAL D 110 7.97 -10.98 15.47
CA VAL D 110 9.19 -11.24 16.25
C VAL D 110 10.41 -10.93 15.39
N THR D 111 11.31 -10.04 15.90
CA THR D 111 12.59 -9.73 15.26
C THR D 111 13.65 -10.77 15.66
N PRO D 112 14.67 -11.00 14.81
CA PRO D 112 15.64 -12.05 15.12
C PRO D 112 16.44 -11.76 16.37
N GLU D 113 16.77 -10.49 16.61
CA GLU D 113 17.68 -10.12 17.69
C GLU D 113 17.18 -10.56 19.06
N THR D 114 15.91 -10.89 19.19
CA THR D 114 15.42 -11.36 20.48
C THR D 114 15.93 -12.75 20.82
N PHE D 115 16.42 -13.52 19.85
CA PHE D 115 16.97 -14.83 20.19
C PHE D 115 18.48 -14.83 20.21
N VAL D 116 19.07 -13.71 19.80
CA VAL D 116 20.51 -13.49 19.88
C VAL D 116 20.88 -12.85 21.20
N LEU D 117 20.20 -11.74 21.53
CA LEU D 117 20.36 -11.11 22.83
C LEU D 117 19.85 -12.05 23.90
N PRO D 118 20.46 -12.03 25.09
CA PRO D 118 20.04 -12.98 26.13
C PRO D 118 18.71 -12.57 26.75
N GLY D 119 18.08 -13.54 27.37
CA GLY D 119 16.75 -13.39 27.93
C GLY D 119 16.10 -14.74 28.03
N GLU D 120 15.00 -14.79 28.79
CA GLU D 120 14.33 -16.06 28.98
C GLU D 120 13.00 -16.07 28.21
N PRO D 121 12.58 -17.27 27.75
CA PRO D 121 13.35 -18.51 27.89
C PRO D 121 14.29 -18.76 26.72
N ASN D 122 15.40 -19.44 26.97
CA ASN D 122 16.23 -20.06 25.93
C ASN D 122 16.45 -19.11 24.74
N ARG D 123 16.93 -17.93 25.06
CA ARG D 123 17.36 -16.94 24.08
C ARG D 123 18.81 -16.56 24.34
N GLY D 124 19.53 -16.28 23.26
CA GLY D 124 20.91 -15.91 23.50
C GLY D 124 21.82 -16.73 22.61
N THR D 125 22.69 -16.03 21.89
CA THR D 125 23.83 -16.63 21.19
C THR D 125 25.08 -16.01 21.81
N PRO D 126 25.44 -16.42 23.03
CA PRO D 126 26.53 -15.72 23.72
C PRO D 126 27.90 -15.96 23.09
N HIS D 127 28.11 -17.12 22.47
CA HIS D 127 29.39 -17.34 21.79
C HIS D 127 29.55 -16.36 20.65
N ALA D 128 28.51 -16.23 19.82
CA ALA D 128 28.52 -15.28 18.72
C ALA D 128 28.62 -13.84 19.21
N LEU D 129 27.84 -13.47 20.24
CA LEU D 129 27.88 -12.09 20.72
C LEU D 129 29.24 -11.71 21.27
N ASP D 130 29.97 -12.66 21.83
CA ASP D 130 31.27 -12.35 22.41
C ASP D 130 32.35 -12.19 21.33
N LEU D 131 32.17 -12.83 20.18
CA LEU D 131 33.14 -12.81 19.10
C LEU D 131 32.84 -11.78 18.02
N ILE D 132 31.62 -11.26 17.95
CA ILE D 132 31.20 -10.31 16.91
C ILE D 132 30.95 -8.99 17.61
N GLN D 133 31.67 -7.93 17.19
CA GLN D 133 31.55 -6.66 17.87
C GLN D 133 30.83 -5.63 17.00
N PRO D 134 30.10 -4.70 17.63
CA PRO D 134 29.37 -3.69 16.86
C PRO D 134 30.29 -2.56 16.46
N VAL D 135 30.05 -2.02 15.26
CA VAL D 135 30.81 -0.88 14.72
C VAL D 135 29.81 0.12 14.14
N ASP D 136 30.28 1.35 13.93
CA ASP D 136 29.54 2.39 13.20
C ASP D 136 28.15 2.60 13.81
N GLU D 137 28.14 2.86 15.12
CA GLU D 137 26.95 3.15 15.92
C GLU D 137 25.80 2.21 15.59
N GLY D 138 26.06 0.93 15.79
CA GLY D 138 25.04 -0.08 15.73
C GLY D 138 24.63 -0.50 14.34
N ARG D 139 25.24 0.05 13.29
CA ARG D 139 24.80 -0.32 11.96
C ARG D 139 25.63 -1.43 11.33
N GLY D 140 26.80 -1.75 11.92
CA GLY D 140 27.63 -2.82 11.42
C GLY D 140 28.07 -3.75 12.53
N LEU D 141 28.44 -4.98 12.15
CA LEU D 141 28.97 -5.97 13.07
C LEU D 141 30.27 -6.53 12.52
N GLN D 142 31.26 -6.78 13.39
CA GLN D 142 32.58 -7.21 12.98
C GLN D 142 33.11 -8.32 13.87
N ALA D 143 33.69 -9.35 13.25
CA ALA D 143 34.36 -10.42 13.98
C ALA D 143 35.62 -9.92 14.69
N ASP D 144 35.87 -10.44 15.89
CA ASP D 144 36.99 -10.01 16.72
C ASP D 144 38.25 -10.78 16.34
N PHE D 145 39.00 -10.27 15.36
CA PHE D 145 40.15 -10.99 14.79
C PHE D 145 41.33 -11.12 15.74
N SER D 146 41.25 -10.56 16.94
CA SER D 146 42.27 -10.81 17.95
C SER D 146 42.19 -12.21 18.51
N ARG D 147 41.29 -13.06 18.01
CA ARG D 147 41.05 -14.39 18.55
C ARG D 147 40.72 -15.34 17.39
N LEU D 148 41.69 -15.52 16.49
CA LEU D 148 41.44 -16.23 15.25
C LEU D 148 41.02 -17.68 15.49
N GLU D 149 41.72 -18.39 16.38
CA GLU D 149 41.41 -19.79 16.60
C GLU D 149 40.03 -19.99 17.22
N ARG D 150 39.65 -19.10 18.15
CA ARG D 150 38.31 -19.14 18.72
C ARG D 150 37.25 -18.93 17.63
N LEU D 151 37.47 -17.96 16.75
CA LEU D 151 36.58 -17.80 15.59
C LEU D 151 36.49 -19.08 14.78
N ARG D 152 37.63 -19.76 14.56
CA ARG D 152 37.57 -20.94 13.71
C ARG D 152 36.85 -22.07 14.43
N GLU D 153 37.11 -22.25 15.73
CA GLU D 153 36.54 -23.42 16.37
C GLU D 153 35.03 -23.27 16.50
N VAL D 154 34.55 -22.06 16.76
CA VAL D 154 33.11 -21.82 16.92
C VAL D 154 32.38 -21.79 15.57
N PHE D 155 32.91 -21.08 14.59
CA PHE D 155 32.16 -20.90 13.35
C PHE D 155 32.52 -21.86 12.23
N GLY D 157 34.59 -24.93 12.44
CA GLY D 157 34.98 -26.28 12.78
C GLY D 157 34.49 -27.36 11.83
N ASP D 158 33.42 -27.09 11.10
CA ASP D 158 32.89 -28.04 10.13
C ASP D 158 33.72 -28.10 8.85
N TYR D 159 34.65 -27.18 8.65
CA TYR D 159 35.40 -27.14 7.39
C TYR D 159 36.45 -28.25 7.38
N PRO D 160 36.51 -29.06 6.32
CA PRO D 160 37.49 -30.16 6.28
C PRO D 160 38.91 -29.65 6.38
N GLY D 161 39.59 -30.01 7.47
CA GLY D 161 40.94 -29.55 7.72
C GLY D 161 40.95 -28.29 8.56
N GLY D 163 42.37 -26.31 6.72
CA GLY D 163 42.65 -25.08 7.41
C GLY D 163 41.46 -24.20 7.64
N PRO D 165 38.28 -21.76 5.61
CA PRO D 165 37.59 -21.58 4.32
C PRO D 165 38.20 -20.44 3.54
N PRO D 166 38.00 -20.41 2.23
CA PRO D 166 38.65 -19.37 1.42
C PRO D 166 38.07 -18.00 1.67
N ALA D 167 38.82 -16.99 1.20
CA ALA D 167 38.43 -15.60 1.41
C ALA D 167 37.06 -15.32 0.81
N GLU D 168 36.71 -16.04 -0.27
CA GLU D 168 35.49 -15.75 -1.01
C GLU D 168 34.25 -15.97 -0.18
N HIS D 169 34.35 -16.72 0.93
CA HIS D 169 33.16 -17.05 1.71
C HIS D 169 32.76 -15.94 2.68
N PHE D 170 33.55 -14.88 2.82
CA PHE D 170 33.43 -13.96 3.94
C PHE D 170 33.38 -12.51 3.45
N ILE D 171 32.72 -11.67 4.24
CA ILE D 171 32.89 -10.23 4.15
C ILE D 171 33.42 -9.75 5.50
N GLN D 172 33.87 -8.49 5.52
CA GLN D 172 34.41 -7.88 6.73
C GLN D 172 33.33 -7.34 7.69
N THR D 173 32.23 -6.77 7.16
CA THR D 173 31.28 -6.09 8.03
C THR D 173 29.84 -6.36 7.63
N GLN D 174 29.03 -6.69 8.62
CA GLN D 174 27.67 -7.16 8.44
C GLN D 174 26.68 -6.08 8.83
N SER D 175 25.58 -5.99 8.08
CA SER D 175 24.53 -5.01 8.34
C SER D 175 23.64 -5.45 9.51
N THR D 176 23.41 -4.56 10.47
CA THR D 176 22.48 -4.92 11.54
C THR D 176 21.02 -4.87 11.09
N VAL D 177 20.75 -4.42 9.85
CA VAL D 177 19.37 -4.28 9.39
C VAL D 177 18.56 -5.58 9.51
N PRO D 178 19.03 -6.73 9.02
CA PRO D 178 18.20 -7.94 9.18
C PRO D 178 18.04 -8.40 10.63
N PHE D 179 18.81 -7.83 11.57
CA PHE D 179 18.73 -8.24 12.98
C PHE D 179 17.62 -7.50 13.72
N GLY D 180 17.28 -6.29 13.30
CA GLY D 180 16.29 -5.51 14.00
C GLY D 180 14.92 -5.40 13.35
N THR D 181 14.61 -6.24 12.36
CA THR D 181 13.42 -6.05 11.55
C THR D 181 12.43 -7.19 11.79
N PRO D 182 11.18 -6.88 12.16
CA PRO D 182 10.20 -7.94 12.48
C PRO D 182 9.81 -8.77 11.27
N ASN D 183 9.46 -10.02 11.54
CA ASN D 183 8.97 -10.90 10.49
C ASN D 183 7.61 -10.41 10.02
N PRO D 184 7.43 -10.16 8.71
CA PRO D 184 6.14 -9.68 8.20
C PRO D 184 5.22 -10.74 7.63
N GLU D 186 2.19 -13.28 7.04
CA GLU D 186 0.77 -13.08 7.33
C GLU D 186 -0.04 -13.79 6.24
N GLY D 187 -1.15 -14.40 6.66
CA GLY D 187 -2.08 -15.01 5.73
C GLY D 187 -1.48 -16.03 4.80
N ARG D 188 -1.40 -15.69 3.51
CA ARG D 188 -1.00 -16.69 2.51
C ARG D 188 0.44 -17.16 2.70
N ALA D 189 1.30 -16.32 3.30
CA ALA D 189 2.69 -16.71 3.49
C ALA D 189 2.81 -17.80 4.54
N LEU D 190 1.95 -17.78 5.56
CA LEU D 190 1.93 -18.79 6.60
C LEU D 190 1.47 -20.16 6.10
N GLU D 191 1.03 -20.26 4.84
CA GLU D 191 0.69 -21.54 4.21
C GLU D 191 1.87 -22.15 3.47
N ILE D 192 2.97 -21.44 3.33
CA ILE D 192 4.16 -22.04 2.72
C ILE D 192 4.71 -23.11 3.66
N PRO D 193 4.93 -24.33 3.18
CA PRO D 193 5.55 -25.38 3.99
C PRO D 193 6.89 -24.92 4.57
N ARG D 194 7.13 -25.29 5.83
CA ARG D 194 8.32 -24.84 6.55
C ARG D 194 9.08 -26.03 7.07
N LEU D 195 10.33 -26.17 6.65
CA LEU D 195 11.22 -27.18 7.19
C LEU D 195 12.37 -26.52 7.94
N TYR D 196 12.70 -27.08 9.11
CA TYR D 196 13.84 -26.67 9.91
C TYR D 196 14.86 -27.79 9.91
N ILE D 197 16.12 -27.44 9.64
CA ILE D 197 17.22 -28.40 9.63
C ILE D 197 18.11 -28.05 10.81
N GLU D 198 17.99 -28.84 11.88
CA GLU D 198 18.74 -28.61 13.11
C GLU D 198 20.20 -28.97 12.94
N ALA D 199 21.06 -28.17 13.58
CA ALA D 199 22.49 -28.42 13.76
C ALA D 199 22.69 -28.81 15.23
N LEU D 200 22.62 -30.11 15.50
CA LEU D 200 22.62 -30.62 16.89
C LEU D 200 23.79 -30.07 17.70
N ASP D 201 24.99 -30.12 17.12
CA ASP D 201 26.22 -29.78 17.83
C ASP D 201 26.64 -28.32 17.66
N ASP D 202 25.78 -27.49 17.07
CA ASP D 202 26.12 -26.08 16.89
C ASP D 202 26.26 -25.40 18.24
N VAL D 203 27.29 -24.57 18.39
CA VAL D 203 27.44 -23.74 19.58
C VAL D 203 27.26 -22.27 19.30
N VAL D 204 27.26 -21.85 18.03
CA VAL D 204 26.77 -20.51 17.72
C VAL D 204 25.31 -20.41 18.11
N LEU D 205 24.46 -21.24 17.50
CA LEU D 205 23.01 -21.27 17.71
C LEU D 205 22.71 -22.54 18.49
N PRO D 206 22.73 -22.48 19.82
CA PRO D 206 22.64 -23.71 20.62
C PRO D 206 21.36 -24.44 20.27
N ILE D 207 21.43 -25.77 20.29
CA ILE D 207 20.28 -26.56 19.87
C ILE D 207 19.01 -26.21 20.69
N ALA D 208 19.17 -25.55 21.83
CA ALA D 208 18.01 -25.19 22.63
C ALA D 208 17.44 -23.82 22.25
N VAL D 209 18.29 -22.89 21.77
CA VAL D 209 17.76 -21.69 21.15
C VAL D 209 17.11 -22.05 19.83
N GLN D 210 17.68 -23.03 19.12
CA GLN D 210 17.04 -23.57 17.93
C GLN D 210 15.61 -23.98 18.27
N ARG D 211 15.45 -24.90 19.21
CA ARG D 211 14.14 -25.55 19.42
C ARG D 211 13.11 -24.64 20.03
N GLN D 212 13.53 -23.63 20.80
CA GLN D 212 12.57 -22.65 21.26
C GLN D 212 11.99 -21.87 20.09
N GLN D 214 11.59 -23.00 16.95
CA GLN D 214 10.57 -23.82 16.30
C GLN D 214 9.24 -23.83 17.06
N LYS D 215 9.30 -23.97 18.39
CA LYS D 215 8.08 -24.10 19.18
C LYS D 215 7.27 -22.81 19.17
N GLU D 216 7.93 -21.67 19.43
CA GLU D 216 7.24 -20.40 19.54
C GLU D 216 6.61 -19.93 18.22
N PHE D 217 7.04 -20.49 17.09
CA PHE D 217 6.51 -20.07 15.79
C PHE D 217 5.08 -20.56 15.65
N PRO D 218 4.15 -19.72 15.22
CA PRO D 218 2.76 -20.19 15.08
C PRO D 218 2.63 -21.10 13.87
N GLY D 219 2.26 -22.36 14.12
CA GLY D 219 2.00 -23.30 13.08
C GLY D 219 3.04 -24.41 13.08
N PRO D 220 2.78 -25.44 12.29
CA PRO D 220 3.72 -26.57 12.23
C PRO D 220 5.02 -26.18 11.53
N VAL D 221 6.06 -26.95 11.84
CA VAL D 221 7.41 -26.79 11.31
C VAL D 221 7.99 -28.18 11.17
N ALA D 222 8.16 -28.67 9.95
CA ALA D 222 8.80 -29.97 9.82
C ALA D 222 10.26 -29.87 10.26
N VAL D 223 10.82 -30.97 10.73
CA VAL D 223 12.19 -31.00 11.26
C VAL D 223 12.93 -32.20 10.67
N VAL D 224 14.22 -32.00 10.37
CA VAL D 224 15.22 -33.05 10.26
C VAL D 224 16.43 -32.55 11.02
N SER D 225 17.13 -33.49 11.61
CA SER D 225 18.24 -33.18 12.45
C SER D 225 19.53 -33.69 11.85
N LEU D 226 20.55 -32.88 11.95
CA LEU D 226 21.84 -33.22 11.43
C LEU D 226 22.83 -33.06 12.54
N PRO D 227 23.71 -34.02 12.67
CA PRO D 227 24.77 -34.09 13.67
C PRO D 227 25.93 -33.29 13.22
N ALA D 228 25.78 -32.00 13.28
CA ALA D 228 26.83 -31.11 12.80
C ALA D 228 26.84 -29.86 13.67
N SER D 229 27.94 -29.11 13.57
CA SER D 229 27.97 -27.83 14.26
C SER D 229 27.49 -26.77 13.26
N HIS D 230 27.94 -25.53 13.40
CA HIS D 230 27.25 -24.39 12.80
C HIS D 230 27.14 -24.44 11.26
N ALA D 231 28.01 -25.19 10.56
CA ALA D 231 28.08 -25.12 9.09
C ALA D 231 28.03 -26.49 8.44
N PRO D 232 26.86 -27.11 8.37
CA PRO D 232 26.75 -28.41 7.72
C PRO D 232 27.09 -28.43 6.24
N TYR D 233 26.98 -27.29 5.53
CA TYR D 233 27.31 -27.29 4.10
C TYR D 233 28.78 -27.55 3.84
N TYR D 234 29.63 -27.39 4.86
CA TYR D 234 31.02 -27.82 4.87
C TYR D 234 31.15 -29.28 5.33
N SER D 235 30.57 -29.62 6.49
CA SER D 235 30.82 -30.94 7.08
C SER D 235 30.17 -32.08 6.31
N PRO D 237 28.00 -32.02 2.82
CA PRO D 237 27.20 -31.52 1.70
C PRO D 237 26.30 -32.56 1.08
N GLU D 238 26.78 -33.79 0.92
CA GLU D 238 25.92 -34.84 0.38
C GLU D 238 24.68 -35.04 1.24
N ARG D 239 24.82 -35.00 2.57
CA ARG D 239 23.68 -35.27 3.44
C ARG D 239 22.69 -34.11 3.41
N LEU D 240 23.19 -32.90 3.69
CA LEU D 240 22.37 -31.70 3.67
C LEU D 240 21.67 -31.53 2.33
N ALA D 241 22.34 -31.90 1.23
CA ALA D 241 21.71 -31.76 -0.07
C ALA D 241 20.64 -32.80 -0.29
N GLU D 242 20.82 -34.00 0.25
CA GLU D 242 19.76 -35.00 0.14
C GLU D 242 18.52 -34.53 0.89
N ALA D 243 18.70 -33.89 2.03
CA ALA D 243 17.54 -33.44 2.79
C ALA D 243 16.93 -32.16 2.19
N ILE D 244 17.75 -31.32 1.56
CA ILE D 244 17.21 -30.19 0.83
C ILE D 244 16.37 -30.67 -0.35
N ALA D 245 16.93 -31.57 -1.15
CA ALA D 245 16.33 -31.94 -2.42
C ALA D 245 15.15 -32.91 -2.27
N ASP D 246 15.00 -33.56 -1.12
CA ASP D 246 13.80 -34.35 -0.88
C ASP D 246 12.60 -33.48 -0.52
N PHE D 247 12.82 -32.47 0.33
CA PHE D 247 11.83 -31.43 0.56
C PHE D 247 11.32 -30.86 -0.76
N ALA D 248 12.26 -30.45 -1.63
CA ALA D 248 11.92 -29.85 -2.91
C ALA D 248 11.18 -30.81 -3.82
N ASP D 249 11.39 -32.10 -3.64
CA ASP D 249 10.70 -33.05 -4.51
C ASP D 249 9.20 -33.04 -4.25
N ALA D 250 8.76 -32.79 -3.01
CA ALA D 250 7.36 -32.70 -2.66
C ALA D 250 7.17 -32.00 -1.34
N PRO D 251 7.17 -30.66 -1.32
CA PRO D 251 7.33 -29.95 -0.04
C PRO D 251 6.10 -29.97 0.82
N ALA D 252 4.92 -30.09 0.22
CA ALA D 252 3.69 -30.06 1.01
C ALA D 252 3.68 -31.15 2.08
N GLU D 253 4.35 -32.27 1.80
CA GLU D 253 4.25 -33.50 2.59
C GLU D 253 5.48 -33.77 3.48
N TYR D 254 6.68 -33.70 2.90
CA TYR D 254 7.96 -34.07 3.53
C TYR D 254 7.95 -34.29 5.04
N THR E 2 1.71 18.49 29.10
CA THR E 2 1.76 17.68 27.89
C THR E 2 0.61 16.65 27.88
N VAL E 3 0.22 16.18 29.07
CA VAL E 3 -0.66 15.03 29.23
C VAL E 3 -2.06 15.50 29.59
N THR E 4 -3.09 14.98 28.91
CA THR E 4 -4.43 15.51 29.14
C THR E 4 -5.51 14.44 29.30
N ASP E 5 -5.32 13.26 28.71
CA ASP E 5 -6.30 12.19 28.79
C ASP E 5 -5.72 10.95 29.47
N ILE E 6 -6.44 10.42 30.44
CA ILE E 6 -6.15 9.11 31.02
C ILE E 6 -7.26 8.17 30.54
N ILE E 7 -6.88 7.00 30.07
CA ILE E 7 -7.86 6.04 29.57
C ILE E 7 -7.61 4.72 30.29
N LEU E 8 -8.62 4.21 30.95
CA LEU E 8 -8.48 2.99 31.75
C LEU E 8 -9.03 1.82 30.93
N ILE E 9 -8.13 1.00 30.40
CA ILE E 9 -8.52 -0.16 29.59
C ILE E 9 -8.70 -1.35 30.53
N HIS E 10 -9.88 -1.92 30.51
CA HIS E 10 -10.14 -3.07 31.31
C HIS E 10 -9.39 -4.30 30.89
N GLY E 11 -9.52 -5.35 31.70
CA GLY E 11 -8.96 -6.61 31.36
C GLY E 11 -10.01 -7.64 30.96
N ALA E 12 -9.59 -8.89 30.96
CA ALA E 12 -10.38 -9.96 30.38
C ALA E 12 -11.71 -10.09 31.09
N LEU E 13 -12.76 -10.38 30.33
CA LEU E 13 -14.12 -10.58 30.82
C LEU E 13 -14.76 -9.32 31.40
N ASN E 14 -14.04 -8.18 31.42
CA ASN E 14 -14.44 -6.98 32.13
C ASN E 14 -14.83 -5.85 31.18
N ARG E 15 -15.62 -4.93 31.73
CA ARG E 15 -16.04 -3.71 31.04
C ARG E 15 -15.42 -2.49 31.72
N GLY E 16 -15.39 -1.39 30.97
CA GLY E 16 -14.92 -0.12 31.51
C GLY E 16 -15.63 0.27 32.79
N ALA E 17 -16.82 -0.30 33.01
CA ALA E 17 -17.60 0.00 34.19
C ALA E 17 -16.87 -0.40 35.47
N CYS E 18 -16.06 -1.46 35.41
CA CYS E 18 -15.31 -1.91 36.56
C CYS E 18 -14.46 -0.80 37.18
N TYR E 19 -14.20 0.30 36.47
CA TYR E 19 -13.45 1.40 37.06
C TYR E 19 -14.37 2.48 37.66
N ASP E 20 -15.66 2.21 37.85
CA ASP E 20 -16.60 3.27 38.25
C ASP E 20 -16.20 4.02 39.52
N ALA E 21 -15.43 3.38 40.42
CA ALA E 21 -15.03 4.06 41.65
C ALA E 21 -13.73 4.84 41.51
N VAL E 22 -12.99 4.63 40.41
CA VAL E 22 -11.72 5.32 40.19
C VAL E 22 -11.91 6.53 39.30
N VAL E 23 -12.86 6.47 38.34
CA VAL E 23 -12.94 7.51 37.32
C VAL E 23 -13.23 8.88 37.93
N PRO E 24 -14.19 9.05 38.86
CA PRO E 24 -14.35 10.39 39.44
C PRO E 24 -13.15 10.83 40.23
N LEU E 25 -12.41 9.90 40.84
CA LEU E 25 -11.24 10.29 41.63
C LEU E 25 -10.17 10.89 40.73
N LEU E 26 -9.95 10.30 39.55
CA LEU E 26 -8.98 10.84 38.59
C LEU E 26 -9.47 12.10 37.91
N GLU E 27 -10.79 12.21 37.66
CA GLU E 27 -11.35 13.46 37.18
C GLU E 27 -10.99 14.60 38.12
N ALA E 28 -11.06 14.35 39.42
CA ALA E 28 -10.73 15.39 40.40
C ALA E 28 -9.27 15.81 40.34
N ARG E 29 -8.43 15.10 39.60
CA ARG E 29 -7.02 15.46 39.44
C ARG E 29 -6.74 16.24 38.18
N GLY E 30 -7.77 16.61 37.42
CA GLY E 30 -7.57 17.50 36.29
C GLY E 30 -7.18 16.85 34.98
N TYR E 31 -7.78 15.70 34.65
CA TYR E 31 -7.72 15.12 33.31
C TYR E 31 -9.09 14.56 32.95
N ARG E 32 -9.34 14.46 31.64
CA ARG E 32 -10.47 13.69 31.17
C ARG E 32 -10.12 12.21 31.19
N VAL E 33 -11.07 11.41 31.66
CA VAL E 33 -10.87 10.01 31.99
C VAL E 33 -11.84 9.18 31.18
N HIS E 34 -11.35 8.15 30.52
CA HIS E 34 -12.19 7.25 29.73
C HIS E 34 -12.10 5.84 30.29
N ALA E 35 -13.23 5.15 30.32
CA ALA E 35 -13.30 3.75 30.71
C ALA E 35 -14.00 3.02 29.59
N PRO E 36 -13.35 2.92 28.43
CA PRO E 36 -14.03 2.40 27.24
C PRO E 36 -14.09 0.89 27.24
N ASP E 37 -15.20 0.36 26.74
CA ASP E 37 -15.25 -1.04 26.34
C ASP E 37 -14.41 -1.24 25.06
N LEU E 38 -13.57 -2.27 25.06
CA LEU E 38 -12.91 -2.67 23.83
C LEU E 38 -13.88 -3.38 22.90
N THR E 39 -13.44 -3.64 21.66
CA THR E 39 -14.33 -4.24 20.67
C THR E 39 -14.85 -5.56 21.24
N GLY E 40 -16.17 -5.67 21.35
CA GLY E 40 -16.83 -6.88 21.82
C GLY E 40 -17.47 -6.76 23.19
N HIS E 41 -17.05 -5.80 24.01
CA HIS E 41 -17.41 -5.78 25.43
C HIS E 41 -18.71 -5.02 25.70
N THR E 42 -19.13 -4.16 24.80
CA THR E 42 -20.46 -3.58 24.90
C THR E 42 -21.47 -4.66 24.53
N PRO E 43 -22.43 -5.00 25.39
CA PRO E 43 -23.38 -6.06 25.04
C PRO E 43 -24.16 -5.70 23.79
N GLY E 44 -24.29 -6.68 22.89
CA GLY E 44 -24.98 -6.48 21.63
C GLY E 44 -24.11 -6.04 20.47
N ASP E 45 -22.80 -5.92 20.67
CA ASP E 45 -21.90 -5.47 19.61
C ASP E 45 -21.24 -6.63 18.86
N GLY E 46 -21.85 -7.82 18.86
CA GLY E 46 -21.36 -8.93 18.05
C GLY E 46 -20.49 -9.94 18.79
N GLY E 47 -19.93 -9.56 19.94
CA GLY E 47 -19.32 -10.52 20.84
C GLY E 47 -17.85 -10.81 20.58
N HIS E 48 -17.41 -11.91 21.19
CA HIS E 48 -16.02 -12.35 21.06
C HIS E 48 -15.67 -12.64 19.60
N LEU E 49 -16.57 -13.33 18.90
CA LEU E 49 -16.33 -13.69 17.50
C LEU E 49 -15.92 -12.50 16.66
N SER E 50 -16.53 -11.34 16.90
CA SER E 50 -16.33 -10.21 16.01
C SER E 50 -14.87 -9.77 15.88
N VAL E 51 -14.01 -10.11 16.84
CA VAL E 51 -12.68 -9.50 16.90
C VAL E 51 -11.78 -10.07 15.80
N VAL E 52 -10.94 -9.22 15.23
CA VAL E 52 -10.14 -9.57 14.08
C VAL E 52 -8.65 -9.59 14.42
N ASP E 53 -8.16 -8.55 15.08
CA ASP E 53 -6.78 -8.51 15.56
C ASP E 53 -6.68 -7.38 16.58
N GLU E 55 -5.54 -4.29 16.27
CA GLU E 55 -6.02 -2.99 15.82
C GLU E 55 -7.56 -2.94 15.89
N HIS E 56 -8.21 -4.07 15.59
CA HIS E 56 -9.66 -4.13 15.74
C HIS E 56 -10.06 -4.10 17.20
N TYR E 57 -9.31 -4.81 18.04
CA TYR E 57 -9.68 -4.90 19.45
C TYR E 57 -9.54 -3.54 20.12
N THR E 58 -8.42 -2.84 19.89
CA THR E 58 -8.17 -1.58 20.56
C THR E 58 -8.65 -0.38 19.77
N ARG E 59 -9.56 -0.58 18.80
CA ARG E 59 -10.04 0.55 18.01
C ARG E 59 -10.78 1.59 18.87
N PRO E 60 -11.81 1.22 19.70
CA PRO E 60 -12.45 2.22 20.58
C PRO E 60 -11.49 3.15 21.33
N VAL E 61 -10.23 2.76 21.47
CA VAL E 61 -9.23 3.52 22.21
C VAL E 61 -8.35 4.34 21.29
N ALA E 62 -7.85 3.73 20.22
CA ALA E 62 -7.15 4.49 19.20
C ALA E 62 -8.01 5.65 18.69
N ASP E 63 -9.32 5.42 18.55
CA ASP E 63 -10.25 6.53 18.35
C ASP E 63 -9.98 7.63 19.36
N ILE E 64 -10.09 7.29 20.65
CA ILE E 64 -10.00 8.26 21.71
C ILE E 64 -8.62 8.91 21.75
N LEU E 65 -7.60 8.24 21.24
CA LEU E 65 -6.29 8.87 21.08
C LEU E 65 -6.27 9.90 19.94
N ALA E 66 -7.30 9.93 19.10
CA ALA E 66 -7.47 10.98 18.10
C ALA E 66 -8.40 12.08 18.62
N ARG E 67 -9.57 11.72 19.14
CA ARG E 67 -10.43 12.69 19.80
C ARG E 67 -9.69 13.42 20.91
N ALA E 68 -8.76 12.72 21.55
CA ALA E 68 -8.01 13.33 22.62
C ALA E 68 -7.25 14.51 22.06
N GLU E 69 -7.22 15.59 22.83
CA GLU E 69 -6.55 16.82 22.45
C GLU E 69 -5.11 16.83 22.95
N GLY E 70 -4.75 15.81 23.71
CA GLY E 70 -3.44 15.74 24.30
C GLY E 70 -2.86 14.35 24.41
N GLN E 71 -1.68 14.28 25.01
CA GLN E 71 -1.02 12.99 25.21
C GLN E 71 -1.77 12.18 26.25
N SER E 72 -2.04 10.95 25.87
CA SER E 72 -2.80 9.98 26.65
C SER E 72 -1.89 9.07 27.48
N ILE E 73 -2.47 8.54 28.56
CA ILE E 73 -1.84 7.54 29.42
C ILE E 73 -2.68 6.27 29.33
N LEU E 74 -2.02 5.14 29.06
CA LEU E 74 -2.70 3.88 28.79
C LEU E 74 -2.63 2.94 30.00
N LEU E 75 -3.77 2.62 30.59
CA LEU E 75 -3.85 1.73 31.74
C LEU E 75 -4.48 0.42 31.31
N GLY E 76 -3.83 -0.67 31.66
CA GLY E 76 -4.38 -2.00 31.44
C GLY E 76 -4.43 -2.76 32.74
N HIS E 77 -5.52 -3.48 32.95
CA HIS E 77 -5.66 -4.43 34.04
C HIS E 77 -5.64 -5.81 33.40
N SER E 78 -4.97 -6.78 34.05
N SER E 78 -4.87 -6.74 33.96
CA SER E 78 -4.95 -8.18 33.58
CA SER E 78 -4.97 -8.12 33.52
C SER E 78 -4.61 -8.29 32.09
C SER E 78 -4.64 -8.18 32.04
N LEU E 79 -5.55 -8.79 31.31
CA LEU E 79 -5.36 -8.91 29.86
C LEU E 79 -5.06 -7.55 29.21
N GLY E 80 -5.79 -6.52 29.62
CA GLY E 80 -5.63 -5.18 29.08
C GLY E 80 -4.20 -4.69 28.97
N GLY E 81 -3.27 -5.28 29.73
CA GLY E 81 -1.86 -4.95 29.64
C GLY E 81 -1.23 -5.24 28.30
N ALA E 82 -1.84 -6.14 27.49
CA ALA E 82 -1.39 -6.38 26.13
C ALA E 82 -1.85 -5.27 25.18
N SER E 83 -3.09 -4.80 25.35
CA SER E 83 -3.63 -3.75 24.49
C SER E 83 -2.81 -2.48 24.61
N ILE E 84 -2.64 -1.99 25.84
CA ILE E 84 -1.87 -0.78 26.05
C ILE E 84 -0.44 -0.95 25.58
N SER E 85 0.04 -2.20 25.50
CA SER E 85 1.38 -2.50 25.00
C SER E 85 1.40 -2.56 23.49
N TRP E 86 0.32 -3.05 22.88
CA TRP E 86 0.24 -3.01 21.43
C TRP E 86 0.03 -1.58 20.93
N LEU E 87 -0.81 -0.82 21.63
CA LEU E 87 -1.13 0.52 21.18
C LEU E 87 0.10 1.43 21.19
N ALA E 88 0.95 1.28 22.21
CA ALA E 88 2.04 2.23 22.40
C ALA E 88 3.05 2.18 21.25
N GLN E 89 3.24 1.02 20.61
CA GLN E 89 4.12 0.97 19.44
C GLN E 89 3.56 1.78 18.28
N HIS E 90 2.24 1.79 18.13
CA HIS E 90 1.59 2.36 16.97
C HIS E 90 1.25 3.83 17.14
N HIS E 91 1.18 4.31 18.37
CA HIS E 91 0.92 5.71 18.64
C HIS E 91 1.97 6.25 19.60
N PRO E 92 3.26 6.16 19.24
CA PRO E 92 4.31 6.49 20.23
C PRO E 92 4.32 7.95 20.65
N ASP E 93 4.11 8.88 19.71
CA ASP E 93 4.08 10.29 20.08
C ASP E 93 2.71 10.73 20.61
N LYS E 94 1.69 9.87 20.51
CA LYS E 94 0.39 10.16 21.09
C LYS E 94 0.36 9.76 22.57
N VAL E 95 1.00 8.64 22.90
CA VAL E 95 0.98 8.11 24.26
C VAL E 95 2.26 8.52 24.96
N ALA E 96 2.10 9.11 26.14
CA ALA E 96 3.21 9.58 26.96
C ALA E 96 3.51 8.67 28.14
N GLY E 97 2.80 7.55 28.29
CA GLY E 97 3.00 6.69 29.46
C GLY E 97 2.12 5.47 29.42
N LEU E 98 2.56 4.44 30.16
CA LEU E 98 1.94 3.13 30.16
C LEU E 98 1.79 2.64 31.59
N ILE E 99 0.70 1.92 31.85
CA ILE E 99 0.37 1.50 33.21
C ILE E 99 -0.20 0.09 33.15
N TYR E 100 0.55 -0.88 33.66
CA TYR E 100 0.10 -2.27 33.73
C TYR E 100 -0.33 -2.57 35.18
N LEU E 101 -1.57 -3.02 35.34
CA LEU E 101 -2.22 -3.13 36.64
C LEU E 101 -2.62 -4.58 36.85
N THR E 102 -1.84 -5.30 37.68
CA THR E 102 -1.79 -6.76 37.73
C THR E 102 -2.10 -7.29 36.36
N ALA E 103 -1.24 -6.95 35.39
CA ALA E 103 -1.51 -7.11 33.97
C ALA E 103 -0.33 -7.76 33.24
N VAL E 104 -0.67 -8.36 32.09
CA VAL E 104 0.33 -8.98 31.22
C VAL E 104 1.31 -7.93 30.71
N LEU E 105 2.60 -8.17 30.92
CA LEU E 105 3.64 -7.29 30.44
C LEU E 105 4.69 -8.17 29.80
N THR E 106 4.95 -7.95 28.52
CA THR E 106 5.74 -8.86 27.73
C THR E 106 6.79 -8.07 26.97
N ALA E 107 8.03 -8.60 26.96
CA ALA E 107 9.12 -8.04 26.18
C ALA E 107 8.77 -8.06 24.69
N PRO E 108 9.47 -7.28 23.86
CA PRO E 108 9.06 -7.18 22.44
C PRO E 108 9.17 -8.52 21.75
N GLY E 109 8.08 -8.91 21.11
CA GLY E 109 8.02 -10.16 20.40
C GLY E 109 7.48 -11.31 21.22
N VAL E 110 7.41 -11.19 22.52
CA VAL E 110 6.91 -12.28 23.36
C VAL E 110 5.41 -12.06 23.56
N THR E 111 4.63 -13.15 23.48
CA THR E 111 3.18 -13.07 23.68
C THR E 111 2.83 -13.06 25.16
N PRO E 112 1.64 -12.57 25.51
CA PRO E 112 1.18 -12.74 26.90
C PRO E 112 0.97 -14.20 27.30
N GLU E 113 0.45 -15.06 26.40
CA GLU E 113 -0.03 -16.36 26.84
C GLU E 113 1.07 -17.29 27.37
N THR E 114 2.35 -17.02 27.06
CA THR E 114 3.42 -17.81 27.68
C THR E 114 3.38 -17.70 29.19
N PHE E 115 3.04 -16.52 29.72
CA PHE E 115 2.96 -16.33 31.16
C PHE E 115 1.65 -16.86 31.73
N VAL E 116 0.61 -16.98 30.93
CA VAL E 116 -0.64 -17.48 31.46
C VAL E 116 -0.62 -18.99 31.58
N LEU E 117 0.06 -19.68 30.64
CA LEU E 117 0.03 -21.13 30.51
C LEU E 117 0.92 -21.84 31.54
N PRO E 118 0.54 -23.08 31.95
CA PRO E 118 1.39 -23.81 32.91
C PRO E 118 2.77 -24.06 32.33
N GLY E 119 3.77 -23.44 32.93
CA GLY E 119 5.10 -23.47 32.37
C GLY E 119 6.08 -22.91 33.36
N GLU E 120 7.35 -23.06 33.03
CA GLU E 120 8.44 -22.64 33.91
C GLU E 120 9.35 -21.66 33.18
N PRO E 121 10.00 -20.77 33.93
CA PRO E 121 9.80 -20.56 35.37
C PRO E 121 8.76 -19.48 35.65
N ASN E 122 8.01 -19.59 36.75
CA ASN E 122 7.07 -18.56 37.20
C ASN E 122 6.11 -18.16 36.09
N ARG E 123 5.59 -19.16 35.40
CA ARG E 123 4.58 -18.96 34.38
C ARG E 123 3.35 -19.71 34.80
N GLY E 124 2.19 -19.13 34.55
CA GLY E 124 1.00 -19.84 34.92
C GLY E 124 0.07 -18.96 35.71
N THR E 125 -1.21 -19.05 35.35
CA THR E 125 -2.31 -18.51 36.14
C THR E 125 -3.29 -19.64 36.38
N PRO E 126 -2.85 -20.69 37.10
CA PRO E 126 -3.66 -21.91 37.22
C PRO E 126 -5.03 -21.68 37.75
N HIS E 127 -5.18 -20.71 38.66
CA HIS E 127 -6.49 -20.42 39.20
C HIS E 127 -7.40 -19.82 38.13
N ALA E 128 -6.87 -18.86 37.36
CA ALA E 128 -7.60 -18.33 36.21
C ALA E 128 -8.01 -19.47 35.28
N LEU E 129 -7.03 -20.28 34.84
CA LEU E 129 -7.31 -21.31 33.84
C LEU E 129 -8.22 -22.40 34.38
N ASP E 130 -8.11 -22.74 35.67
CA ASP E 130 -9.03 -23.71 36.25
C ASP E 130 -10.46 -23.24 36.09
N LEU E 131 -10.72 -21.97 36.43
CA LEU E 131 -12.07 -21.44 36.40
C LEU E 131 -12.46 -20.89 35.02
N ILE E 132 -11.50 -20.54 34.17
CA ILE E 132 -11.81 -20.04 32.83
C ILE E 132 -11.82 -21.20 31.84
N GLN E 133 -12.93 -21.33 31.10
CA GLN E 133 -13.10 -22.43 30.15
C GLN E 133 -13.05 -21.97 28.71
N PRO E 134 -12.26 -22.64 27.86
CA PRO E 134 -12.35 -22.38 26.41
C PRO E 134 -13.71 -22.75 25.84
N VAL E 135 -14.22 -21.92 24.93
CA VAL E 135 -15.59 -22.05 24.44
C VAL E 135 -15.65 -21.91 22.92
N ASP E 136 -16.65 -22.58 22.34
CA ASP E 136 -16.98 -22.50 20.91
C ASP E 136 -15.73 -22.65 20.05
N GLU E 137 -15.13 -23.84 20.16
CA GLU E 137 -13.98 -24.26 19.38
C GLU E 137 -12.71 -23.49 19.71
N GLY E 138 -12.67 -22.84 20.86
CA GLY E 138 -11.42 -22.26 21.33
C GLY E 138 -11.10 -20.85 20.86
N ARG E 139 -12.08 -20.12 20.32
CA ARG E 139 -11.88 -18.73 19.97
C ARG E 139 -12.37 -17.78 21.06
N GLY E 140 -12.92 -18.32 22.14
CA GLY E 140 -13.39 -17.49 23.23
C GLY E 140 -13.17 -18.19 24.57
N LEU E 141 -13.11 -17.37 25.62
CA LEU E 141 -13.00 -17.85 26.99
C LEU E 141 -14.27 -17.48 27.74
N GLN E 142 -14.71 -18.39 28.59
CA GLN E 142 -15.92 -18.19 29.38
C GLN E 142 -15.68 -18.63 30.82
N ALA E 143 -16.24 -17.90 31.77
CA ALA E 143 -16.06 -18.24 33.18
C ALA E 143 -16.87 -19.47 33.55
N ASP E 144 -16.27 -20.30 34.41
CA ASP E 144 -16.91 -21.52 34.92
C ASP E 144 -17.92 -21.11 35.96
N PHE E 145 -19.18 -21.04 35.56
CA PHE E 145 -20.19 -20.58 36.49
C PHE E 145 -20.72 -21.67 37.39
N SER E 146 -20.13 -22.87 37.36
CA SER E 146 -20.55 -23.92 38.29
C SER E 146 -20.10 -23.63 39.71
N ARG E 147 -19.08 -22.79 39.89
CA ARG E 147 -18.40 -22.57 41.15
C ARG E 147 -18.40 -21.06 41.44
N LEU E 148 -19.57 -20.56 41.83
CA LEU E 148 -19.75 -19.12 42.03
C LEU E 148 -18.83 -18.58 43.12
N GLU E 149 -18.95 -19.14 44.33
CA GLU E 149 -18.13 -18.69 45.44
C GLU E 149 -16.65 -18.72 45.08
N ARG E 150 -16.21 -19.83 44.47
CA ARG E 150 -14.85 -19.93 43.95
C ARG E 150 -14.53 -18.78 43.01
N LEU E 151 -15.45 -18.46 42.10
CA LEU E 151 -15.25 -17.29 41.24
C LEU E 151 -15.12 -16.02 42.07
N ARG E 152 -16.01 -15.86 43.07
CA ARG E 152 -16.00 -14.63 43.86
C ARG E 152 -14.69 -14.44 44.61
N GLU E 153 -14.20 -15.51 45.24
CA GLU E 153 -12.99 -15.40 46.05
C GLU E 153 -11.77 -15.07 45.20
N VAL E 154 -11.72 -15.56 43.97
CA VAL E 154 -10.51 -15.43 43.18
C VAL E 154 -10.45 -14.08 42.47
N PHE E 155 -11.56 -13.69 41.83
CA PHE E 155 -11.62 -12.49 40.99
C PHE E 155 -12.28 -11.32 41.73
N GLY E 157 -12.93 -10.85 45.11
CA GLY E 157 -12.68 -10.68 46.53
C GLY E 157 -12.60 -9.25 47.02
N ASP E 158 -12.12 -8.35 46.18
CA ASP E 158 -11.94 -6.96 46.58
C ASP E 158 -13.23 -6.14 46.61
N TYR E 159 -14.34 -6.67 46.13
CA TYR E 159 -15.57 -5.88 46.13
C TYR E 159 -16.04 -5.71 47.56
N PRO E 160 -16.20 -4.48 48.04
CA PRO E 160 -16.60 -4.25 49.43
C PRO E 160 -17.78 -5.08 49.91
N GLY E 161 -17.55 -5.87 50.95
CA GLY E 161 -18.60 -6.65 51.59
C GLY E 161 -19.18 -7.69 50.66
N PRO E 165 -19.94 -7.73 42.48
CA PRO E 165 -20.20 -6.42 41.85
C PRO E 165 -21.37 -6.43 40.87
N PRO E 166 -21.72 -5.19 40.37
CA PRO E 166 -22.86 -5.20 39.43
C PRO E 166 -22.61 -5.84 38.06
N ALA E 167 -23.70 -6.21 37.40
CA ALA E 167 -23.71 -6.85 36.10
C ALA E 167 -23.03 -6.06 35.01
N GLU E 168 -23.13 -4.75 35.11
CA GLU E 168 -22.60 -3.84 34.12
C GLU E 168 -21.09 -3.95 33.91
N HIS E 169 -20.36 -4.54 34.85
CA HIS E 169 -18.90 -4.61 34.68
C HIS E 169 -18.41 -5.85 33.97
N PHE E 170 -19.24 -6.87 33.80
CA PHE E 170 -18.77 -8.09 33.15
C PHE E 170 -19.45 -8.34 31.81
N ILE E 171 -18.69 -9.00 30.94
CA ILE E 171 -19.21 -9.60 29.72
C ILE E 171 -19.06 -11.11 29.85
N GLN E 172 -19.72 -11.84 28.94
CA GLN E 172 -19.85 -13.28 29.10
C GLN E 172 -18.69 -14.07 28.50
N THR E 173 -18.25 -13.72 27.28
CA THR E 173 -17.25 -14.49 26.57
C THR E 173 -16.17 -13.58 26.03
N GLN E 174 -14.91 -13.96 26.20
CA GLN E 174 -13.77 -13.08 25.93
C GLN E 174 -12.96 -13.58 24.74
N SER E 175 -12.56 -12.67 23.85
CA SER E 175 -11.78 -13.06 22.68
C SER E 175 -10.35 -13.41 23.06
N THR E 176 -9.83 -14.48 22.45
CA THR E 176 -8.47 -14.93 22.73
C THR E 176 -7.43 -14.23 21.87
N VAL E 177 -7.86 -13.40 20.91
CA VAL E 177 -6.92 -12.60 20.12
C VAL E 177 -5.88 -11.92 21.00
N PRO E 178 -6.23 -11.22 22.08
CA PRO E 178 -5.20 -10.55 22.88
C PRO E 178 -4.16 -11.48 23.50
N PHE E 179 -4.50 -12.78 23.70
CA PHE E 179 -3.61 -13.67 24.44
C PHE E 179 -2.39 -14.11 23.62
N GLY E 180 -2.51 -14.18 22.29
CA GLY E 180 -1.46 -14.77 21.47
C GLY E 180 -0.82 -13.89 20.42
N THR E 181 -1.07 -12.58 20.47
CA THR E 181 -0.44 -11.68 19.52
C THR E 181 0.85 -11.15 20.12
N PRO E 182 2.01 -11.43 19.51
CA PRO E 182 3.26 -10.94 20.10
C PRO E 182 3.31 -9.41 20.16
N ASN E 183 4.27 -8.95 20.96
CA ASN E 183 4.30 -7.57 21.43
C ASN E 183 5.13 -6.73 20.46
N PRO E 184 4.52 -5.82 19.69
CA PRO E 184 5.20 -5.25 18.52
C PRO E 184 6.08 -4.05 18.81
N GLU E 186 8.88 -1.38 19.39
CA GLU E 186 10.27 -1.15 19.01
C GLU E 186 10.49 0.33 18.78
N GLY E 187 11.76 0.71 18.63
CA GLY E 187 12.10 2.08 18.34
C GLY E 187 11.69 3.01 19.47
N ARG E 188 10.94 4.06 19.11
CA ARG E 188 10.59 5.08 20.09
C ARG E 188 9.52 4.62 21.08
N ALA E 189 8.76 3.57 20.76
CA ALA E 189 7.85 2.99 21.74
C ALA E 189 8.58 2.44 22.96
N LEU E 190 9.87 2.14 22.86
CA LEU E 190 10.64 1.78 24.04
C LEU E 190 10.93 3.00 24.90
N GLU E 191 11.11 4.17 24.28
CA GLU E 191 11.44 5.39 25.00
C GLU E 191 10.29 5.89 25.88
N ILE E 192 9.05 5.55 25.55
CA ILE E 192 7.98 5.94 26.47
C ILE E 192 8.23 5.29 27.82
N PRO E 193 8.13 6.04 28.91
CA PRO E 193 8.27 5.42 30.24
C PRO E 193 7.04 4.59 30.59
N ARG E 194 7.30 3.47 31.27
CA ARG E 194 6.28 2.47 31.58
C ARG E 194 6.35 2.13 33.06
N LEU E 195 5.20 1.74 33.63
CA LEU E 195 5.09 1.53 35.07
C LEU E 195 4.14 0.39 35.37
N TYR E 196 4.55 -0.50 36.28
CA TYR E 196 3.78 -1.68 36.65
C TYR E 196 3.24 -1.49 38.07
N ILE E 197 1.95 -1.74 38.27
CA ILE E 197 1.28 -1.61 39.55
C ILE E 197 0.96 -3.02 40.05
N GLU E 198 1.71 -3.48 41.06
CA GLU E 198 1.59 -4.85 41.53
C GLU E 198 0.40 -5.03 42.45
N ALA E 199 -0.37 -6.08 42.22
CA ALA E 199 -1.34 -6.56 43.19
C ALA E 199 -0.68 -7.67 44.03
N LEU E 200 -0.10 -7.27 45.17
CA LEU E 200 0.71 -8.20 45.97
C LEU E 200 -0.04 -9.48 46.36
N ASP E 201 -1.36 -9.41 46.55
CA ASP E 201 -2.08 -10.57 47.06
C ASP E 201 -2.94 -11.25 46.00
N ASP E 202 -2.78 -10.89 44.73
CA ASP E 202 -3.50 -11.53 43.64
C ASP E 202 -3.32 -13.04 43.67
N VAL E 203 -4.42 -13.77 43.64
CA VAL E 203 -4.32 -15.21 43.39
C VAL E 203 -4.66 -15.57 41.95
N VAL E 204 -5.36 -14.68 41.23
CA VAL E 204 -5.47 -14.86 39.79
C VAL E 204 -4.09 -14.78 39.16
N LEU E 205 -3.30 -13.80 39.57
CA LEU E 205 -2.04 -13.51 38.91
C LEU E 205 -0.96 -13.32 39.96
N PRO E 206 -0.22 -14.40 40.28
CA PRO E 206 0.62 -14.40 41.48
C PRO E 206 1.69 -13.33 41.40
N ILE E 207 1.99 -12.74 42.55
CA ILE E 207 2.97 -11.66 42.59
C ILE E 207 4.31 -12.11 42.03
N ALA E 208 4.62 -13.39 42.13
CA ALA E 208 5.86 -13.90 41.54
C ALA E 208 5.87 -13.68 40.02
N VAL E 209 4.78 -14.08 39.35
CA VAL E 209 4.65 -13.86 37.91
C VAL E 209 4.85 -12.39 37.57
N GLN E 210 4.03 -11.50 38.16
CA GLN E 210 4.13 -10.06 37.99
C GLN E 210 5.58 -9.59 37.97
N ARG E 211 6.37 -10.10 38.92
CA ARG E 211 7.75 -9.70 39.03
C ARG E 211 8.62 -10.29 37.94
N GLN E 212 8.24 -11.43 37.38
CA GLN E 212 9.05 -12.05 36.34
C GLN E 212 8.99 -11.21 35.07
N GLN E 214 8.44 -7.93 34.90
CA GLN E 214 9.14 -6.68 35.04
C GLN E 214 10.64 -6.75 34.85
N LYS E 215 11.22 -7.87 35.22
CA LYS E 215 12.66 -7.98 35.02
C LYS E 215 12.98 -8.58 33.64
N GLU E 216 12.06 -9.38 33.08
CA GLU E 216 12.23 -9.94 31.74
C GLU E 216 11.98 -8.94 30.63
N PHE E 217 11.37 -7.79 30.92
CA PHE E 217 11.17 -6.77 29.90
C PHE E 217 12.45 -5.94 29.74
N PRO E 218 12.90 -5.71 28.52
CA PRO E 218 14.16 -4.98 28.31
C PRO E 218 14.05 -3.54 28.78
N GLY E 219 15.07 -3.08 29.51
CA GLY E 219 15.12 -1.71 29.94
C GLY E 219 14.17 -1.38 31.07
N PRO E 220 14.30 -0.16 31.61
CA PRO E 220 13.72 0.16 32.91
C PRO E 220 12.20 0.12 32.95
N VAL E 221 11.69 -0.41 34.06
CA VAL E 221 10.28 -0.40 34.43
C VAL E 221 10.21 0.06 35.89
N ALA E 222 9.48 1.14 36.15
CA ALA E 222 9.21 1.51 37.54
C ALA E 222 8.04 0.66 38.06
N VAL E 223 7.92 0.57 39.38
CA VAL E 223 6.92 -0.31 39.98
C VAL E 223 6.33 0.35 41.23
N VAL E 224 5.07 0.04 41.50
CA VAL E 224 4.46 0.33 42.79
C VAL E 224 3.64 -0.88 43.20
N SER E 225 3.67 -1.17 44.50
CA SER E 225 2.98 -2.32 45.07
C SER E 225 1.77 -1.82 45.85
N LEU E 226 0.63 -2.47 45.63
CA LEU E 226 -0.56 -2.21 46.39
C LEU E 226 -0.92 -3.48 47.15
N PRO E 227 -1.19 -3.40 48.44
CA PRO E 227 -1.54 -4.60 49.20
C PRO E 227 -2.91 -5.16 48.81
N ALA E 228 -3.15 -5.34 47.52
CA ALA E 228 -4.48 -5.66 47.04
C ALA E 228 -4.57 -7.07 46.49
N SER E 229 -5.81 -7.55 46.39
CA SER E 229 -6.11 -8.78 45.66
C SER E 229 -6.23 -8.48 44.15
N HIS E 230 -7.02 -9.25 43.39
CA HIS E 230 -6.97 -9.16 41.93
C HIS E 230 -7.57 -7.86 41.39
N ALA E 231 -8.56 -7.28 42.09
CA ALA E 231 -9.26 -6.08 41.65
C ALA E 231 -9.07 -4.93 42.64
N PRO E 232 -7.89 -4.31 42.66
CA PRO E 232 -7.70 -3.15 43.52
C PRO E 232 -8.55 -1.95 43.15
N TYR E 233 -9.05 -1.87 41.92
CA TYR E 233 -9.98 -0.79 41.62
C TYR E 233 -11.30 -0.94 42.36
N TYR E 234 -11.47 -2.02 43.13
CA TYR E 234 -12.59 -2.14 44.04
C TYR E 234 -12.13 -1.77 45.44
N SER E 235 -11.15 -2.49 45.97
CA SER E 235 -10.78 -2.38 47.37
C SER E 235 -10.05 -1.09 47.71
N PRO E 237 -9.76 2.30 45.52
CA PRO E 237 -9.76 3.26 44.41
C PRO E 237 -8.89 4.47 44.68
N GLU E 238 -8.90 4.97 45.91
CA GLU E 238 -8.24 6.23 46.22
C GLU E 238 -6.72 6.12 46.08
N ARG E 239 -6.13 5.07 46.65
CA ARG E 239 -4.70 4.88 46.51
C ARG E 239 -4.33 4.49 45.09
N LEU E 240 -5.17 3.69 44.43
CA LEU E 240 -4.93 3.34 43.04
C LEU E 240 -4.97 4.56 42.13
N ALA E 241 -6.03 5.36 42.24
CA ALA E 241 -6.11 6.59 41.48
C ALA E 241 -4.97 7.54 41.83
N GLU E 242 -4.54 7.55 43.11
CA GLU E 242 -3.43 8.41 43.48
C GLU E 242 -2.13 7.99 42.83
N ALA E 243 -1.95 6.68 42.64
CA ALA E 243 -0.76 6.17 41.98
C ALA E 243 -0.73 6.63 40.52
N ILE E 244 -1.79 6.31 39.77
CA ILE E 244 -1.95 6.71 38.38
C ILE E 244 -1.64 8.19 38.19
N ALA E 245 -2.47 9.07 38.75
CA ALA E 245 -2.33 10.50 38.49
C ALA E 245 -0.97 11.05 38.91
N ASP E 246 -0.27 10.37 39.83
CA ASP E 246 1.11 10.74 40.14
C ASP E 246 2.03 10.48 38.95
N PHE E 247 1.82 9.36 38.27
CA PHE E 247 2.56 9.05 37.07
C PHE E 247 2.17 9.99 35.94
N ALA E 248 0.87 10.15 35.68
CA ALA E 248 0.39 10.99 34.58
C ALA E 248 0.91 12.42 34.71
N ASP E 249 1.19 12.88 35.93
CA ASP E 249 1.85 14.16 36.15
C ASP E 249 3.17 14.21 35.39
N ALA E 250 4.16 13.43 35.86
CA ALA E 250 5.51 13.41 35.28
C ALA E 250 5.83 12.00 34.80
N PRO E 251 5.15 11.52 33.75
CA PRO E 251 5.36 10.11 33.36
C PRO E 251 6.77 9.82 32.94
N ALA E 252 7.47 10.81 32.38
CA ALA E 252 8.85 10.63 31.98
C ALA E 252 9.74 10.28 33.16
N GLU E 253 9.35 10.69 34.36
CA GLU E 253 10.31 10.83 35.44
C GLU E 253 9.87 10.11 36.70
N TYR E 254 9.18 8.98 36.56
CA TYR E 254 8.65 8.28 37.72
C TYR E 254 9.64 7.30 38.32
N THR F 2 -0.64 -20.25 -26.28
CA THR F 2 -1.10 -19.13 -25.45
C THR F 2 -1.81 -19.63 -24.19
N VAL F 3 -2.80 -20.51 -24.35
CA VAL F 3 -3.63 -21.01 -23.26
C VAL F 3 -3.23 -22.44 -22.95
N THR F 4 -3.16 -22.78 -21.66
CA THR F 4 -2.42 -23.97 -21.27
C THR F 4 -3.14 -24.85 -20.26
N ASP F 5 -3.92 -24.25 -19.36
CA ASP F 5 -4.72 -24.98 -18.39
C ASP F 5 -6.19 -24.63 -18.56
N ILE F 6 -7.06 -25.60 -18.24
CA ILE F 6 -8.49 -25.36 -18.13
C ILE F 6 -8.94 -25.91 -16.79
N ILE F 7 -9.55 -25.07 -15.98
CA ILE F 7 -9.90 -25.43 -14.61
C ILE F 7 -11.42 -25.37 -14.49
N LEU F 8 -11.99 -26.46 -13.97
CA LEU F 8 -13.43 -26.67 -13.91
C LEU F 8 -13.87 -26.67 -12.45
N ILE F 9 -14.92 -25.92 -12.16
CA ILE F 9 -15.26 -25.54 -10.79
C ILE F 9 -16.67 -25.99 -10.46
N HIS F 10 -16.79 -26.93 -9.51
CA HIS F 10 -18.05 -27.56 -9.16
C HIS F 10 -19.01 -26.57 -8.50
N GLY F 11 -20.30 -26.71 -8.81
CA GLY F 11 -21.31 -25.86 -8.24
C GLY F 11 -21.73 -26.29 -6.85
N ALA F 12 -22.71 -25.56 -6.33
CA ALA F 12 -23.11 -25.73 -4.94
C ALA F 12 -23.56 -27.15 -4.68
N LEU F 13 -23.12 -27.71 -3.55
CA LEU F 13 -23.36 -29.07 -3.06
C LEU F 13 -22.54 -30.14 -3.77
N ASN F 14 -21.72 -29.82 -4.75
CA ASN F 14 -21.05 -30.83 -5.57
C ASN F 14 -19.54 -30.82 -5.35
N ARG F 15 -18.90 -31.90 -5.82
CA ARG F 15 -17.45 -32.03 -5.80
C ARG F 15 -16.91 -32.12 -7.22
N GLY F 16 -15.64 -31.73 -7.39
CA GLY F 16 -15.02 -31.65 -8.72
C GLY F 16 -15.15 -32.92 -9.55
N ALA F 17 -15.26 -34.08 -8.89
CA ALA F 17 -15.43 -35.38 -9.55
C ALA F 17 -16.72 -35.48 -10.37
N CYS F 18 -17.68 -34.57 -10.20
CA CYS F 18 -18.76 -34.50 -11.17
C CYS F 18 -18.30 -34.09 -12.56
N TYR F 19 -16.99 -33.96 -12.80
CA TYR F 19 -16.44 -33.65 -14.11
C TYR F 19 -15.70 -34.82 -14.74
N ASP F 20 -15.64 -35.96 -14.05
CA ASP F 20 -14.85 -37.13 -14.41
C ASP F 20 -15.05 -37.62 -15.84
N ALA F 21 -16.08 -37.10 -16.53
CA ALA F 21 -16.31 -37.44 -17.92
C ALA F 21 -15.92 -36.35 -18.90
N VAL F 22 -15.82 -35.11 -18.43
CA VAL F 22 -15.25 -34.05 -19.27
C VAL F 22 -13.73 -34.02 -19.21
N VAL F 23 -13.16 -34.57 -18.14
CA VAL F 23 -11.72 -34.51 -17.84
C VAL F 23 -10.86 -34.99 -19.01
N PRO F 24 -10.97 -36.25 -19.45
CA PRO F 24 -10.06 -36.69 -20.52
C PRO F 24 -10.27 -35.95 -21.83
N LEU F 25 -11.51 -35.57 -22.13
CA LEU F 25 -11.82 -35.05 -23.46
C LEU F 25 -11.21 -33.67 -23.69
N LEU F 26 -11.06 -32.87 -22.64
CA LEU F 26 -10.24 -31.67 -22.77
C LEU F 26 -8.76 -32.01 -22.73
N GLU F 27 -8.37 -33.01 -21.93
CA GLU F 27 -6.98 -33.47 -21.85
C GLU F 27 -6.47 -33.97 -23.19
N ALA F 28 -7.34 -34.55 -24.01
CA ALA F 28 -6.97 -35.02 -25.34
C ALA F 28 -6.86 -33.89 -26.35
N ARG F 29 -7.30 -32.68 -26.01
CA ARG F 29 -7.19 -31.53 -26.90
C ARG F 29 -6.00 -30.64 -26.54
N GLY F 30 -5.10 -31.14 -25.70
CA GLY F 30 -3.86 -30.44 -25.40
C GLY F 30 -3.96 -29.42 -24.28
N TYR F 31 -4.57 -29.79 -23.16
CA TYR F 31 -4.72 -28.89 -22.03
C TYR F 31 -4.45 -29.63 -20.74
N ARG F 32 -3.91 -28.91 -19.76
CA ARG F 32 -4.00 -29.36 -18.39
C ARG F 32 -5.41 -29.06 -17.89
N VAL F 33 -6.16 -30.09 -17.52
CA VAL F 33 -7.49 -29.94 -16.94
C VAL F 33 -7.43 -30.33 -15.47
N HIS F 34 -8.11 -29.56 -14.63
CA HIS F 34 -8.21 -29.87 -13.21
C HIS F 34 -9.57 -29.44 -12.69
N ALA F 35 -10.01 -30.13 -11.63
CA ALA F 35 -11.34 -29.93 -11.06
C ALA F 35 -11.23 -30.09 -9.55
N PRO F 36 -11.06 -28.98 -8.82
CA PRO F 36 -10.64 -29.07 -7.42
C PRO F 36 -11.79 -28.85 -6.43
N ASP F 37 -11.90 -29.75 -5.45
CA ASP F 37 -12.82 -29.60 -4.32
C ASP F 37 -12.51 -28.30 -3.61
N LEU F 38 -13.42 -27.32 -3.71
CA LEU F 38 -13.25 -26.08 -2.97
C LEU F 38 -13.30 -26.36 -1.46
N THR F 39 -12.82 -25.39 -0.68
CA THR F 39 -12.60 -25.63 0.74
C THR F 39 -13.92 -25.95 1.44
N GLY F 40 -13.87 -26.94 2.34
CA GLY F 40 -15.05 -27.52 2.93
C GLY F 40 -15.63 -28.69 2.16
N HIS F 41 -15.26 -28.83 0.89
CA HIS F 41 -15.84 -29.85 0.03
C HIS F 41 -15.05 -31.14 0.02
N THR F 42 -14.21 -31.38 1.01
CA THR F 42 -13.59 -32.68 1.07
C THR F 42 -13.99 -33.36 2.37
N PRO F 43 -14.41 -34.62 2.32
CA PRO F 43 -14.71 -35.35 3.57
C PRO F 43 -13.50 -35.39 4.49
N GLY F 44 -13.74 -35.12 5.78
CA GLY F 44 -12.67 -34.96 6.75
C GLY F 44 -12.08 -33.56 6.80
N ASP F 45 -12.56 -32.63 5.95
CA ASP F 45 -12.16 -31.24 5.95
C ASP F 45 -12.90 -30.44 7.00
N GLY F 46 -13.89 -31.03 7.67
CA GLY F 46 -14.71 -30.31 8.61
C GLY F 46 -15.95 -29.72 8.00
N GLY F 47 -16.10 -29.79 6.69
CA GLY F 47 -17.36 -29.39 6.08
C GLY F 47 -17.52 -27.89 5.94
N HIS F 48 -18.78 -27.45 6.04
CA HIS F 48 -19.15 -26.10 5.61
C HIS F 48 -18.73 -25.03 6.60
N LEU F 49 -18.70 -25.36 7.90
CA LEU F 49 -18.25 -24.40 8.89
C LEU F 49 -16.78 -24.06 8.71
N SER F 50 -16.05 -24.87 7.93
CA SER F 50 -14.66 -24.56 7.60
C SER F 50 -14.55 -23.28 6.77
N VAL F 51 -15.60 -22.95 6.02
CA VAL F 51 -15.50 -21.84 5.08
C VAL F 51 -15.45 -20.53 5.86
N VAL F 52 -14.65 -19.59 5.35
CA VAL F 52 -14.48 -18.28 5.95
C VAL F 52 -14.97 -17.25 4.95
N ASP F 53 -14.08 -16.81 4.08
CA ASP F 53 -14.36 -15.87 3.00
C ASP F 53 -14.22 -16.62 1.69
N GLU F 55 -11.86 -15.95 -0.43
CA GLU F 55 -10.43 -16.27 -0.47
C GLU F 55 -10.20 -17.69 0.03
N HIS F 56 -10.89 -18.09 1.10
CA HIS F 56 -10.81 -19.46 1.60
C HIS F 56 -11.49 -20.44 0.65
N TYR F 57 -12.65 -20.08 0.10
CA TYR F 57 -13.36 -21.00 -0.80
C TYR F 57 -12.61 -21.18 -2.12
N THR F 58 -12.11 -20.07 -2.73
CA THR F 58 -11.29 -20.08 -3.97
C THR F 58 -9.85 -20.55 -3.75
N ARG F 59 -9.52 -21.08 -2.57
CA ARG F 59 -8.13 -21.35 -2.26
C ARG F 59 -7.54 -22.45 -3.14
N PRO F 60 -8.15 -23.63 -3.26
CA PRO F 60 -7.56 -24.65 -4.15
C PRO F 60 -7.48 -24.18 -5.60
N VAL F 61 -8.30 -23.21 -6.01
CA VAL F 61 -8.17 -22.66 -7.36
C VAL F 61 -7.01 -21.66 -7.42
N ALA F 62 -6.82 -20.87 -6.37
CA ALA F 62 -5.64 -20.01 -6.33
C ALA F 62 -4.37 -20.82 -6.46
N ASP F 63 -4.36 -22.04 -5.89
CA ASP F 63 -3.17 -22.88 -5.93
C ASP F 63 -2.77 -23.25 -7.35
N ILE F 64 -3.75 -23.54 -8.20
CA ILE F 64 -3.41 -24.03 -9.54
C ILE F 64 -3.06 -22.88 -10.48
N LEU F 65 -3.65 -21.69 -10.29
CA LEU F 65 -3.21 -20.53 -11.04
C LEU F 65 -1.73 -20.22 -10.82
N ALA F 66 -1.11 -20.82 -9.80
CA ALA F 66 0.30 -20.67 -9.48
C ALA F 66 1.18 -21.70 -10.20
N ARG F 67 0.89 -22.99 -10.01
CA ARG F 67 1.65 -24.04 -10.69
C ARG F 67 1.59 -23.90 -12.20
N ALA F 68 0.59 -23.21 -12.75
CA ALA F 68 0.37 -23.20 -14.18
C ALA F 68 1.42 -22.38 -14.92
N GLU F 69 1.86 -22.90 -16.07
CA GLU F 69 2.85 -22.22 -16.89
C GLU F 69 2.23 -21.12 -17.73
N GLY F 70 1.17 -21.44 -18.45
CA GLY F 70 0.59 -20.49 -19.38
C GLY F 70 -0.66 -19.85 -18.83
N GLN F 71 -1.66 -19.73 -19.70
CA GLN F 71 -2.93 -19.13 -19.34
C GLN F 71 -3.89 -20.19 -18.80
N SER F 72 -5.06 -19.75 -18.34
CA SER F 72 -6.08 -20.63 -17.83
C SER F 72 -7.36 -20.50 -18.64
N ILE F 73 -8.32 -21.37 -18.33
CA ILE F 73 -9.71 -21.20 -18.72
C ILE F 73 -10.55 -21.49 -17.50
N LEU F 74 -11.30 -20.50 -17.03
CA LEU F 74 -12.15 -20.66 -15.87
C LEU F 74 -13.56 -21.03 -16.33
N LEU F 75 -14.06 -22.17 -15.86
CA LEU F 75 -15.44 -22.56 -16.10
C LEU F 75 -16.16 -22.73 -14.78
N GLY F 76 -17.31 -22.09 -14.67
CA GLY F 76 -18.21 -22.27 -13.54
C GLY F 76 -19.52 -22.89 -14.01
N HIS F 77 -19.99 -23.86 -13.24
CA HIS F 77 -21.32 -24.44 -13.41
C HIS F 77 -22.20 -24.04 -12.23
N SER F 78 -23.33 -23.39 -12.52
N SER F 78 -23.38 -23.48 -12.45
CA SER F 78 -24.31 -23.03 -11.49
CA SER F 78 -24.28 -23.06 -11.38
C SER F 78 -23.64 -22.09 -10.49
C SER F 78 -23.59 -22.08 -10.47
N LEU F 79 -23.67 -22.36 -9.17
CA LEU F 79 -22.94 -21.51 -8.25
C LEU F 79 -21.43 -21.66 -8.37
N GLY F 80 -20.96 -22.63 -9.14
CA GLY F 80 -19.59 -22.55 -9.63
C GLY F 80 -19.32 -21.24 -10.32
N GLY F 81 -20.32 -20.70 -11.04
CA GLY F 81 -20.16 -19.44 -11.74
C GLY F 81 -19.83 -18.26 -10.84
N ALA F 82 -20.18 -18.36 -9.55
CA ALA F 82 -19.85 -17.29 -8.61
C ALA F 82 -18.35 -17.25 -8.33
N SER F 83 -17.78 -18.37 -7.86
CA SER F 83 -16.36 -18.43 -7.54
C SER F 83 -15.50 -17.99 -8.72
N ILE F 84 -16.01 -18.18 -9.94
CA ILE F 84 -15.31 -17.79 -11.15
C ILE F 84 -15.24 -16.27 -11.27
N SER F 85 -16.25 -15.58 -10.73
CA SER F 85 -16.29 -14.13 -10.83
C SER F 85 -15.23 -13.49 -9.94
N TRP F 86 -15.18 -13.87 -8.66
CA TRP F 86 -14.16 -13.40 -7.73
C TRP F 86 -12.76 -13.46 -8.35
N LEU F 87 -12.32 -14.67 -8.75
CA LEU F 87 -10.98 -14.87 -9.30
C LEU F 87 -10.74 -14.07 -10.59
N ALA F 88 -11.79 -13.67 -11.31
CA ALA F 88 -11.61 -12.93 -12.55
C ALA F 88 -10.98 -11.56 -12.32
N GLN F 89 -11.07 -11.02 -11.10
CA GLN F 89 -10.32 -9.84 -10.73
C GLN F 89 -9.14 -10.15 -9.84
N HIS F 90 -9.21 -11.21 -9.05
CA HIS F 90 -8.13 -11.52 -8.12
C HIS F 90 -6.92 -12.09 -8.84
N HIS F 91 -7.12 -12.85 -9.92
CA HIS F 91 -6.03 -13.40 -10.73
C HIS F 91 -6.28 -13.09 -12.20
N PRO F 92 -6.32 -11.80 -12.58
CA PRO F 92 -6.73 -11.48 -13.96
C PRO F 92 -5.81 -12.03 -15.03
N ASP F 93 -4.51 -11.73 -14.96
CA ASP F 93 -3.57 -12.22 -15.98
C ASP F 93 -3.61 -13.73 -16.08
N LYS F 94 -3.77 -14.41 -14.94
CA LYS F 94 -3.71 -15.87 -14.92
C LYS F 94 -4.81 -16.52 -15.75
N VAL F 95 -5.89 -15.79 -16.06
CA VAL F 95 -7.06 -16.40 -16.68
C VAL F 95 -7.20 -15.85 -18.09
N ALA F 96 -7.18 -16.75 -19.07
CA ALA F 96 -7.36 -16.38 -20.46
C ALA F 96 -8.83 -16.21 -20.83
N GLY F 97 -9.72 -16.99 -20.22
CA GLY F 97 -11.15 -16.89 -20.51
C GLY F 97 -11.98 -17.52 -19.42
N LEU F 98 -13.21 -17.02 -19.26
CA LEU F 98 -14.17 -17.56 -18.32
C LEU F 98 -15.36 -18.15 -19.07
N ILE F 99 -15.77 -19.35 -18.70
CA ILE F 99 -16.91 -20.01 -19.30
C ILE F 99 -17.99 -20.17 -18.24
N TYR F 100 -19.18 -19.68 -18.54
CA TYR F 100 -20.33 -19.82 -17.66
C TYR F 100 -21.26 -20.88 -18.25
N LEU F 101 -21.19 -22.07 -17.65
CA LEU F 101 -21.98 -23.23 -18.05
C LEU F 101 -23.19 -23.30 -17.13
N THR F 102 -24.36 -22.93 -17.66
CA THR F 102 -25.61 -22.68 -16.93
C THR F 102 -25.32 -22.24 -15.49
N ALA F 103 -24.54 -21.18 -15.37
CA ALA F 103 -24.03 -20.73 -14.09
C ALA F 103 -24.51 -19.32 -13.80
N VAL F 104 -24.51 -18.95 -12.52
CA VAL F 104 -24.96 -17.62 -12.15
C VAL F 104 -23.99 -16.58 -12.70
N LEU F 105 -24.54 -15.55 -13.34
CA LEU F 105 -23.76 -14.57 -14.06
C LEU F 105 -24.38 -13.19 -13.82
N THR F 106 -23.60 -12.29 -13.24
CA THR F 106 -24.10 -11.01 -12.73
C THR F 106 -23.38 -9.84 -13.40
N ALA F 107 -24.09 -8.73 -13.53
CA ALA F 107 -23.54 -7.49 -14.07
C ALA F 107 -22.57 -6.85 -13.07
N PRO F 108 -21.77 -5.87 -13.51
CA PRO F 108 -20.89 -5.17 -12.55
C PRO F 108 -21.68 -4.46 -11.46
N GLY F 109 -21.44 -4.88 -10.22
CA GLY F 109 -22.12 -4.33 -9.09
C GLY F 109 -23.30 -5.14 -8.60
N VAL F 110 -23.64 -6.23 -9.27
CA VAL F 110 -24.78 -7.06 -8.90
C VAL F 110 -24.26 -8.19 -7.99
N THR F 111 -25.16 -9.02 -7.48
CA THR F 111 -24.90 -10.16 -6.61
C THR F 111 -25.66 -11.35 -7.19
N PRO F 112 -25.30 -12.58 -6.82
CA PRO F 112 -26.06 -13.73 -7.37
C PRO F 112 -27.53 -13.73 -7.00
N GLU F 113 -27.87 -13.29 -5.78
CA GLU F 113 -29.26 -13.31 -5.36
C GLU F 113 -30.17 -12.47 -6.25
N THR F 114 -29.63 -11.45 -6.95
CA THR F 114 -30.46 -10.65 -7.83
C THR F 114 -31.30 -11.54 -8.76
N PHE F 115 -30.72 -12.66 -9.20
CA PHE F 115 -31.40 -13.56 -10.14
C PHE F 115 -31.90 -14.87 -9.53
N VAL F 116 -31.31 -15.34 -8.42
CA VAL F 116 -31.75 -16.60 -7.84
C VAL F 116 -33.06 -16.44 -7.07
N LEU F 117 -33.31 -15.28 -6.50
CA LEU F 117 -34.51 -15.05 -5.70
C LEU F 117 -35.62 -14.46 -6.56
N PRO F 118 -36.86 -14.46 -6.07
CA PRO F 118 -37.97 -13.99 -6.91
C PRO F 118 -37.80 -12.52 -7.28
N GLY F 119 -37.91 -12.24 -8.57
CA GLY F 119 -37.79 -10.87 -9.05
C GLY F 119 -38.32 -10.79 -10.46
N GLU F 120 -38.36 -9.58 -10.99
CA GLU F 120 -38.92 -9.37 -12.33
C GLU F 120 -38.29 -8.20 -13.12
N PRO F 121 -37.95 -8.44 -14.39
CA PRO F 121 -38.30 -9.64 -15.15
C PRO F 121 -37.30 -10.79 -15.07
N ASN F 122 -37.85 -12.02 -15.11
CA ASN F 122 -37.14 -13.28 -15.31
C ASN F 122 -36.07 -13.52 -14.24
N ARG F 123 -36.55 -13.87 -13.04
CA ARG F 123 -35.64 -14.21 -11.96
C ARG F 123 -36.24 -15.27 -11.07
N GLY F 124 -35.37 -15.96 -10.37
CA GLY F 124 -35.76 -16.93 -9.38
C GLY F 124 -35.39 -18.35 -9.81
N THR F 125 -35.01 -19.16 -8.82
CA THR F 125 -34.86 -20.61 -8.99
C THR F 125 -35.73 -21.32 -7.96
N PRO F 126 -37.06 -21.29 -8.13
CA PRO F 126 -37.95 -21.86 -7.11
C PRO F 126 -37.75 -23.34 -6.87
N HIS F 127 -37.45 -24.10 -7.93
CA HIS F 127 -37.21 -25.53 -7.73
C HIS F 127 -36.03 -25.75 -6.80
N ALA F 128 -35.02 -24.88 -6.89
CA ALA F 128 -33.87 -24.98 -5.99
C ALA F 128 -34.27 -24.74 -4.55
N LEU F 129 -34.92 -23.59 -4.28
CA LEU F 129 -35.26 -23.26 -2.90
C LEU F 129 -36.21 -24.28 -2.30
N ASP F 130 -37.09 -24.86 -3.11
CA ASP F 130 -38.02 -25.84 -2.56
C ASP F 130 -37.28 -27.03 -1.98
N LEU F 131 -36.13 -27.39 -2.54
CA LEU F 131 -35.43 -28.58 -2.10
C LEU F 131 -34.17 -28.28 -1.31
N ILE F 132 -33.66 -27.05 -1.35
CA ILE F 132 -32.47 -26.65 -0.59
C ILE F 132 -32.93 -25.75 0.55
N GLN F 133 -32.78 -26.25 1.78
CA GLN F 133 -33.25 -25.54 2.97
C GLN F 133 -32.08 -25.13 3.86
N PRO F 134 -32.01 -23.87 4.26
CA PRO F 134 -30.90 -23.40 5.08
C PRO F 134 -30.88 -24.17 6.37
N VAL F 135 -29.68 -24.46 6.86
CA VAL F 135 -29.53 -25.22 8.10
C VAL F 135 -28.89 -24.39 9.19
N ASP F 136 -29.54 -24.37 10.36
CA ASP F 136 -29.00 -23.67 11.53
C ASP F 136 -28.50 -22.24 11.33
N GLU F 137 -29.36 -21.37 10.82
CA GLU F 137 -28.98 -19.96 10.58
C GLU F 137 -28.26 -19.63 9.28
N GLY F 138 -28.45 -20.43 8.25
CA GLY F 138 -27.85 -20.19 6.95
C GLY F 138 -26.43 -20.64 6.88
N ARG F 139 -26.04 -21.35 7.93
CA ARG F 139 -24.70 -21.87 8.06
C ARG F 139 -24.43 -22.88 6.94
N GLY F 140 -25.45 -23.65 6.58
CA GLY F 140 -25.37 -24.67 5.57
C GLY F 140 -26.66 -24.74 4.78
N LEU F 141 -26.66 -25.60 3.76
CA LEU F 141 -27.80 -25.70 2.84
C LEU F 141 -28.02 -27.16 2.42
N GLN F 142 -28.24 -28.02 3.40
CA GLN F 142 -28.54 -29.43 3.12
C GLN F 142 -29.90 -29.57 2.43
N ALA F 143 -29.93 -30.30 1.32
CA ALA F 143 -31.16 -30.48 0.57
C ALA F 143 -32.11 -31.43 1.31
N ASP F 144 -33.38 -31.44 0.91
CA ASP F 144 -34.37 -32.25 1.61
C ASP F 144 -34.38 -33.66 1.05
N PHE F 145 -33.98 -34.62 1.87
CA PHE F 145 -33.80 -36.00 1.48
C PHE F 145 -34.97 -36.89 1.89
N SER F 146 -36.00 -36.31 2.52
CA SER F 146 -37.30 -36.96 2.55
C SER F 146 -37.92 -37.07 1.16
N ARG F 147 -37.45 -36.27 0.19
CA ARG F 147 -37.92 -36.33 -1.20
C ARG F 147 -36.75 -36.65 -2.13
N LEU F 148 -36.21 -37.87 -2.02
CA LEU F 148 -35.06 -38.24 -2.83
C LEU F 148 -35.40 -38.20 -4.32
N GLU F 149 -36.54 -38.79 -4.71
CA GLU F 149 -36.87 -38.87 -6.13
C GLU F 149 -36.95 -37.49 -6.76
N ARG F 150 -37.58 -36.53 -6.08
CA ARG F 150 -37.75 -35.22 -6.69
C ARG F 150 -36.40 -34.52 -6.89
N LEU F 151 -35.48 -34.68 -5.93
CA LEU F 151 -34.12 -34.14 -6.09
C LEU F 151 -33.44 -34.74 -7.31
N ARG F 152 -33.65 -36.03 -7.54
CA ARG F 152 -33.01 -36.64 -8.69
C ARG F 152 -33.52 -36.12 -10.02
N GLU F 153 -34.84 -35.99 -10.15
CA GLU F 153 -35.40 -35.51 -11.41
C GLU F 153 -34.97 -34.09 -11.69
N VAL F 154 -35.02 -33.26 -10.65
CA VAL F 154 -34.62 -31.86 -10.75
C VAL F 154 -33.12 -31.61 -10.95
N PHE F 155 -32.28 -32.30 -10.19
CA PHE F 155 -30.84 -32.08 -10.29
C PHE F 155 -29.98 -33.12 -10.99
N GLY F 157 -31.19 -35.54 -13.35
CA GLY F 157 -31.89 -36.20 -14.44
C GLY F 157 -30.97 -36.51 -15.61
N ASP F 158 -29.88 -35.75 -15.74
CA ASP F 158 -28.94 -35.96 -16.85
C ASP F 158 -28.08 -37.21 -16.68
N TYR F 159 -27.91 -37.71 -15.46
CA TYR F 159 -26.94 -38.77 -15.23
C TYR F 159 -27.34 -40.05 -15.96
N PRO F 160 -26.50 -40.57 -16.85
CA PRO F 160 -26.90 -41.74 -17.63
C PRO F 160 -26.99 -42.98 -16.77
N GLY F 161 -27.47 -44.06 -17.39
CA GLY F 161 -27.53 -45.35 -16.74
C GLY F 161 -28.61 -45.45 -15.68
N GLU F 162 -28.83 -46.69 -15.23
CA GLU F 162 -29.75 -46.94 -14.13
C GLU F 162 -29.05 -46.55 -12.85
N GLY F 163 -29.32 -45.35 -12.36
CA GLY F 163 -28.81 -44.96 -11.07
C GLY F 163 -28.62 -43.46 -10.97
N PRO F 165 -25.37 -40.39 -9.63
CA PRO F 165 -23.95 -40.19 -9.35
C PRO F 165 -23.57 -40.78 -8.00
N PRO F 166 -22.40 -41.40 -7.91
CA PRO F 166 -21.94 -41.96 -6.62
C PRO F 166 -21.46 -40.88 -5.67
N ALA F 167 -21.30 -41.29 -4.40
CA ALA F 167 -21.17 -40.34 -3.30
C ALA F 167 -20.00 -39.39 -3.47
N GLU F 168 -18.93 -39.87 -4.09
CA GLU F 168 -17.74 -39.05 -4.41
C GLU F 168 -18.13 -37.77 -5.11
N HIS F 169 -19.31 -37.72 -5.65
CA HIS F 169 -19.65 -36.53 -6.33
C HIS F 169 -20.25 -35.45 -5.50
N PHE F 170 -20.54 -35.74 -4.24
CA PHE F 170 -21.42 -34.89 -3.45
C PHE F 170 -20.96 -34.71 -2.02
N ILE F 171 -21.31 -33.54 -1.49
CA ILE F 171 -21.07 -33.15 -0.11
C ILE F 171 -22.40 -33.13 0.62
N GLN F 172 -22.35 -33.08 1.95
CA GLN F 172 -23.59 -33.12 2.71
C GLN F 172 -24.20 -31.73 2.89
N THR F 173 -23.37 -30.71 3.08
CA THR F 173 -23.87 -29.38 3.40
C THR F 173 -22.98 -28.31 2.79
N GLN F 174 -23.59 -27.35 2.12
CA GLN F 174 -22.93 -26.24 1.43
C GLN F 174 -22.64 -25.13 2.44
N SER F 175 -21.91 -24.12 1.99
CA SER F 175 -21.68 -22.90 2.75
C SER F 175 -22.36 -21.72 2.06
N THR F 176 -22.94 -20.82 2.87
CA THR F 176 -23.73 -19.67 2.44
C THR F 176 -22.90 -18.60 1.76
N VAL F 177 -21.57 -18.67 1.86
CA VAL F 177 -20.73 -17.53 1.52
C VAL F 177 -20.86 -17.13 0.05
N PRO F 178 -20.82 -18.05 -0.94
CA PRO F 178 -20.80 -17.59 -2.34
C PRO F 178 -22.07 -16.87 -2.76
N PHE F 179 -23.23 -17.37 -2.33
CA PHE F 179 -24.48 -16.63 -2.51
C PHE F 179 -24.35 -15.24 -1.89
N GLY F 180 -23.78 -15.18 -0.68
CA GLY F 180 -23.82 -13.96 0.11
C GLY F 180 -22.75 -12.96 -0.25
N THR F 181 -21.71 -13.41 -1.00
CA THR F 181 -20.65 -12.50 -1.49
C THR F 181 -21.04 -11.98 -2.87
N PRO F 182 -21.34 -10.68 -3.01
CA PRO F 182 -21.35 -10.06 -4.32
C PRO F 182 -20.03 -10.23 -5.04
N ASN F 183 -20.08 -9.93 -6.36
CA ASN F 183 -18.98 -10.19 -7.28
C ASN F 183 -17.97 -9.06 -7.25
N PRO F 184 -16.73 -9.32 -6.85
CA PRO F 184 -15.69 -8.29 -6.82
C PRO F 184 -15.04 -8.11 -8.19
N GLU F 186 -14.49 -5.70 -11.48
CA GLU F 186 -14.54 -4.29 -11.81
C GLU F 186 -13.42 -3.90 -12.75
N GLY F 187 -13.57 -2.71 -13.32
CA GLY F 187 -12.53 -2.05 -14.09
C GLY F 187 -12.17 -2.75 -15.37
N ARG F 188 -10.86 -2.90 -15.58
CA ARG F 188 -10.36 -3.61 -16.76
C ARG F 188 -10.30 -5.13 -16.55
N ALA F 189 -10.81 -5.66 -15.42
CA ALA F 189 -10.93 -7.12 -15.33
C ALA F 189 -12.17 -7.65 -16.06
N LEU F 190 -13.03 -6.79 -16.62
CA LEU F 190 -14.11 -7.27 -17.50
C LEU F 190 -13.60 -7.74 -18.86
N GLU F 191 -12.35 -7.42 -19.22
CA GLU F 191 -11.90 -7.69 -20.58
C GLU F 191 -11.74 -9.15 -20.90
N ILE F 192 -11.50 -9.97 -19.89
CA ILE F 192 -11.30 -11.39 -20.16
C ILE F 192 -12.53 -11.95 -20.87
N PRO F 193 -12.38 -12.75 -21.92
CA PRO F 193 -13.54 -13.25 -22.64
C PRO F 193 -14.41 -14.15 -21.76
N ARG F 194 -15.71 -13.91 -21.83
CA ARG F 194 -16.73 -14.71 -21.17
C ARG F 194 -17.57 -15.40 -22.24
N LEU F 195 -17.94 -16.64 -21.97
CA LEU F 195 -18.84 -17.40 -22.81
C LEU F 195 -19.95 -17.98 -21.93
N TYR F 196 -21.21 -17.74 -22.30
CA TYR F 196 -22.31 -18.43 -21.64
C TYR F 196 -22.69 -19.64 -22.47
N ILE F 197 -22.59 -20.81 -21.87
CA ILE F 197 -23.07 -22.05 -22.45
C ILE F 197 -24.45 -22.31 -21.84
N GLU F 198 -25.49 -22.13 -22.64
CA GLU F 198 -26.87 -22.30 -22.19
C GLU F 198 -27.22 -23.78 -22.09
N ALA F 199 -28.02 -24.12 -21.09
CA ALA F 199 -28.68 -25.41 -20.97
C ALA F 199 -30.17 -25.16 -21.23
N LEU F 200 -30.63 -25.52 -22.43
CA LEU F 200 -31.96 -25.08 -22.86
C LEU F 200 -33.08 -25.69 -22.04
N ASP F 201 -32.94 -26.93 -21.58
CA ASP F 201 -34.00 -27.57 -20.83
C ASP F 201 -33.74 -27.56 -19.33
N ASP F 202 -32.93 -26.61 -18.86
CA ASP F 202 -32.65 -26.46 -17.45
C ASP F 202 -33.93 -26.01 -16.72
N VAL F 203 -34.32 -26.76 -15.69
CA VAL F 203 -35.38 -26.34 -14.78
C VAL F 203 -34.85 -25.92 -13.42
N VAL F 204 -33.69 -26.46 -12.98
CA VAL F 204 -33.00 -25.94 -11.79
C VAL F 204 -32.76 -24.45 -11.94
N LEU F 205 -32.25 -24.04 -13.10
CA LEU F 205 -31.96 -22.64 -13.40
C LEU F 205 -32.61 -22.35 -14.75
N PRO F 206 -33.84 -21.82 -14.76
CA PRO F 206 -34.59 -21.70 -16.01
C PRO F 206 -33.85 -20.87 -17.04
N ILE F 207 -34.31 -20.99 -18.28
CA ILE F 207 -33.52 -20.59 -19.43
C ILE F 207 -33.78 -19.13 -19.77
N ALA F 208 -35.01 -18.65 -19.56
CA ALA F 208 -35.23 -17.22 -19.67
C ALA F 208 -34.45 -16.46 -18.60
N VAL F 209 -34.26 -17.07 -17.43
CA VAL F 209 -33.41 -16.52 -16.39
C VAL F 209 -31.95 -16.62 -16.77
N GLN F 210 -31.53 -17.75 -17.34
CA GLN F 210 -30.18 -17.89 -17.84
C GLN F 210 -29.86 -16.74 -18.78
N ARG F 211 -30.76 -16.49 -19.74
CA ARG F 211 -30.57 -15.36 -20.65
C ARG F 211 -30.57 -14.03 -19.93
N GLN F 212 -31.43 -13.88 -18.92
CA GLN F 212 -31.48 -12.62 -18.20
C GLN F 212 -30.13 -12.34 -17.55
N GLN F 214 -27.32 -13.31 -18.49
CA GLN F 214 -26.41 -12.90 -19.56
C GLN F 214 -26.76 -11.52 -20.09
N LYS F 215 -28.00 -11.32 -20.55
CA LYS F 215 -28.35 -10.07 -21.20
C LYS F 215 -28.21 -8.86 -20.28
N GLU F 216 -28.33 -9.04 -18.96
CA GLU F 216 -28.09 -7.92 -18.04
C GLU F 216 -26.59 -7.94 -17.71
N PHE F 217 -25.82 -7.42 -18.66
CA PHE F 217 -24.37 -7.34 -18.72
C PHE F 217 -24.06 -6.49 -19.94
N PRO F 218 -23.49 -5.29 -19.77
CA PRO F 218 -23.36 -4.39 -20.91
C PRO F 218 -22.27 -4.86 -21.86
N GLY F 219 -22.42 -4.51 -23.13
CA GLY F 219 -21.52 -4.96 -24.16
C GLY F 219 -21.87 -6.35 -24.64
N PRO F 220 -20.93 -7.04 -25.30
CA PRO F 220 -21.22 -8.37 -25.84
C PRO F 220 -20.84 -9.52 -24.92
N VAL F 221 -21.71 -10.53 -24.86
CA VAL F 221 -21.47 -11.79 -24.16
C VAL F 221 -21.64 -12.92 -25.17
N ALA F 222 -20.97 -14.05 -24.92
CA ALA F 222 -20.81 -15.11 -25.90
C ALA F 222 -21.69 -16.29 -25.52
N VAL F 223 -22.51 -16.73 -26.48
CA VAL F 223 -23.43 -17.83 -26.22
C VAL F 223 -23.44 -18.98 -27.22
N VAL F 224 -23.38 -20.17 -26.68
CA VAL F 224 -23.48 -21.38 -27.44
C VAL F 224 -24.56 -22.10 -26.65
N SER F 225 -25.55 -22.67 -27.32
CA SER F 225 -26.63 -23.34 -26.61
C SER F 225 -26.63 -24.84 -26.81
N LEU F 226 -26.75 -25.54 -25.70
CA LEU F 226 -26.77 -26.99 -25.71
C LEU F 226 -28.12 -27.50 -25.28
N PRO F 227 -28.66 -28.47 -26.03
CA PRO F 227 -29.96 -29.04 -25.68
C PRO F 227 -29.87 -30.03 -24.51
N ALA F 228 -29.52 -29.50 -23.33
CA ALA F 228 -29.41 -30.29 -22.12
C ALA F 228 -30.21 -29.66 -20.99
N SER F 229 -30.30 -30.39 -19.88
CA SER F 229 -30.87 -29.92 -18.62
C SER F 229 -29.79 -29.26 -17.76
N HIS F 230 -29.75 -29.56 -16.46
CA HIS F 230 -28.90 -28.76 -15.58
C HIS F 230 -27.42 -29.10 -15.75
N ALA F 231 -27.08 -30.38 -15.86
CA ALA F 231 -25.70 -30.85 -15.82
C ALA F 231 -25.27 -31.44 -17.16
N PRO F 232 -24.89 -30.60 -18.13
CA PRO F 232 -24.41 -31.15 -19.41
C PRO F 232 -23.17 -32.02 -19.22
N TYR F 233 -22.32 -31.67 -18.27
CA TYR F 233 -21.15 -32.50 -17.96
C TYR F 233 -21.52 -33.95 -17.70
N TYR F 234 -22.80 -34.24 -17.48
CA TYR F 234 -23.27 -35.60 -17.36
C TYR F 234 -23.83 -36.16 -18.67
N SER F 235 -24.35 -35.28 -19.53
CA SER F 235 -25.22 -35.69 -20.64
C SER F 235 -24.60 -35.52 -22.02
N PRO F 237 -20.76 -34.75 -22.62
CA PRO F 237 -19.37 -34.33 -22.43
C PRO F 237 -18.64 -34.03 -23.72
N GLU F 238 -18.86 -34.82 -24.77
CA GLU F 238 -18.20 -34.55 -26.05
C GLU F 238 -18.57 -33.17 -26.59
N ARG F 239 -19.87 -32.86 -26.66
CA ARG F 239 -20.30 -31.58 -27.22
C ARG F 239 -19.90 -30.43 -26.31
N LEU F 240 -19.95 -30.64 -25.00
CA LEU F 240 -19.52 -29.62 -24.05
C LEU F 240 -18.02 -29.39 -24.17
N ALA F 241 -17.23 -30.45 -23.94
CA ALA F 241 -15.77 -30.34 -24.07
C ALA F 241 -15.37 -29.68 -25.37
N GLU F 242 -16.13 -29.91 -26.45
CA GLU F 242 -15.78 -29.30 -27.73
C GLU F 242 -16.01 -27.81 -27.72
N ALA F 243 -17.15 -27.36 -27.16
CA ALA F 243 -17.41 -25.92 -27.14
C ALA F 243 -16.43 -25.19 -26.23
N ILE F 244 -15.99 -25.85 -25.16
CA ILE F 244 -14.93 -25.31 -24.32
C ILE F 244 -13.61 -25.28 -25.08
N ALA F 245 -13.21 -26.42 -25.65
CA ALA F 245 -11.93 -26.50 -26.35
C ALA F 245 -11.87 -25.49 -27.49
N ASP F 246 -12.88 -25.48 -28.36
CA ASP F 246 -12.88 -24.52 -29.47
C ASP F 246 -12.70 -23.10 -28.95
N PHE F 247 -13.28 -22.83 -27.79
CA PHE F 247 -13.14 -21.53 -27.16
C PHE F 247 -11.73 -21.35 -26.56
N ALA F 248 -11.23 -22.36 -25.84
CA ALA F 248 -9.90 -22.26 -25.26
C ALA F 248 -8.80 -22.15 -26.32
N ASP F 249 -9.06 -22.61 -27.54
CA ASP F 249 -8.06 -22.47 -28.60
C ASP F 249 -7.77 -21.00 -28.89
N ALA F 250 -8.79 -20.26 -29.30
CA ALA F 250 -8.68 -18.82 -29.55
C ALA F 250 -9.88 -18.16 -28.89
N PRO F 251 -9.78 -17.86 -27.59
CA PRO F 251 -10.96 -17.37 -26.87
C PRO F 251 -11.44 -16.00 -27.32
N ALA F 252 -10.54 -15.08 -27.65
CA ALA F 252 -11.01 -13.80 -28.14
C ALA F 252 -11.75 -13.94 -29.47
N GLU F 253 -11.56 -15.06 -30.15
CA GLU F 253 -12.02 -15.21 -31.54
C GLU F 253 -13.51 -15.49 -31.61
N TYR F 254 -13.98 -16.51 -30.88
CA TYR F 254 -15.34 -17.08 -30.94
C TYR F 254 -16.45 -16.21 -31.53
#